data_8ZNY
# 
_entry.id   8ZNY 
# 
_audit_conform.dict_name       mmcif_pdbx.dic 
_audit_conform.dict_version    5.403 
_audit_conform.dict_location   http://mmcif.pdb.org/dictionaries/ascii/mmcif_pdbx.dic 
# 
loop_
_database_2.database_id 
_database_2.database_code 
_database_2.pdbx_database_accession 
_database_2.pdbx_DOI 
PDB   8ZNY         pdb_00008zny 10.2210/pdb8zny/pdb 
WWPDB D_1300048200 ?            ?                   
# 
_pdbx_audit_revision_history.ordinal             1 
_pdbx_audit_revision_history.data_content_type   'Structure model' 
_pdbx_audit_revision_history.major_revision      1 
_pdbx_audit_revision_history.minor_revision      0 
_pdbx_audit_revision_history.revision_date       2025-06-04 
_pdbx_audit_revision_history.part_number         ? 
# 
_pdbx_audit_revision_details.ordinal             1 
_pdbx_audit_revision_details.revision_ordinal    1 
_pdbx_audit_revision_details.data_content_type   'Structure model' 
_pdbx_audit_revision_details.provider            repository 
_pdbx_audit_revision_details.type                'Initial release' 
_pdbx_audit_revision_details.description         ? 
_pdbx_audit_revision_details.details             ? 
# 
_pdbx_database_status.status_code                     REL 
_pdbx_database_status.status_code_sf                  REL 
_pdbx_database_status.status_code_mr                  ? 
_pdbx_database_status.entry_id                        8ZNY 
_pdbx_database_status.recvd_initial_deposition_date   2024-05-28 
_pdbx_database_status.SG_entry                        N 
_pdbx_database_status.deposit_site                    PDBJ 
_pdbx_database_status.process_site                    PDBC 
_pdbx_database_status.status_code_cs                  ? 
_pdbx_database_status.status_code_nmr_data            ? 
_pdbx_database_status.methods_development_category    ? 
_pdbx_database_status.pdb_format_compatible           Y 
# 
_pdbx_contact_author.id                 2 
_pdbx_contact_author.email              cluo@simm.ac.cn 
_pdbx_contact_author.name_first         Cheng 
_pdbx_contact_author.name_last          Luo 
_pdbx_contact_author.name_mi            ? 
_pdbx_contact_author.role               'principal investigator/group leader' 
_pdbx_contact_author.identifier_ORCID   0000-0003-3864-8382 
# 
loop_
_audit_author.name 
_audit_author.pdbx_ordinal 
_audit_author.identifier_ORCID 
'Wu, H.'    1 0009-0001-9578-7373 
'Jiang, H.' 2 0000-0002-0911-7307 
# 
_citation.abstract                  ? 
_citation.abstract_id_CAS           ? 
_citation.book_id_ISBN              ? 
_citation.book_publisher            ? 
_citation.book_publisher_city       ? 
_citation.book_title                ? 
_citation.coordinate_linkage        ? 
_citation.country                   ? 
_citation.database_id_Medline       ? 
_citation.details                   ? 
_citation.id                        primary 
_citation.journal_abbrev            'To Be Published' 
_citation.journal_id_ASTM           ? 
_citation.journal_id_CSD            0353 
_citation.journal_id_ISSN           ? 
_citation.journal_full              ? 
_citation.journal_issue             ? 
_citation.journal_volume            ? 
_citation.language                  ? 
_citation.page_first                ? 
_citation.page_last                 ? 
_citation.title                     'Magnesium Ion Locking RhoA Mutant in Highly Dynamic Cycling Conformations' 
_citation.year                      ? 
_citation.database_id_CSD           ? 
_citation.pdbx_database_id_DOI      ? 
_citation.pdbx_database_id_PubMed   ? 
_citation.pdbx_database_id_patent   ? 
_citation.unpublished_flag          ? 
# 
loop_
_citation_author.citation_id 
_citation_author.name 
_citation_author.ordinal 
_citation_author.identifier_ORCID 
primary 'Wu, H.'    1 0009-0001-9578-7373 
primary 'Jiang, H.' 2 0000-0002-0911-7307 
# 
loop_
_entity.id 
_entity.type 
_entity.src_method 
_entity.pdbx_description 
_entity.formula_weight 
_entity.pdbx_number_of_molecules 
_entity.pdbx_ec 
_entity.pdbx_mutation 
_entity.pdbx_fragment 
_entity.details 
1 polymer     man 'Transforming protein RhoA' 20464.479 1   3.6.5.2 Y42C ? '20.438 kDa' 
2 non-polymer syn "GUANOSINE-5'-DIPHOSPHATE"  443.201   1   ?       ?    ? ?            
3 non-polymer syn 'MAGNESIUM ION'             24.305    1   ?       ?    ? ?            
4 water       nat water                       18.015    110 ?       ?    ? ?            
# 
_entity_name_com.entity_id   1 
_entity_name_com.name        'Rho cDNA clone 12,h12' 
# 
_entity_poly.entity_id                      1 
_entity_poly.type                           'polypeptide(L)' 
_entity_poly.nstd_linkage                   no 
_entity_poly.nstd_monomer                   no 
_entity_poly.pdbx_seq_one_letter_code       
;GMAAIRKKLVIVGDGACGKTCLLIVFSKDQFPEVYVPTVFENCVADIEVDGKQVELALWDTAGQEDYDRLRPLSYPDTDV
ILMCFSIDSPDSLENIPEKWTPEVKHFCPNVPIILVGNKKDLRNDEHTRRELAKMKQEPVKPEEGRDMANRIGAFGYMEC
SAKTKDGVREVFEMATRAALQA
;
_entity_poly.pdbx_seq_one_letter_code_can   
;GMAAIRKKLVIVGDGACGKTCLLIVFSKDQFPEVYVPTVFENCVADIEVDGKQVELALWDTAGQEDYDRLRPLSYPDTDV
ILMCFSIDSPDSLENIPEKWTPEVKHFCPNVPIILVGNKKDLRNDEHTRRELAKMKQEPVKPEEGRDMANRIGAFGYMEC
SAKTKDGVREVFEMATRAALQA
;
_entity_poly.pdbx_strand_id                 A 
_entity_poly.pdbx_target_identifier         ? 
# 
loop_
_pdbx_entity_nonpoly.entity_id 
_pdbx_entity_nonpoly.name 
_pdbx_entity_nonpoly.comp_id 
2 "GUANOSINE-5'-DIPHOSPHATE" GDP 
3 'MAGNESIUM ION'            MG  
4 water                      HOH 
# 
loop_
_entity_poly_seq.entity_id 
_entity_poly_seq.num 
_entity_poly_seq.mon_id 
_entity_poly_seq.hetero 
1 1   GLY n 
1 2   MET n 
1 3   ALA n 
1 4   ALA n 
1 5   ILE n 
1 6   ARG n 
1 7   LYS n 
1 8   LYS n 
1 9   LEU n 
1 10  VAL n 
1 11  ILE n 
1 12  VAL n 
1 13  GLY n 
1 14  ASP n 
1 15  GLY n 
1 16  ALA n 
1 17  CYS n 
1 18  GLY n 
1 19  LYS n 
1 20  THR n 
1 21  CYS n 
1 22  LEU n 
1 23  LEU n 
1 24  ILE n 
1 25  VAL n 
1 26  PHE n 
1 27  SER n 
1 28  LYS n 
1 29  ASP n 
1 30  GLN n 
1 31  PHE n 
1 32  PRO n 
1 33  GLU n 
1 34  VAL n 
1 35  TYR n 
1 36  VAL n 
1 37  PRO n 
1 38  THR n 
1 39  VAL n 
1 40  PHE n 
1 41  GLU n 
1 42  ASN n 
1 43  CYS n 
1 44  VAL n 
1 45  ALA n 
1 46  ASP n 
1 47  ILE n 
1 48  GLU n 
1 49  VAL n 
1 50  ASP n 
1 51  GLY n 
1 52  LYS n 
1 53  GLN n 
1 54  VAL n 
1 55  GLU n 
1 56  LEU n 
1 57  ALA n 
1 58  LEU n 
1 59  TRP n 
1 60  ASP n 
1 61  THR n 
1 62  ALA n 
1 63  GLY n 
1 64  GLN n 
1 65  GLU n 
1 66  ASP n 
1 67  TYR n 
1 68  ASP n 
1 69  ARG n 
1 70  LEU n 
1 71  ARG n 
1 72  PRO n 
1 73  LEU n 
1 74  SER n 
1 75  TYR n 
1 76  PRO n 
1 77  ASP n 
1 78  THR n 
1 79  ASP n 
1 80  VAL n 
1 81  ILE n 
1 82  LEU n 
1 83  MET n 
1 84  CYS n 
1 85  PHE n 
1 86  SER n 
1 87  ILE n 
1 88  ASP n 
1 89  SER n 
1 90  PRO n 
1 91  ASP n 
1 92  SER n 
1 93  LEU n 
1 94  GLU n 
1 95  ASN n 
1 96  ILE n 
1 97  PRO n 
1 98  GLU n 
1 99  LYS n 
1 100 TRP n 
1 101 THR n 
1 102 PRO n 
1 103 GLU n 
1 104 VAL n 
1 105 LYS n 
1 106 HIS n 
1 107 PHE n 
1 108 CYS n 
1 109 PRO n 
1 110 ASN n 
1 111 VAL n 
1 112 PRO n 
1 113 ILE n 
1 114 ILE n 
1 115 LEU n 
1 116 VAL n 
1 117 GLY n 
1 118 ASN n 
1 119 LYS n 
1 120 LYS n 
1 121 ASP n 
1 122 LEU n 
1 123 ARG n 
1 124 ASN n 
1 125 ASP n 
1 126 GLU n 
1 127 HIS n 
1 128 THR n 
1 129 ARG n 
1 130 ARG n 
1 131 GLU n 
1 132 LEU n 
1 133 ALA n 
1 134 LYS n 
1 135 MET n 
1 136 LYS n 
1 137 GLN n 
1 138 GLU n 
1 139 PRO n 
1 140 VAL n 
1 141 LYS n 
1 142 PRO n 
1 143 GLU n 
1 144 GLU n 
1 145 GLY n 
1 146 ARG n 
1 147 ASP n 
1 148 MET n 
1 149 ALA n 
1 150 ASN n 
1 151 ARG n 
1 152 ILE n 
1 153 GLY n 
1 154 ALA n 
1 155 PHE n 
1 156 GLY n 
1 157 TYR n 
1 158 MET n 
1 159 GLU n 
1 160 CYS n 
1 161 SER n 
1 162 ALA n 
1 163 LYS n 
1 164 THR n 
1 165 LYS n 
1 166 ASP n 
1 167 GLY n 
1 168 VAL n 
1 169 ARG n 
1 170 GLU n 
1 171 VAL n 
1 172 PHE n 
1 173 GLU n 
1 174 MET n 
1 175 ALA n 
1 176 THR n 
1 177 ARG n 
1 178 ALA n 
1 179 ALA n 
1 180 LEU n 
1 181 GLN n 
1 182 ALA n 
# 
_entity_src_gen.entity_id                          1 
_entity_src_gen.pdbx_src_id                        1 
_entity_src_gen.pdbx_alt_source_flag               sample 
_entity_src_gen.pdbx_seq_type                      'Biological sequence' 
_entity_src_gen.pdbx_beg_seq_num                   1 
_entity_src_gen.pdbx_end_seq_num                   182 
_entity_src_gen.gene_src_common_name               human 
_entity_src_gen.gene_src_genus                     ? 
_entity_src_gen.pdbx_gene_src_gene                 'RHOA, ARH12, ARHA, RHO12' 
_entity_src_gen.gene_src_species                   ? 
_entity_src_gen.gene_src_strain                    ? 
_entity_src_gen.gene_src_tissue                    ? 
_entity_src_gen.gene_src_tissue_fraction           ? 
_entity_src_gen.gene_src_details                   ? 
_entity_src_gen.pdbx_gene_src_fragment             ? 
_entity_src_gen.pdbx_gene_src_scientific_name      'Homo sapiens' 
_entity_src_gen.pdbx_gene_src_ncbi_taxonomy_id     9606 
_entity_src_gen.pdbx_gene_src_variant              ? 
_entity_src_gen.pdbx_gene_src_cell_line            ? 
_entity_src_gen.pdbx_gene_src_atcc                 ? 
_entity_src_gen.pdbx_gene_src_organ                ? 
_entity_src_gen.pdbx_gene_src_organelle            ? 
_entity_src_gen.pdbx_gene_src_cell                 ? 
_entity_src_gen.pdbx_gene_src_cellular_location    ? 
_entity_src_gen.host_org_common_name               ? 
_entity_src_gen.pdbx_host_org_scientific_name      'Escherichia coli' 
_entity_src_gen.pdbx_host_org_ncbi_taxonomy_id     562 
_entity_src_gen.host_org_genus                     ? 
_entity_src_gen.pdbx_host_org_gene                 ? 
_entity_src_gen.pdbx_host_org_organ                ? 
_entity_src_gen.host_org_species                   ? 
_entity_src_gen.pdbx_host_org_tissue               ? 
_entity_src_gen.pdbx_host_org_tissue_fraction      ? 
_entity_src_gen.pdbx_host_org_strain               ? 
_entity_src_gen.pdbx_host_org_variant              ? 
_entity_src_gen.pdbx_host_org_cell_line            ? 
_entity_src_gen.pdbx_host_org_atcc                 ? 
_entity_src_gen.pdbx_host_org_culture_collection   ? 
_entity_src_gen.pdbx_host_org_cell                 ? 
_entity_src_gen.pdbx_host_org_organelle            ? 
_entity_src_gen.pdbx_host_org_cellular_location    ? 
_entity_src_gen.pdbx_host_org_vector_type          ? 
_entity_src_gen.pdbx_host_org_vector               ? 
_entity_src_gen.host_org_details                   ? 
_entity_src_gen.expression_system_id               ? 
_entity_src_gen.plasmid_name                       ? 
_entity_src_gen.plasmid_details                    ? 
_entity_src_gen.pdbx_description                   ? 
# 
loop_
_chem_comp.id 
_chem_comp.type 
_chem_comp.mon_nstd_flag 
_chem_comp.name 
_chem_comp.pdbx_synonyms 
_chem_comp.formula 
_chem_comp.formula_weight 
ALA 'L-peptide linking' y ALANINE                    ? 'C3 H7 N O2'        89.093  
ARG 'L-peptide linking' y ARGININE                   ? 'C6 H15 N4 O2 1'    175.209 
ASN 'L-peptide linking' y ASPARAGINE                 ? 'C4 H8 N2 O3'       132.118 
ASP 'L-peptide linking' y 'ASPARTIC ACID'            ? 'C4 H7 N O4'        133.103 
CYS 'L-peptide linking' y CYSTEINE                   ? 'C3 H7 N O2 S'      121.158 
GDP 'RNA linking'       n "GUANOSINE-5'-DIPHOSPHATE" ? 'C10 H15 N5 O11 P2' 443.201 
GLN 'L-peptide linking' y GLUTAMINE                  ? 'C5 H10 N2 O3'      146.144 
GLU 'L-peptide linking' y 'GLUTAMIC ACID'            ? 'C5 H9 N O4'        147.129 
GLY 'peptide linking'   y GLYCINE                    ? 'C2 H5 N O2'        75.067  
HIS 'L-peptide linking' y HISTIDINE                  ? 'C6 H10 N3 O2 1'    156.162 
HOH non-polymer         . WATER                      ? 'H2 O'              18.015  
ILE 'L-peptide linking' y ISOLEUCINE                 ? 'C6 H13 N O2'       131.173 
LEU 'L-peptide linking' y LEUCINE                    ? 'C6 H13 N O2'       131.173 
LYS 'L-peptide linking' y LYSINE                     ? 'C6 H15 N2 O2 1'    147.195 
MET 'L-peptide linking' y METHIONINE                 ? 'C5 H11 N O2 S'     149.211 
MG  non-polymer         . 'MAGNESIUM ION'            ? 'Mg 2'              24.305  
PHE 'L-peptide linking' y PHENYLALANINE              ? 'C9 H11 N O2'       165.189 
PRO 'L-peptide linking' y PROLINE                    ? 'C5 H9 N O2'        115.130 
SER 'L-peptide linking' y SERINE                     ? 'C3 H7 N O3'        105.093 
THR 'L-peptide linking' y THREONINE                  ? 'C4 H9 N O3'        119.119 
TRP 'L-peptide linking' y TRYPTOPHAN                 ? 'C11 H12 N2 O2'     204.225 
TYR 'L-peptide linking' y TYROSINE                   ? 'C9 H11 N O3'       181.189 
VAL 'L-peptide linking' y VALINE                     ? 'C5 H11 N O2'       117.146 
# 
loop_
_pdbx_poly_seq_scheme.asym_id 
_pdbx_poly_seq_scheme.entity_id 
_pdbx_poly_seq_scheme.seq_id 
_pdbx_poly_seq_scheme.mon_id 
_pdbx_poly_seq_scheme.ndb_seq_num 
_pdbx_poly_seq_scheme.pdb_seq_num 
_pdbx_poly_seq_scheme.auth_seq_num 
_pdbx_poly_seq_scheme.pdb_mon_id 
_pdbx_poly_seq_scheme.auth_mon_id 
_pdbx_poly_seq_scheme.pdb_strand_id 
_pdbx_poly_seq_scheme.pdb_ins_code 
_pdbx_poly_seq_scheme.hetero 
A 1 1   GLY 1   0   ?   ?   ?   A . n 
A 1 2   MET 2   1   ?   ?   ?   A . n 
A 1 3   ALA 3   2   ?   ?   ?   A . n 
A 1 4   ALA 4   3   3   ALA ALA A . n 
A 1 5   ILE 5   4   4   ILE ILE A . n 
A 1 6   ARG 6   5   5   ARG ARG A . n 
A 1 7   LYS 7   6   6   LYS LYS A . n 
A 1 8   LYS 8   7   7   LYS LYS A . n 
A 1 9   LEU 9   8   8   LEU LEU A . n 
A 1 10  VAL 10  9   9   VAL VAL A . n 
A 1 11  ILE 11  10  10  ILE ILE A . n 
A 1 12  VAL 12  11  11  VAL VAL A . n 
A 1 13  GLY 13  12  12  GLY GLY A . n 
A 1 14  ASP 14  13  13  ASP ASP A . n 
A 1 15  GLY 15  14  14  GLY GLY A . n 
A 1 16  ALA 16  15  15  ALA ALA A . n 
A 1 17  CYS 17  16  16  CYS CYS A . n 
A 1 18  GLY 18  17  17  GLY GLY A . n 
A 1 19  LYS 19  18  18  LYS LYS A . n 
A 1 20  THR 20  19  19  THR THR A . n 
A 1 21  CYS 21  20  20  CYS CYS A . n 
A 1 22  LEU 22  21  21  LEU LEU A . n 
A 1 23  LEU 23  22  22  LEU LEU A . n 
A 1 24  ILE 24  23  23  ILE ILE A . n 
A 1 25  VAL 25  24  24  VAL VAL A . n 
A 1 26  PHE 26  25  25  PHE PHE A . n 
A 1 27  SER 27  26  26  SER SER A . n 
A 1 28  LYS 28  27  27  LYS LYS A . n 
A 1 29  ASP 29  28  28  ASP ASP A . n 
A 1 30  GLN 30  29  29  GLN GLN A . n 
A 1 31  PHE 31  30  30  PHE PHE A . n 
A 1 32  PRO 32  31  31  PRO PRO A . n 
A 1 33  GLU 33  32  32  GLU GLU A . n 
A 1 34  VAL 34  33  33  VAL VAL A . n 
A 1 35  TYR 35  34  34  TYR TYR A . n 
A 1 36  VAL 36  35  35  VAL VAL A . n 
A 1 37  PRO 37  36  36  PRO PRO A . n 
A 1 38  THR 38  37  37  THR THR A . n 
A 1 39  VAL 39  38  38  VAL VAL A . n 
A 1 40  PHE 40  39  39  PHE PHE A . n 
A 1 41  GLU 41  40  40  GLU GLU A . n 
A 1 42  ASN 42  41  41  ASN ASN A . n 
A 1 43  CYS 43  42  42  CYS CYS A . n 
A 1 44  VAL 44  43  43  VAL VAL A . n 
A 1 45  ALA 45  44  44  ALA ALA A . n 
A 1 46  ASP 46  45  45  ASP ASP A . n 
A 1 47  ILE 47  46  46  ILE ILE A . n 
A 1 48  GLU 48  47  47  GLU GLU A . n 
A 1 49  VAL 49  48  48  VAL VAL A . n 
A 1 50  ASP 50  49  49  ASP ASP A . n 
A 1 51  GLY 51  50  50  GLY GLY A . n 
A 1 52  LYS 52  51  51  LYS LYS A . n 
A 1 53  GLN 53  52  52  GLN GLN A . n 
A 1 54  VAL 54  53  53  VAL VAL A . n 
A 1 55  GLU 55  54  54  GLU GLU A . n 
A 1 56  LEU 56  55  55  LEU LEU A . n 
A 1 57  ALA 57  56  56  ALA ALA A . n 
A 1 58  LEU 58  57  57  LEU LEU A . n 
A 1 59  TRP 59  58  58  TRP TRP A . n 
A 1 60  ASP 60  59  59  ASP ASP A . n 
A 1 61  THR 61  60  60  THR THR A . n 
A 1 62  ALA 62  61  61  ALA ALA A . n 
A 1 63  GLY 63  62  62  GLY GLY A . n 
A 1 64  GLN 64  63  63  GLN GLN A . n 
A 1 65  GLU 65  64  ?   ?   ?   A . n 
A 1 66  ASP 66  65  ?   ?   ?   A . n 
A 1 67  TYR 67  66  ?   ?   ?   A . n 
A 1 68  ASP 68  67  ?   ?   ?   A . n 
A 1 69  ARG 69  68  ?   ?   ?   A . n 
A 1 70  LEU 70  69  69  LEU LEU A . n 
A 1 71  ARG 71  70  70  ARG ARG A . n 
A 1 72  PRO 72  71  71  PRO PRO A . n 
A 1 73  LEU 73  72  72  LEU LEU A . n 
A 1 74  SER 74  73  73  SER SER A . n 
A 1 75  TYR 75  74  74  TYR TYR A . n 
A 1 76  PRO 76  75  75  PRO PRO A . n 
A 1 77  ASP 77  76  76  ASP ASP A . n 
A 1 78  THR 78  77  77  THR THR A . n 
A 1 79  ASP 79  78  78  ASP ASP A . n 
A 1 80  VAL 80  79  79  VAL VAL A . n 
A 1 81  ILE 81  80  80  ILE ILE A . n 
A 1 82  LEU 82  81  81  LEU LEU A . n 
A 1 83  MET 83  82  82  MET MET A . n 
A 1 84  CYS 84  83  83  CYS CYS A . n 
A 1 85  PHE 85  84  84  PHE PHE A . n 
A 1 86  SER 86  85  85  SER SER A . n 
A 1 87  ILE 87  86  86  ILE ILE A . n 
A 1 88  ASP 88  87  87  ASP ASP A . n 
A 1 89  SER 89  88  88  SER SER A . n 
A 1 90  PRO 90  89  89  PRO PRO A . n 
A 1 91  ASP 91  90  90  ASP ASP A . n 
A 1 92  SER 92  91  91  SER SER A . n 
A 1 93  LEU 93  92  92  LEU LEU A . n 
A 1 94  GLU 94  93  93  GLU GLU A . n 
A 1 95  ASN 95  94  94  ASN ASN A . n 
A 1 96  ILE 96  95  95  ILE ILE A . n 
A 1 97  PRO 97  96  96  PRO PRO A . n 
A 1 98  GLU 98  97  97  GLU GLU A . n 
A 1 99  LYS 99  98  98  LYS LYS A . n 
A 1 100 TRP 100 99  99  TRP TRP A . n 
A 1 101 THR 101 100 100 THR THR A . n 
A 1 102 PRO 102 101 101 PRO PRO A . n 
A 1 103 GLU 103 102 102 GLU GLU A . n 
A 1 104 VAL 104 103 103 VAL VAL A . n 
A 1 105 LYS 105 104 104 LYS LYS A . n 
A 1 106 HIS 106 105 105 HIS HIS A . n 
A 1 107 PHE 107 106 106 PHE PHE A . n 
A 1 108 CYS 108 107 107 CYS CYS A . n 
A 1 109 PRO 109 108 108 PRO PRO A . n 
A 1 110 ASN 110 109 109 ASN ASN A . n 
A 1 111 VAL 111 110 110 VAL VAL A . n 
A 1 112 PRO 112 111 111 PRO PRO A . n 
A 1 113 ILE 113 112 112 ILE ILE A . n 
A 1 114 ILE 114 113 113 ILE ILE A . n 
A 1 115 LEU 115 114 114 LEU LEU A . n 
A 1 116 VAL 116 115 115 VAL VAL A . n 
A 1 117 GLY 117 116 116 GLY GLY A . n 
A 1 118 ASN 118 117 117 ASN ASN A . n 
A 1 119 LYS 119 118 118 LYS LYS A . n 
A 1 120 LYS 120 119 119 LYS LYS A . n 
A 1 121 ASP 121 120 120 ASP ASP A . n 
A 1 122 LEU 122 121 121 LEU LEU A . n 
A 1 123 ARG 123 122 122 ARG ARG A . n 
A 1 124 ASN 124 123 123 ASN ASN A . n 
A 1 125 ASP 125 124 124 ASP ASP A . n 
A 1 126 GLU 126 125 125 GLU GLU A . n 
A 1 127 HIS 127 126 126 HIS HIS A . n 
A 1 128 THR 128 127 127 THR THR A . n 
A 1 129 ARG 129 128 128 ARG ARG A . n 
A 1 130 ARG 130 129 129 ARG ARG A . n 
A 1 131 GLU 131 130 130 GLU GLU A . n 
A 1 132 LEU 132 131 131 LEU LEU A . n 
A 1 133 ALA 133 132 132 ALA ALA A . n 
A 1 134 LYS 134 133 133 LYS LYS A . n 
A 1 135 MET 135 134 134 MET MET A . n 
A 1 136 LYS 136 135 135 LYS LYS A . n 
A 1 137 GLN 137 136 136 GLN GLN A . n 
A 1 138 GLU 138 137 137 GLU GLU A . n 
A 1 139 PRO 139 138 138 PRO PRO A . n 
A 1 140 VAL 140 139 139 VAL VAL A . n 
A 1 141 LYS 141 140 140 LYS LYS A . n 
A 1 142 PRO 142 141 141 PRO PRO A . n 
A 1 143 GLU 143 142 142 GLU GLU A . n 
A 1 144 GLU 144 143 143 GLU GLU A . n 
A 1 145 GLY 145 144 144 GLY GLY A . n 
A 1 146 ARG 146 145 145 ARG ARG A . n 
A 1 147 ASP 147 146 146 ASP ASP A . n 
A 1 148 MET 148 147 147 MET MET A . n 
A 1 149 ALA 149 148 148 ALA ALA A . n 
A 1 150 ASN 150 149 149 ASN ASN A . n 
A 1 151 ARG 151 150 150 ARG ARG A . n 
A 1 152 ILE 152 151 151 ILE ILE A . n 
A 1 153 GLY 153 152 152 GLY GLY A . n 
A 1 154 ALA 154 153 153 ALA ALA A . n 
A 1 155 PHE 155 154 154 PHE PHE A . n 
A 1 156 GLY 156 155 155 GLY GLY A . n 
A 1 157 TYR 157 156 156 TYR TYR A . n 
A 1 158 MET 158 157 157 MET MET A . n 
A 1 159 GLU 159 158 158 GLU GLU A . n 
A 1 160 CYS 160 159 159 CYS CYS A . n 
A 1 161 SER 161 160 160 SER SER A . n 
A 1 162 ALA 162 161 161 ALA ALA A . n 
A 1 163 LYS 163 162 162 LYS LYS A . n 
A 1 164 THR 164 163 163 THR THR A . n 
A 1 165 LYS 165 164 164 LYS LYS A . n 
A 1 166 ASP 166 165 165 ASP ASP A . n 
A 1 167 GLY 167 166 166 GLY GLY A . n 
A 1 168 VAL 168 167 167 VAL VAL A . n 
A 1 169 ARG 169 168 168 ARG ARG A . n 
A 1 170 GLU 170 169 169 GLU GLU A . n 
A 1 171 VAL 171 170 170 VAL VAL A . n 
A 1 172 PHE 172 171 171 PHE PHE A . n 
A 1 173 GLU 173 172 172 GLU GLU A . n 
A 1 174 MET 174 173 173 MET MET A . n 
A 1 175 ALA 175 174 174 ALA ALA A . n 
A 1 176 THR 176 175 175 THR THR A . n 
A 1 177 ARG 177 176 176 ARG ARG A . n 
A 1 178 ALA 178 177 177 ALA ALA A . n 
A 1 179 ALA 179 178 178 ALA ALA A . n 
A 1 180 LEU 180 179 179 LEU LEU A . n 
A 1 181 GLN 181 180 180 GLN GLN A . n 
A 1 182 ALA 182 181 ?   ?   ?   A . n 
# 
loop_
_pdbx_entity_instance_feature.ordinal 
_pdbx_entity_instance_feature.comp_id 
_pdbx_entity_instance_feature.asym_id 
_pdbx_entity_instance_feature.seq_num 
_pdbx_entity_instance_feature.auth_comp_id 
_pdbx_entity_instance_feature.auth_asym_id 
_pdbx_entity_instance_feature.auth_seq_num 
_pdbx_entity_instance_feature.feature_type 
_pdbx_entity_instance_feature.details 
1 MG  ? ? MG  ? ? 'SUBJECT OF INVESTIGATION' ? 
2 GDP ? ? GDP ? ? 'SUBJECT OF INVESTIGATION' ? 
# 
loop_
_pdbx_nonpoly_scheme.asym_id 
_pdbx_nonpoly_scheme.entity_id 
_pdbx_nonpoly_scheme.mon_id 
_pdbx_nonpoly_scheme.ndb_seq_num 
_pdbx_nonpoly_scheme.pdb_seq_num 
_pdbx_nonpoly_scheme.auth_seq_num 
_pdbx_nonpoly_scheme.pdb_mon_id 
_pdbx_nonpoly_scheme.auth_mon_id 
_pdbx_nonpoly_scheme.pdb_strand_id 
_pdbx_nonpoly_scheme.pdb_ins_code 
B 2 GDP 1   201 201 GDP GDP A . 
C 3 MG  1   202 1   MG  MG  A . 
D 4 HOH 1   301 83  HOH HOH A . 
D 4 HOH 2   302 189 HOH HOH A . 
D 4 HOH 3   303 48  HOH HOH A . 
D 4 HOH 4   304 53  HOH HOH A . 
D 4 HOH 5   305 84  HOH HOH A . 
D 4 HOH 6   306 8   HOH HOH A . 
D 4 HOH 7   307 56  HOH HOH A . 
D 4 HOH 8   308 217 HOH HOH A . 
D 4 HOH 9   309 7   HOH HOH A . 
D 4 HOH 10  310 137 HOH HOH A . 
D 4 HOH 11  311 131 HOH HOH A . 
D 4 HOH 12  312 68  HOH HOH A . 
D 4 HOH 13  313 73  HOH HOH A . 
D 4 HOH 14  314 29  HOH HOH A . 
D 4 HOH 15  315 2   HOH HOH A . 
D 4 HOH 16  316 248 HOH HOH A . 
D 4 HOH 17  317 5   HOH HOH A . 
D 4 HOH 18  318 62  HOH HOH A . 
D 4 HOH 19  319 21  HOH HOH A . 
D 4 HOH 20  320 9   HOH HOH A . 
D 4 HOH 21  321 30  HOH HOH A . 
D 4 HOH 22  322 112 HOH HOH A . 
D 4 HOH 23  323 244 HOH HOH A . 
D 4 HOH 24  324 10  HOH HOH A . 
D 4 HOH 25  325 19  HOH HOH A . 
D 4 HOH 26  326 11  HOH HOH A . 
D 4 HOH 27  327 3   HOH HOH A . 
D 4 HOH 28  328 36  HOH HOH A . 
D 4 HOH 29  329 12  HOH HOH A . 
D 4 HOH 30  330 14  HOH HOH A . 
D 4 HOH 31  331 32  HOH HOH A . 
D 4 HOH 32  332 20  HOH HOH A . 
D 4 HOH 33  333 18  HOH HOH A . 
D 4 HOH 34  334 1   HOH HOH A . 
D 4 HOH 35  335 6   HOH HOH A . 
D 4 HOH 36  336 113 HOH HOH A . 
D 4 HOH 37  337 15  HOH HOH A . 
D 4 HOH 38  338 42  HOH HOH A . 
D 4 HOH 39  339 41  HOH HOH A . 
D 4 HOH 40  340 158 HOH HOH A . 
D 4 HOH 41  341 142 HOH HOH A . 
D 4 HOH 42  342 9   HOH HOH A . 
D 4 HOH 43  343 87  HOH HOH A . 
D 4 HOH 44  344 196 HOH HOH A . 
D 4 HOH 45  345 45  HOH HOH A . 
D 4 HOH 46  346 28  HOH HOH A . 
D 4 HOH 47  347 210 HOH HOH A . 
D 4 HOH 48  348 149 HOH HOH A . 
D 4 HOH 49  349 44  HOH HOH A . 
D 4 HOH 50  350 6   HOH HOH A . 
D 4 HOH 51  351 33  HOH HOH A . 
D 4 HOH 52  352 13  HOH HOH A . 
D 4 HOH 53  353 5   HOH HOH A . 
D 4 HOH 54  354 16  HOH HOH A . 
D 4 HOH 55  355 7   HOH HOH A . 
D 4 HOH 56  356 203 HOH HOH A . 
D 4 HOH 57  357 74  HOH HOH A . 
D 4 HOH 58  358 24  HOH HOH A . 
D 4 HOH 59  359 67  HOH HOH A . 
D 4 HOH 60  360 37  HOH HOH A . 
D 4 HOH 61  361 8   HOH HOH A . 
D 4 HOH 62  362 145 HOH HOH A . 
D 4 HOH 63  363 10  HOH HOH A . 
D 4 HOH 64  364 114 HOH HOH A . 
D 4 HOH 65  365 39  HOH HOH A . 
D 4 HOH 66  366 35  HOH HOH A . 
D 4 HOH 67  367 228 HOH HOH A . 
D 4 HOH 68  368 193 HOH HOH A . 
D 4 HOH 69  369 4   HOH HOH A . 
D 4 HOH 70  370 27  HOH HOH A . 
D 4 HOH 71  371 236 HOH HOH A . 
D 4 HOH 72  372 55  HOH HOH A . 
D 4 HOH 73  373 71  HOH HOH A . 
D 4 HOH 74  374 17  HOH HOH A . 
D 4 HOH 75  375 50  HOH HOH A . 
D 4 HOH 76  376 76  HOH HOH A . 
D 4 HOH 77  377 60  HOH HOH A . 
D 4 HOH 78  378 162 HOH HOH A . 
D 4 HOH 79  379 52  HOH HOH A . 
D 4 HOH 80  380 22  HOH HOH A . 
D 4 HOH 81  381 38  HOH HOH A . 
D 4 HOH 82  382 101 HOH HOH A . 
D 4 HOH 83  383 26  HOH HOH A . 
D 4 HOH 84  384 58  HOH HOH A . 
D 4 HOH 85  385 69  HOH HOH A . 
D 4 HOH 86  386 151 HOH HOH A . 
D 4 HOH 87  387 23  HOH HOH A . 
D 4 HOH 88  388 47  HOH HOH A . 
D 4 HOH 89  389 12  HOH HOH A . 
D 4 HOH 90  390 11  HOH HOH A . 
D 4 HOH 91  391 132 HOH HOH A . 
D 4 HOH 92  392 64  HOH HOH A . 
D 4 HOH 93  393 130 HOH HOH A . 
D 4 HOH 94  394 173 HOH HOH A . 
D 4 HOH 95  395 134 HOH HOH A . 
D 4 HOH 96  396 154 HOH HOH A . 
D 4 HOH 97  397 177 HOH HOH A . 
D 4 HOH 98  398 4   HOH HOH A . 
D 4 HOH 99  399 94  HOH HOH A . 
D 4 HOH 100 400 197 HOH HOH A . 
D 4 HOH 101 401 165 HOH HOH A . 
D 4 HOH 102 402 100 HOH HOH A . 
D 4 HOH 103 403 152 HOH HOH A . 
D 4 HOH 104 404 143 HOH HOH A . 
D 4 HOH 105 405 180 HOH HOH A . 
D 4 HOH 106 406 207 HOH HOH A . 
D 4 HOH 107 407 70  HOH HOH A . 
D 4 HOH 108 408 226 HOH HOH A . 
D 4 HOH 109 409 264 HOH HOH A . 
D 4 HOH 110 410 43  HOH HOH A . 
# 
loop_
_software.citation_id 
_software.classification 
_software.compiler_name 
_software.compiler_version 
_software.contact_author 
_software.contact_author_email 
_software.date 
_software.description 
_software.dependencies 
_software.hardware 
_software.language 
_software.location 
_software.mods 
_software.name 
_software.os 
_software.os_version 
_software.type 
_software.version 
_software.pdbx_ordinal 
? refinement        ? ? ? ? ? ? ? ? ? ? ? PHENIX      ? ? ? '(1.21.1_5286)' 1 
? 'data extraction' ? ? ? ? ? ? ? ? ? ? ? PDB_EXTRACT ? ? ? .               2 
# 
_cell.angle_alpha                  90.00 
_cell.angle_alpha_esd              ? 
_cell.angle_beta                   90.00 
_cell.angle_beta_esd               ? 
_cell.angle_gamma                  90.00 
_cell.angle_gamma_esd              ? 
_cell.entry_id                     8ZNY 
_cell.details                      ? 
_cell.formula_units_Z              ? 
_cell.length_a                     32.140 
_cell.length_a_esd                 ? 
_cell.length_b                     64.060 
_cell.length_b_esd                 ? 
_cell.length_c                     82.370 
_cell.length_c_esd                 ? 
_cell.volume                       ? 
_cell.volume_esd                   ? 
_cell.Z_PDB                        4 
_cell.reciprocal_angle_alpha       ? 
_cell.reciprocal_angle_beta        ? 
_cell.reciprocal_angle_gamma       ? 
_cell.reciprocal_angle_alpha_esd   ? 
_cell.reciprocal_angle_beta_esd    ? 
_cell.reciprocal_angle_gamma_esd   ? 
_cell.reciprocal_length_a          ? 
_cell.reciprocal_length_b          ? 
_cell.reciprocal_length_c          ? 
_cell.reciprocal_length_a_esd      ? 
_cell.reciprocal_length_b_esd      ? 
_cell.reciprocal_length_c_esd      ? 
_cell.pdbx_unique_axis             ? 
_cell.pdbx_esd_method              ? 
# 
_symmetry.entry_id                         8ZNY 
_symmetry.cell_setting                     ? 
_symmetry.Int_Tables_number                19 
_symmetry.space_group_name_Hall            ? 
_symmetry.space_group_name_H-M             'P 21 21 21' 
_symmetry.pdbx_full_space_group_name_H-M   ? 
# 
_exptl.absorpt_coefficient_mu     ? 
_exptl.absorpt_correction_T_max   ? 
_exptl.absorpt_correction_T_min   ? 
_exptl.absorpt_correction_type    ? 
_exptl.absorpt_process_details    ? 
_exptl.entry_id                   8ZNY 
_exptl.crystals_number            1 
_exptl.details                    ? 
_exptl.method                     'X-RAY DIFFRACTION' 
_exptl.method_details             ? 
# 
_exptl_crystal.colour                       ? 
_exptl_crystal.density_diffrn               ? 
_exptl_crystal.density_Matthews             2.07 
_exptl_crystal.density_method               ? 
_exptl_crystal.density_percent_sol          40.46 
_exptl_crystal.description                  ? 
_exptl_crystal.F_000                        ? 
_exptl_crystal.id                           1 
_exptl_crystal.preparation                  ? 
_exptl_crystal.size_max                     ? 
_exptl_crystal.size_mid                     ? 
_exptl_crystal.size_min                     ? 
_exptl_crystal.size_rad                     ? 
_exptl_crystal.colour_lustre                ? 
_exptl_crystal.colour_modifier              ? 
_exptl_crystal.colour_primary               ? 
_exptl_crystal.density_meas                 ? 
_exptl_crystal.density_meas_esd             ? 
_exptl_crystal.density_meas_gt              ? 
_exptl_crystal.density_meas_lt              ? 
_exptl_crystal.density_meas_temp            ? 
_exptl_crystal.density_meas_temp_esd        ? 
_exptl_crystal.density_meas_temp_gt         ? 
_exptl_crystal.density_meas_temp_lt         ? 
_exptl_crystal.pdbx_crystal_image_url       ? 
_exptl_crystal.pdbx_crystal_image_format    ? 
_exptl_crystal.pdbx_mosaicity               ? 
_exptl_crystal.pdbx_mosaicity_esd           ? 
_exptl_crystal.pdbx_mosaic_method           ? 
_exptl_crystal.pdbx_mosaic_block_size       ? 
_exptl_crystal.pdbx_mosaic_block_size_esd   ? 
# 
_exptl_crystal_grow.apparatus       ? 
_exptl_crystal_grow.atmosphere      ? 
_exptl_crystal_grow.crystal_id      1 
_exptl_crystal_grow.details         ? 
_exptl_crystal_grow.method          'VAPOR DIFFUSION, SITTING DROP' 
_exptl_crystal_grow.method_ref      ? 
_exptl_crystal_grow.pH              ? 
_exptl_crystal_grow.pressure        ? 
_exptl_crystal_grow.pressure_esd    ? 
_exptl_crystal_grow.seeding         ? 
_exptl_crystal_grow.seeding_ref     ? 
_exptl_crystal_grow.temp_details    ? 
_exptl_crystal_grow.temp_esd        ? 
_exptl_crystal_grow.time            ? 
_exptl_crystal_grow.pdbx_details    '0.2 M Ammonium acetate, o.1 M Sodium acetate trihydrate (pH 4.6), 30% PEG4000' 
_exptl_crystal_grow.pdbx_pH_range   ? 
_exptl_crystal_grow.temp            289.15 
# 
_diffrn.ambient_environment              ? 
_diffrn.ambient_temp                     100 
_diffrn.ambient_temp_details             ? 
_diffrn.ambient_temp_esd                 ? 
_diffrn.crystal_id                       1 
_diffrn.crystal_support                  ? 
_diffrn.crystal_treatment                ? 
_diffrn.details                          ? 
_diffrn.id                               1 
_diffrn.ambient_pressure                 ? 
_diffrn.ambient_pressure_esd             ? 
_diffrn.ambient_pressure_gt              ? 
_diffrn.ambient_pressure_lt              ? 
_diffrn.ambient_temp_gt                  ? 
_diffrn.ambient_temp_lt                  ? 
_diffrn.pdbx_serial_crystal_experiment   N 
# 
_diffrn_detector.details                      ? 
_diffrn_detector.detector                     PIXEL 
_diffrn_detector.diffrn_id                    1 
_diffrn_detector.type                         'DECTRIS EIGER2 S 9M' 
_diffrn_detector.area_resol_mean              ? 
_diffrn_detector.dtime                        ? 
_diffrn_detector.pdbx_frames_total            ? 
_diffrn_detector.pdbx_collection_time_total   ? 
_diffrn_detector.pdbx_collection_date         2024-04-07 
_diffrn_detector.pdbx_frequency               ? 
_diffrn_detector.id                           ? 
_diffrn_detector.number_of_axes               ? 
# 
_diffrn_radiation.collimation                      ? 
_diffrn_radiation.diffrn_id                        1 
_diffrn_radiation.filter_edge                      ? 
_diffrn_radiation.inhomogeneity                    ? 
_diffrn_radiation.monochromator                    ? 
_diffrn_radiation.polarisn_norm                    ? 
_diffrn_radiation.polarisn_ratio                   ? 
_diffrn_radiation.probe                            ? 
_diffrn_radiation.type                             ? 
_diffrn_radiation.xray_symbol                      ? 
_diffrn_radiation.wavelength_id                    1 
_diffrn_radiation.pdbx_monochromatic_or_laue_m_l   M 
_diffrn_radiation.pdbx_wavelength_list             ? 
_diffrn_radiation.pdbx_wavelength                  ? 
_diffrn_radiation.pdbx_diffrn_protocol             'SINGLE WAVELENGTH' 
_diffrn_radiation.pdbx_analyzer                    ? 
_diffrn_radiation.pdbx_scattering_type             x-ray 
# 
_diffrn_radiation_wavelength.id           1 
_diffrn_radiation_wavelength.wavelength   0.979183 
_diffrn_radiation_wavelength.wt           1.0 
# 
_diffrn_source.current                     ? 
_diffrn_source.details                     ? 
_diffrn_source.diffrn_id                   1 
_diffrn_source.power                       ? 
_diffrn_source.size                        ? 
_diffrn_source.source                      SYNCHROTRON 
_diffrn_source.target                      ? 
_diffrn_source.type                        'SSRF BEAMLINE BL02U1' 
_diffrn_source.voltage                     ? 
_diffrn_source.take-off_angle              ? 
_diffrn_source.pdbx_wavelength_list        0.979183 
_diffrn_source.pdbx_wavelength             ? 
_diffrn_source.pdbx_synchrotron_beamline   BL02U1 
_diffrn_source.pdbx_synchrotron_site       SSRF 
# 
_reflns.B_iso_Wilson_estimate                          ? 
_reflns.entry_id                                       8ZNY 
_reflns.data_reduction_details                         ? 
_reflns.data_reduction_method                          ? 
_reflns.d_resolution_high                              1.65 
_reflns.d_resolution_low                               32.14 
_reflns.details                                        ? 
_reflns.limit_h_max                                    ? 
_reflns.limit_h_min                                    ? 
_reflns.limit_k_max                                    ? 
_reflns.limit_k_min                                    ? 
_reflns.limit_l_max                                    ? 
_reflns.limit_l_min                                    ? 
_reflns.number_all                                     ? 
_reflns.number_obs                                     21218 
_reflns.observed_criterion                             ? 
_reflns.observed_criterion_F_max                       ? 
_reflns.observed_criterion_F_min                       ? 
_reflns.observed_criterion_I_max                       ? 
_reflns.observed_criterion_I_min                       ? 
_reflns.observed_criterion_sigma_F                     ? 
_reflns.observed_criterion_sigma_I                     ? 
_reflns.percent_possible_obs                           100 
_reflns.R_free_details                                 ? 
_reflns.Rmerge_F_all                                   ? 
_reflns.Rmerge_F_obs                                   ? 
_reflns.Friedel_coverage                               ? 
_reflns.number_gt                                      ? 
_reflns.threshold_expression                           ? 
_reflns.pdbx_redundancy                                12.8 
_reflns.pdbx_netI_over_av_sigmaI                       ? 
_reflns.pdbx_netI_over_sigmaI                          16.6 
_reflns.pdbx_res_netI_over_av_sigmaI_2                 ? 
_reflns.pdbx_res_netI_over_sigmaI_2                    ? 
_reflns.pdbx_chi_squared                               ? 
_reflns.pdbx_scaling_rejects                           ? 
_reflns.pdbx_d_res_high_opt                            ? 
_reflns.pdbx_d_res_low_opt                             ? 
_reflns.pdbx_d_res_opt_method                          ? 
_reflns.phase_calculation_details                      ? 
_reflns.pdbx_Rrim_I_all                                ? 
_reflns.pdbx_Rpim_I_all                                ? 
_reflns.pdbx_d_opt                                     ? 
_reflns.pdbx_number_measured_all                       ? 
_reflns.pdbx_diffrn_id                                 1 
_reflns.pdbx_ordinal                                   1 
_reflns.pdbx_CC_half                                   ? 
_reflns.pdbx_CC_star                                   ? 
_reflns.pdbx_R_split                                   ? 
_reflns.pdbx_Rmerge_I_obs                              0.089 
_reflns.pdbx_Rmerge_I_all                              ? 
_reflns.pdbx_Rsym_value                                ? 
_reflns.pdbx_CC_split_method                           ? 
_reflns.pdbx_aniso_diffraction_limit_axis_1_ortho[1]   ? 
_reflns.pdbx_aniso_diffraction_limit_axis_1_ortho[2]   ? 
_reflns.pdbx_aniso_diffraction_limit_axis_1_ortho[3]   ? 
_reflns.pdbx_aniso_diffraction_limit_axis_2_ortho[1]   ? 
_reflns.pdbx_aniso_diffraction_limit_axis_2_ortho[2]   ? 
_reflns.pdbx_aniso_diffraction_limit_axis_2_ortho[3]   ? 
_reflns.pdbx_aniso_diffraction_limit_axis_3_ortho[1]   ? 
_reflns.pdbx_aniso_diffraction_limit_axis_3_ortho[2]   ? 
_reflns.pdbx_aniso_diffraction_limit_axis_3_ortho[3]   ? 
_reflns.pdbx_aniso_diffraction_limit_1                 ? 
_reflns.pdbx_aniso_diffraction_limit_2                 ? 
_reflns.pdbx_aniso_diffraction_limit_3                 ? 
_reflns.pdbx_aniso_B_tensor_eigenvector_1_ortho[1]     ? 
_reflns.pdbx_aniso_B_tensor_eigenvector_1_ortho[2]     ? 
_reflns.pdbx_aniso_B_tensor_eigenvector_1_ortho[3]     ? 
_reflns.pdbx_aniso_B_tensor_eigenvector_2_ortho[1]     ? 
_reflns.pdbx_aniso_B_tensor_eigenvector_2_ortho[2]     ? 
_reflns.pdbx_aniso_B_tensor_eigenvector_2_ortho[3]     ? 
_reflns.pdbx_aniso_B_tensor_eigenvector_3_ortho[1]     ? 
_reflns.pdbx_aniso_B_tensor_eigenvector_3_ortho[2]     ? 
_reflns.pdbx_aniso_B_tensor_eigenvector_3_ortho[3]     ? 
_reflns.pdbx_aniso_B_tensor_eigenvalue_1               ? 
_reflns.pdbx_aniso_B_tensor_eigenvalue_2               ? 
_reflns.pdbx_aniso_B_tensor_eigenvalue_3               ? 
_reflns.pdbx_orthogonalization_convention              ? 
_reflns.pdbx_percent_possible_ellipsoidal              ? 
_reflns.pdbx_percent_possible_spherical                ? 
_reflns.pdbx_percent_possible_ellipsoidal_anomalous    ? 
_reflns.pdbx_percent_possible_spherical_anomalous      ? 
_reflns.pdbx_redundancy_anomalous                      ? 
_reflns.pdbx_CC_half_anomalous                         ? 
_reflns.pdbx_absDiff_over_sigma_anomalous              ? 
_reflns.pdbx_percent_possible_anomalous                ? 
_reflns.pdbx_observed_signal_threshold                 ? 
_reflns.pdbx_signal_type                               ? 
_reflns.pdbx_signal_details                            ? 
_reflns.pdbx_signal_software_id                        ? 
# 
_reflns_shell.d_res_high                                    1.65 
_reflns_shell.d_res_low                                     1.69 
_reflns_shell.meanI_over_sigI_all                           ? 
_reflns_shell.meanI_over_sigI_obs                           ? 
_reflns_shell.number_measured_all                           ? 
_reflns_shell.number_measured_obs                           ? 
_reflns_shell.number_possible                               ? 
_reflns_shell.number_unique_all                             ? 
_reflns_shell.number_unique_obs                             1555 
_reflns_shell.percent_possible_obs                          ? 
_reflns_shell.Rmerge_F_all                                  ? 
_reflns_shell.Rmerge_F_obs                                  ? 
_reflns_shell.meanI_over_sigI_gt                            ? 
_reflns_shell.meanI_over_uI_all                             ? 
_reflns_shell.meanI_over_uI_gt                              ? 
_reflns_shell.number_measured_gt                            ? 
_reflns_shell.number_unique_gt                              ? 
_reflns_shell.percent_possible_gt                           ? 
_reflns_shell.Rmerge_F_gt                                   ? 
_reflns_shell.Rmerge_I_gt                                   ? 
_reflns_shell.pdbx_redundancy                               ? 
_reflns_shell.pdbx_chi_squared                              ? 
_reflns_shell.pdbx_netI_over_sigmaI_all                     ? 
_reflns_shell.pdbx_netI_over_sigmaI_obs                     ? 
_reflns_shell.pdbx_Rrim_I_all                               ? 
_reflns_shell.pdbx_Rpim_I_all                               ? 
_reflns_shell.pdbx_rejects                                  ? 
_reflns_shell.pdbx_ordinal                                  1 
_reflns_shell.pdbx_diffrn_id                                1 
_reflns_shell.pdbx_CC_half                                  ? 
_reflns_shell.pdbx_CC_star                                  ? 
_reflns_shell.pdbx_R_split                                  ? 
_reflns_shell.percent_possible_all                          ? 
_reflns_shell.Rmerge_I_all                                  ? 
_reflns_shell.Rmerge_I_obs                                  1.556 
_reflns_shell.pdbx_Rsym_value                               ? 
_reflns_shell.pdbx_percent_possible_ellipsoidal             ? 
_reflns_shell.pdbx_percent_possible_spherical               ? 
_reflns_shell.pdbx_percent_possible_ellipsoidal_anomalous   ? 
_reflns_shell.pdbx_percent_possible_spherical_anomalous     ? 
_reflns_shell.pdbx_redundancy_anomalous                     ? 
_reflns_shell.pdbx_CC_half_anomalous                        ? 
_reflns_shell.pdbx_absDiff_over_sigma_anomalous             ? 
_reflns_shell.pdbx_percent_possible_anomalous               ? 
# 
_refine.aniso_B[1][1]                            ? 
_refine.aniso_B[1][2]                            ? 
_refine.aniso_B[1][3]                            ? 
_refine.aniso_B[2][2]                            ? 
_refine.aniso_B[2][3]                            ? 
_refine.aniso_B[3][3]                            ? 
_refine.B_iso_max                                ? 
_refine.B_iso_mean                               ? 
_refine.B_iso_min                                ? 
_refine.correlation_coeff_Fo_to_Fc               ? 
_refine.correlation_coeff_Fo_to_Fc_free          ? 
_refine.details                                  ? 
_refine.diff_density_max                         ? 
_refine.diff_density_max_esd                     ? 
_refine.diff_density_min                         ? 
_refine.diff_density_min_esd                     ? 
_refine.diff_density_rms                         ? 
_refine.diff_density_rms_esd                     ? 
_refine.entry_id                                 8ZNY 
_refine.pdbx_refine_id                           'X-RAY DIFFRACTION' 
_refine.ls_abs_structure_details                 ? 
_refine.ls_abs_structure_Flack                   ? 
_refine.ls_abs_structure_Flack_esd               ? 
_refine.ls_abs_structure_Rogers                  ? 
_refine.ls_abs_structure_Rogers_esd              ? 
_refine.ls_d_res_high                            1.65 
_refine.ls_d_res_low                             29.94 
_refine.ls_extinction_coef                       ? 
_refine.ls_extinction_coef_esd                   ? 
_refine.ls_extinction_expression                 ? 
_refine.ls_extinction_method                     ? 
_refine.ls_goodness_of_fit_all                   ? 
_refine.ls_goodness_of_fit_all_esd               ? 
_refine.ls_goodness_of_fit_obs                   ? 
_refine.ls_goodness_of_fit_obs_esd               ? 
_refine.ls_hydrogen_treatment                    ? 
_refine.ls_matrix_type                           ? 
_refine.ls_number_constraints                    ? 
_refine.ls_number_parameters                     ? 
_refine.ls_number_reflns_all                     ? 
_refine.ls_number_reflns_obs                     21164 
_refine.ls_number_reflns_R_free                  ? 
_refine.ls_number_reflns_R_work                  ? 
_refine.ls_number_restraints                     ? 
_refine.ls_percent_reflns_obs                    99.96 
_refine.ls_percent_reflns_R_free                 ? 
_refine.ls_R_factor_all                          ? 
_refine.ls_R_factor_obs                          ? 
_refine.ls_R_factor_R_free                       0.2173 
_refine.ls_R_factor_R_free_error                 ? 
_refine.ls_R_factor_R_free_error_details         ? 
_refine.ls_R_factor_R_work                       0.1834 
_refine.ls_R_Fsqd_factor_obs                     ? 
_refine.ls_R_I_factor_obs                        ? 
_refine.ls_redundancy_reflns_all                 ? 
_refine.ls_redundancy_reflns_obs                 ? 
_refine.ls_restrained_S_all                      ? 
_refine.ls_restrained_S_obs                      ? 
_refine.ls_shift_over_esd_max                    ? 
_refine.ls_shift_over_esd_mean                   ? 
_refine.ls_structure_factor_coef                 ? 
_refine.ls_weighting_details                     ? 
_refine.ls_weighting_scheme                      ? 
_refine.ls_wR_factor_all                         ? 
_refine.ls_wR_factor_obs                         ? 
_refine.ls_wR_factor_R_free                      ? 
_refine.ls_wR_factor_R_work                      ? 
_refine.occupancy_max                            ? 
_refine.occupancy_min                            ? 
_refine.solvent_model_details                    'FLAT BULK SOLVENT MODEL' 
_refine.solvent_model_param_bsol                 ? 
_refine.solvent_model_param_ksol                 ? 
_refine.pdbx_R_complete                          ? 
_refine.ls_R_factor_gt                           ? 
_refine.ls_goodness_of_fit_gt                    ? 
_refine.ls_goodness_of_fit_ref                   ? 
_refine.ls_shift_over_su_max                     ? 
_refine.ls_shift_over_su_max_lt                  ? 
_refine.ls_shift_over_su_mean                    ? 
_refine.ls_shift_over_su_mean_lt                 ? 
_refine.pdbx_ls_sigma_I                          ? 
_refine.pdbx_ls_sigma_F                          1.34 
_refine.pdbx_ls_sigma_Fsqd                       ? 
_refine.pdbx_data_cutoff_high_absF               ? 
_refine.pdbx_data_cutoff_high_rms_absF           ? 
_refine.pdbx_data_cutoff_low_absF                ? 
_refine.pdbx_isotropic_thermal_model             ? 
_refine.pdbx_ls_cross_valid_method               THROUGHOUT 
_refine.pdbx_method_to_determine_struct          'MOLECULAR REPLACEMENT' 
_refine.pdbx_starting_model                      1FTN 
_refine.pdbx_stereochemistry_target_values       ML 
_refine.pdbx_R_Free_selection_details            ? 
_refine.pdbx_stereochem_target_val_spec_case     ? 
_refine.pdbx_overall_ESU_R                       ? 
_refine.pdbx_overall_ESU_R_Free                  ? 
_refine.pdbx_solvent_vdw_probe_radii             1.10 
_refine.pdbx_solvent_ion_probe_radii             ? 
_refine.pdbx_solvent_shrinkage_radii             0.90 
_refine.pdbx_real_space_R                        ? 
_refine.pdbx_density_correlation                 ? 
_refine.pdbx_pd_number_of_powder_patterns        ? 
_refine.pdbx_pd_number_of_points                 ? 
_refine.pdbx_pd_meas_number_of_points            ? 
_refine.pdbx_pd_proc_ls_prof_R_factor            ? 
_refine.pdbx_pd_proc_ls_prof_wR_factor           ? 
_refine.pdbx_pd_Marquardt_correlation_coeff      ? 
_refine.pdbx_pd_Fsqrd_R_factor                   ? 
_refine.pdbx_pd_ls_matrix_band_width             ? 
_refine.pdbx_overall_phase_error                 23.47 
_refine.pdbx_overall_SU_R_free_Cruickshank_DPI   ? 
_refine.pdbx_overall_SU_R_free_Blow_DPI          ? 
_refine.pdbx_overall_SU_R_Blow_DPI               ? 
_refine.pdbx_TLS_residual_ADP_flag               ? 
_refine.pdbx_diffrn_id                           1 
_refine.overall_SU_B                             ? 
_refine.overall_SU_ML                            0.22 
_refine.overall_SU_R_Cruickshank_DPI             ? 
_refine.overall_SU_R_free                        ? 
_refine.overall_FOM_free_R_set                   ? 
_refine.overall_FOM_work_R_set                   ? 
_refine.pdbx_average_fsc_overall                 ? 
_refine.pdbx_average_fsc_work                    ? 
_refine.pdbx_average_fsc_free                    ? 
# 
_refine_hist.pdbx_refine_id                   'X-RAY DIFFRACTION' 
_refine_hist.cycle_id                         LAST 
_refine_hist.details                          ? 
_refine_hist.d_res_high                       1.65 
_refine_hist.d_res_low                        29.94 
_refine_hist.number_atoms_solvent             110 
_refine_hist.number_atoms_total               1498 
_refine_hist.number_reflns_all                ? 
_refine_hist.number_reflns_obs                ? 
_refine_hist.number_reflns_R_free             ? 
_refine_hist.number_reflns_R_work             ? 
_refine_hist.R_factor_all                     ? 
_refine_hist.R_factor_obs                     ? 
_refine_hist.R_factor_R_free                  ? 
_refine_hist.R_factor_R_work                  ? 
_refine_hist.pdbx_number_residues_total       ? 
_refine_hist.pdbx_B_iso_mean_ligand           ? 
_refine_hist.pdbx_B_iso_mean_solvent          ? 
_refine_hist.pdbx_number_atoms_protein        1359 
_refine_hist.pdbx_number_atoms_nucleic_acid   0 
_refine_hist.pdbx_number_atoms_ligand         29 
_refine_hist.pdbx_number_atoms_lipid          ? 
_refine_hist.pdbx_number_atoms_carb           ? 
_refine_hist.pdbx_pseudo_atom_details         ? 
# 
loop_
_refine_ls_restr.pdbx_refine_id 
_refine_ls_restr.criterion 
_refine_ls_restr.dev_ideal 
_refine_ls_restr.dev_ideal_target 
_refine_ls_restr.number 
_refine_ls_restr.rejects 
_refine_ls_restr.type 
_refine_ls_restr.weight 
_refine_ls_restr.pdbx_restraint_function 
'X-RAY DIFFRACTION' ? 0.006  ? ?   ? f_bond_d           ? ? 
'X-RAY DIFFRACTION' ? 0.903  ? ?   ? f_angle_d          ? ? 
'X-RAY DIFFRACTION' ? 16.875 ? 542 ? f_dihedral_angle_d ? ? 
'X-RAY DIFFRACTION' ? 0.059  ? 215 ? f_chiral_restr     ? ? 
'X-RAY DIFFRACTION' ? 0.007  ? 247 ? f_plane_restr      ? ? 
# 
loop_
_refine_ls_shell.pdbx_refine_id 
_refine_ls_shell.d_res_high 
_refine_ls_shell.d_res_low 
_refine_ls_shell.number_reflns_all 
_refine_ls_shell.number_reflns_obs 
_refine_ls_shell.number_reflns_R_free 
_refine_ls_shell.number_reflns_R_work 
_refine_ls_shell.percent_reflns_obs 
_refine_ls_shell.percent_reflns_R_free 
_refine_ls_shell.R_factor_all 
_refine_ls_shell.R_factor_obs 
_refine_ls_shell.R_factor_R_free_error 
_refine_ls_shell.R_factor_R_work 
_refine_ls_shell.redundancy_reflns_all 
_refine_ls_shell.redundancy_reflns_obs 
_refine_ls_shell.wR_factor_all 
_refine_ls_shell.wR_factor_obs 
_refine_ls_shell.wR_factor_R_free 
_refine_ls_shell.wR_factor_R_work 
_refine_ls_shell.pdbx_R_complete 
_refine_ls_shell.pdbx_total_number_of_bins_used 
_refine_ls_shell.pdbx_phase_error 
_refine_ls_shell.pdbx_fsc_work 
_refine_ls_shell.pdbx_fsc_free 
_refine_ls_shell.R_factor_R_free 
'X-RAY DIFFRACTION' 1.65 1.69  . . 143 2712 100.00 . . . . 0.3104 . . . . . . . . . . . 0.3221 
'X-RAY DIFFRACTION' 1.69 1.74  . . 127 2650 100.00 . . . . 0.2976 . . . . . . . . . . . 0.3461 
'X-RAY DIFFRACTION' 1.74 1.79  . . 125 2744 100.00 . . . . 0.2395 . . . . . . . . . . . 0.2780 
'X-RAY DIFFRACTION' 1.79 1.85  . . 138 2634 100.00 . . . . 0.2141 . . . . . . . . . . . 0.2373 
'X-RAY DIFFRACTION' 1.85 1.91  . . 143 2680 100.00 . . . . 0.2055 . . . . . . . . . . . 0.2516 
'X-RAY DIFFRACTION' 1.91 1.99  . . 152 2673 100.00 . . . . 0.1921 . . . . . . . . . . . 0.2177 
'X-RAY DIFFRACTION' 1.99 2.08  . . 156 2657 100.00 . . . . 0.1980 . . . . . . . . . . . 0.2251 
'X-RAY DIFFRACTION' 2.08 2.19  . . 152 2696 100.00 . . . . 0.1779 . . . . . . . . . . . 0.2396 
'X-RAY DIFFRACTION' 2.19 2.33  . . 156 2689 100.00 . . . . 0.1865 . . . . . . . . . . . 0.2303 
'X-RAY DIFFRACTION' 2.33 2.50  . . 130 2666 100.00 . . . . 0.1772 . . . . . . . . . . . 0.2082 
'X-RAY DIFFRACTION' 2.50 2.76  . . 144 2694 100.00 . . . . 0.2027 . . . . . . . . . . . 0.2365 
'X-RAY DIFFRACTION' 2.76 3.16  . . 126 2696 100.00 . . . . 0.1809 . . . . . . . . . . . 0.2204 
'X-RAY DIFFRACTION' 3.16 3.97  . . 111 2707 100.00 . . . . 0.1588 . . . . . . . . . . . 0.1940 
'X-RAY DIFFRACTION' 3.97 29.94 . . 144 2667 100.00 . . . . 0.1634 . . . . . . . . . . . 0.1842 
# 
_struct.entry_id                     8ZNY 
_struct.title                        'Small GTPase RhoA Y42C mutant in complex with GDP' 
_struct.pdbx_model_details           ? 
_struct.pdbx_formula_weight          ? 
_struct.pdbx_formula_weight_method   ? 
_struct.pdbx_model_type_details      ? 
_struct.pdbx_CASP_flag               N 
# 
_struct_keywords.entry_id        8ZNY 
_struct_keywords.text            'Small GTPase RhoA, Y42C mutant, GDP-bound state, CELL INVASION' 
_struct_keywords.pdbx_keywords   'CELL INVASION' 
# 
loop_
_struct_asym.id 
_struct_asym.pdbx_blank_PDB_chainid_flag 
_struct_asym.pdbx_modified 
_struct_asym.entity_id 
_struct_asym.details 
A N N 1 ? 
B N N 2 ? 
C N N 3 ? 
D N N 4 ? 
# 
_struct_ref.id                         1 
_struct_ref.db_name                    UNP 
_struct_ref.db_code                    RHOA_HUMAN 
_struct_ref.pdbx_db_accession          P61586 
_struct_ref.pdbx_db_isoform            ? 
_struct_ref.entity_id                  1 
_struct_ref.pdbx_seq_one_letter_code   
;MAAIRKKLVIVGDGACGKTCLLIVFSKDQFPEVYVPTVFENYVADIEVDGKQVELALWDTAGQEDYDRLRPLSYPDTDVI
LMCFSIDSPDSLENIPEKWTPEVKHFCPNVPIILVGNKKDLRNDEHTRRELAKMKQEPVKPEEGRDMANRIGAFGYMECS
AKTKDGVREVFEMATRAALQA
;
_struct_ref.pdbx_align_begin           1 
# 
_struct_ref_seq.align_id                      1 
_struct_ref_seq.ref_id                        1 
_struct_ref_seq.pdbx_PDB_id_code              8ZNY 
_struct_ref_seq.pdbx_strand_id                A 
_struct_ref_seq.seq_align_beg                 2 
_struct_ref_seq.pdbx_seq_align_beg_ins_code   ? 
_struct_ref_seq.seq_align_end                 182 
_struct_ref_seq.pdbx_seq_align_end_ins_code   ? 
_struct_ref_seq.pdbx_db_accession             P61586 
_struct_ref_seq.db_align_beg                  1 
_struct_ref_seq.pdbx_db_align_beg_ins_code    ? 
_struct_ref_seq.db_align_end                  181 
_struct_ref_seq.pdbx_db_align_end_ins_code    ? 
_struct_ref_seq.pdbx_auth_seq_align_beg       1 
_struct_ref_seq.pdbx_auth_seq_align_end       181 
# 
loop_
_struct_ref_seq_dif.align_id 
_struct_ref_seq_dif.pdbx_pdb_id_code 
_struct_ref_seq_dif.mon_id 
_struct_ref_seq_dif.pdbx_pdb_strand_id 
_struct_ref_seq_dif.seq_num 
_struct_ref_seq_dif.pdbx_pdb_ins_code 
_struct_ref_seq_dif.pdbx_seq_db_name 
_struct_ref_seq_dif.pdbx_seq_db_accession_code 
_struct_ref_seq_dif.db_mon_id 
_struct_ref_seq_dif.pdbx_seq_db_seq_num 
_struct_ref_seq_dif.details 
_struct_ref_seq_dif.pdbx_auth_seq_num 
_struct_ref_seq_dif.pdbx_ordinal 
1 8ZNY GLY A 1  ? UNP P61586 ?   ?  'expression tag'      0  1 
1 8ZNY CYS A 43 ? UNP P61586 TYR 42 'engineered mutation' 42 2 
# 
_pdbx_struct_assembly.id                   1 
_pdbx_struct_assembly.details              author_defined_assembly 
_pdbx_struct_assembly.method_details       ? 
_pdbx_struct_assembly.oligomeric_details   monomeric 
_pdbx_struct_assembly.oligomeric_count     1 
# 
_pdbx_struct_assembly_gen.assembly_id       1 
_pdbx_struct_assembly_gen.oper_expression   1 
_pdbx_struct_assembly_gen.asym_id_list      A,B,C,D 
# 
_pdbx_struct_assembly_auth_evidence.id                     1 
_pdbx_struct_assembly_auth_evidence.assembly_id            1 
_pdbx_struct_assembly_auth_evidence.experimental_support   none 
_pdbx_struct_assembly_auth_evidence.details                ? 
# 
_pdbx_struct_oper_list.id                   1 
_pdbx_struct_oper_list.type                 'identity operation' 
_pdbx_struct_oper_list.name                 1_555 
_pdbx_struct_oper_list.symmetry_operation   x,y,z 
_pdbx_struct_oper_list.matrix[1][1]         1.0000000000 
_pdbx_struct_oper_list.matrix[1][2]         0.0000000000 
_pdbx_struct_oper_list.matrix[1][3]         0.0000000000 
_pdbx_struct_oper_list.vector[1]            0.0000000000 
_pdbx_struct_oper_list.matrix[2][1]         0.0000000000 
_pdbx_struct_oper_list.matrix[2][2]         1.0000000000 
_pdbx_struct_oper_list.matrix[2][3]         0.0000000000 
_pdbx_struct_oper_list.vector[2]            0.0000000000 
_pdbx_struct_oper_list.matrix[3][1]         0.0000000000 
_pdbx_struct_oper_list.matrix[3][2]         0.0000000000 
_pdbx_struct_oper_list.matrix[3][3]         1.0000000000 
_pdbx_struct_oper_list.vector[3]            0.0000000000 
# 
loop_
_struct_conf.conf_type_id 
_struct_conf.id 
_struct_conf.pdbx_PDB_helix_id 
_struct_conf.beg_label_comp_id 
_struct_conf.beg_label_asym_id 
_struct_conf.beg_label_seq_id 
_struct_conf.pdbx_beg_PDB_ins_code 
_struct_conf.end_label_comp_id 
_struct_conf.end_label_asym_id 
_struct_conf.end_label_seq_id 
_struct_conf.pdbx_end_PDB_ins_code 
_struct_conf.beg_auth_comp_id 
_struct_conf.beg_auth_asym_id 
_struct_conf.beg_auth_seq_id 
_struct_conf.end_auth_comp_id 
_struct_conf.end_auth_asym_id 
_struct_conf.end_auth_seq_id 
_struct_conf.pdbx_PDB_helix_class 
_struct_conf.details 
_struct_conf.pdbx_PDB_helix_length 
HELX_P HELX_P1 AA1 GLY A 18  ? ASP A 29  ? GLY A 17  ASP A 28  1 ? 12 
HELX_P HELX_P2 AA2 LEU A 70  ? TYR A 75  ? LEU A 69  TYR A 74  5 ? 6  
HELX_P HELX_P3 AA3 SER A 89  ? LYS A 99  ? SER A 88  LYS A 98  1 ? 11 
HELX_P HELX_P4 AA4 LYS A 99  ? CYS A 108 ? LYS A 98  CYS A 107 1 ? 10 
HELX_P HELX_P5 AA5 LYS A 119 ? ARG A 123 ? LYS A 118 ARG A 122 5 ? 5  
HELX_P HELX_P6 AA6 ASP A 125 ? MET A 135 ? ASP A 124 MET A 134 1 ? 11 
HELX_P HELX_P7 AA7 LYS A 141 ? GLY A 153 ? LYS A 140 GLY A 152 1 ? 13 
HELX_P HELX_P8 AA8 GLY A 167 ? LEU A 180 ? GLY A 166 LEU A 179 1 ? 14 
# 
_struct_conf_type.id          HELX_P 
_struct_conf_type.criteria    ? 
_struct_conf_type.reference   ? 
# 
loop_
_struct_conn.id 
_struct_conn.conn_type_id 
_struct_conn.pdbx_leaving_atom_flag 
_struct_conn.pdbx_PDB_id 
_struct_conn.ptnr1_label_asym_id 
_struct_conn.ptnr1_label_comp_id 
_struct_conn.ptnr1_label_seq_id 
_struct_conn.ptnr1_label_atom_id 
_struct_conn.pdbx_ptnr1_label_alt_id 
_struct_conn.pdbx_ptnr1_PDB_ins_code 
_struct_conn.pdbx_ptnr1_standard_comp_id 
_struct_conn.ptnr1_symmetry 
_struct_conn.ptnr2_label_asym_id 
_struct_conn.ptnr2_label_comp_id 
_struct_conn.ptnr2_label_seq_id 
_struct_conn.ptnr2_label_atom_id 
_struct_conn.pdbx_ptnr2_label_alt_id 
_struct_conn.pdbx_ptnr2_PDB_ins_code 
_struct_conn.ptnr1_auth_asym_id 
_struct_conn.ptnr1_auth_comp_id 
_struct_conn.ptnr1_auth_seq_id 
_struct_conn.ptnr2_auth_asym_id 
_struct_conn.ptnr2_auth_comp_id 
_struct_conn.ptnr2_auth_seq_id 
_struct_conn.ptnr2_symmetry 
_struct_conn.pdbx_ptnr3_label_atom_id 
_struct_conn.pdbx_ptnr3_label_seq_id 
_struct_conn.pdbx_ptnr3_label_comp_id 
_struct_conn.pdbx_ptnr3_label_asym_id 
_struct_conn.pdbx_ptnr3_label_alt_id 
_struct_conn.pdbx_ptnr3_PDB_ins_code 
_struct_conn.details 
_struct_conn.pdbx_dist_value 
_struct_conn.pdbx_value_order 
_struct_conn.pdbx_role 
metalc1 metalc ? ? A THR 20 OG1 ? ? ? 1_555 C MG  . MG ? ? A THR 19  A MG  202 1_555 ? ? ? ? ? ? ? 2.136 ? ? 
metalc2 metalc ? ? A PRO 37 O   ? ? ? 1_555 C MG  . MG ? ? A PRO 36  A MG  202 1_555 ? ? ? ? ? ? ? 2.036 ? ? 
metalc3 metalc ? ? B GDP .  O3B ? ? ? 1_555 C MG  . MG ? ? A GDP 201 A MG  202 1_555 ? ? ? ? ? ? ? 2.011 ? ? 
metalc4 metalc ? ? C MG  .  MG  ? ? ? 1_555 D HOH . O  ? ? A MG  202 A HOH 315 1_555 ? ? ? ? ? ? ? 1.993 ? ? 
metalc5 metalc ? ? C MG  .  MG  ? ? ? 1_555 D HOH . O  ? ? A MG  202 A HOH 327 1_555 ? ? ? ? ? ? ? 2.135 ? ? 
metalc6 metalc ? ? C MG  .  MG  ? ? ? 1_555 D HOH . O  ? ? A MG  202 A HOH 334 1_555 ? ? ? ? ? ? ? 2.080 ? ? 
# 
_struct_conn_type.id          metalc 
_struct_conn_type.criteria    ? 
_struct_conn_type.reference   ? 
# 
loop_
_pdbx_struct_conn_angle.id 
_pdbx_struct_conn_angle.ptnr1_label_atom_id 
_pdbx_struct_conn_angle.ptnr1_label_alt_id 
_pdbx_struct_conn_angle.ptnr1_label_asym_id 
_pdbx_struct_conn_angle.ptnr1_label_comp_id 
_pdbx_struct_conn_angle.ptnr1_label_seq_id 
_pdbx_struct_conn_angle.ptnr1_auth_atom_id 
_pdbx_struct_conn_angle.ptnr1_auth_asym_id 
_pdbx_struct_conn_angle.ptnr1_auth_comp_id 
_pdbx_struct_conn_angle.ptnr1_auth_seq_id 
_pdbx_struct_conn_angle.ptnr1_PDB_ins_code 
_pdbx_struct_conn_angle.ptnr1_symmetry 
_pdbx_struct_conn_angle.ptnr2_label_atom_id 
_pdbx_struct_conn_angle.ptnr2_label_alt_id 
_pdbx_struct_conn_angle.ptnr2_label_asym_id 
_pdbx_struct_conn_angle.ptnr2_label_comp_id 
_pdbx_struct_conn_angle.ptnr2_label_seq_id 
_pdbx_struct_conn_angle.ptnr2_auth_atom_id 
_pdbx_struct_conn_angle.ptnr2_auth_asym_id 
_pdbx_struct_conn_angle.ptnr2_auth_comp_id 
_pdbx_struct_conn_angle.ptnr2_auth_seq_id 
_pdbx_struct_conn_angle.ptnr2_PDB_ins_code 
_pdbx_struct_conn_angle.ptnr2_symmetry 
_pdbx_struct_conn_angle.ptnr3_label_atom_id 
_pdbx_struct_conn_angle.ptnr3_label_alt_id 
_pdbx_struct_conn_angle.ptnr3_label_asym_id 
_pdbx_struct_conn_angle.ptnr3_label_comp_id 
_pdbx_struct_conn_angle.ptnr3_label_seq_id 
_pdbx_struct_conn_angle.ptnr3_auth_atom_id 
_pdbx_struct_conn_angle.ptnr3_auth_asym_id 
_pdbx_struct_conn_angle.ptnr3_auth_comp_id 
_pdbx_struct_conn_angle.ptnr3_auth_seq_id 
_pdbx_struct_conn_angle.ptnr3_PDB_ins_code 
_pdbx_struct_conn_angle.ptnr3_symmetry 
_pdbx_struct_conn_angle.value 
_pdbx_struct_conn_angle.value_esd 
1  OG1 ? A THR 20 ? A THR 19  ? 1_555 MG ? C MG . ? A MG 202 ? 1_555 O   ? A PRO 37 ? A PRO 36  ? 1_555 87.8  ? 
2  OG1 ? A THR 20 ? A THR 19  ? 1_555 MG ? C MG . ? A MG 202 ? 1_555 O3B ? B GDP .  ? A GDP 201 ? 1_555 89.5  ? 
3  O   ? A PRO 37 ? A PRO 36  ? 1_555 MG ? C MG . ? A MG 202 ? 1_555 O3B ? B GDP .  ? A GDP 201 ? 1_555 174.0 ? 
4  OG1 ? A THR 20 ? A THR 19  ? 1_555 MG ? C MG . ? A MG 202 ? 1_555 O   ? D HOH .  ? A HOH 315 ? 1_555 174.7 ? 
5  O   ? A PRO 37 ? A PRO 36  ? 1_555 MG ? C MG . ? A MG 202 ? 1_555 O   ? D HOH .  ? A HOH 315 ? 1_555 88.2  ? 
6  O3B ? B GDP .  ? A GDP 201 ? 1_555 MG ? C MG . ? A MG 202 ? 1_555 O   ? D HOH .  ? A HOH 315 ? 1_555 94.7  ? 
7  OG1 ? A THR 20 ? A THR 19  ? 1_555 MG ? C MG . ? A MG 202 ? 1_555 O   ? D HOH .  ? A HOH 327 ? 1_555 86.1  ? 
8  O   ? A PRO 37 ? A PRO 36  ? 1_555 MG ? C MG . ? A MG 202 ? 1_555 O   ? D HOH .  ? A HOH 327 ? 1_555 84.3  ? 
9  O3B ? B GDP .  ? A GDP 201 ? 1_555 MG ? C MG . ? A MG 202 ? 1_555 O   ? D HOH .  ? A HOH 327 ? 1_555 90.1  ? 
10 O   ? D HOH .  ? A HOH 315 ? 1_555 MG ? C MG . ? A MG 202 ? 1_555 O   ? D HOH .  ? A HOH 327 ? 1_555 97.0  ? 
11 OG1 ? A THR 20 ? A THR 19  ? 1_555 MG ? C MG . ? A MG 202 ? 1_555 O   ? D HOH .  ? A HOH 334 ? 1_555 86.0  ? 
12 O   ? A PRO 37 ? A PRO 36  ? 1_555 MG ? C MG . ? A MG 202 ? 1_555 O   ? D HOH .  ? A HOH 334 ? 1_555 92.2  ? 
13 O3B ? B GDP .  ? A GDP 201 ? 1_555 MG ? C MG . ? A MG 202 ? 1_555 O   ? D HOH .  ? A HOH 334 ? 1_555 93.0  ? 
14 O   ? D HOH .  ? A HOH 315 ? 1_555 MG ? C MG . ? A MG 202 ? 1_555 O   ? D HOH .  ? A HOH 334 ? 1_555 90.7  ? 
15 O   ? D HOH .  ? A HOH 327 ? 1_555 MG ? C MG . ? A MG 202 ? 1_555 O   ? D HOH .  ? A HOH 334 ? 1_555 171.5 ? 
# 
_struct_sheet.id               AA1 
_struct_sheet.type             ? 
_struct_sheet.number_strands   6 
_struct_sheet.details          ? 
# 
loop_
_struct_sheet_order.sheet_id 
_struct_sheet_order.range_id_1 
_struct_sheet_order.range_id_2 
_struct_sheet_order.offset 
_struct_sheet_order.sense 
AA1 1 2 ? anti-parallel 
AA1 2 3 ? parallel      
AA1 3 4 ? parallel      
AA1 4 5 ? parallel      
AA1 5 6 ? parallel      
# 
loop_
_struct_sheet_range.sheet_id 
_struct_sheet_range.id 
_struct_sheet_range.beg_label_comp_id 
_struct_sheet_range.beg_label_asym_id 
_struct_sheet_range.beg_label_seq_id 
_struct_sheet_range.pdbx_beg_PDB_ins_code 
_struct_sheet_range.end_label_comp_id 
_struct_sheet_range.end_label_asym_id 
_struct_sheet_range.end_label_seq_id 
_struct_sheet_range.pdbx_end_PDB_ins_code 
_struct_sheet_range.beg_auth_comp_id 
_struct_sheet_range.beg_auth_asym_id 
_struct_sheet_range.beg_auth_seq_id 
_struct_sheet_range.end_auth_comp_id 
_struct_sheet_range.end_auth_asym_id 
_struct_sheet_range.end_auth_seq_id 
AA1 1 VAL A 44  ? VAL A 49  ? VAL A 43  VAL A 48  
AA1 2 LYS A 52  ? TRP A 59  ? LYS A 51  TRP A 58  
AA1 3 ILE A 5   ? GLY A 13  ? ILE A 4   GLY A 12  
AA1 4 VAL A 80  ? SER A 86  ? VAL A 79  SER A 85  
AA1 5 ILE A 113 ? ASN A 118 ? ILE A 112 ASN A 117 
AA1 6 GLY A 156 ? GLU A 159 ? GLY A 155 GLU A 158 
# 
loop_
_pdbx_struct_sheet_hbond.sheet_id 
_pdbx_struct_sheet_hbond.range_id_1 
_pdbx_struct_sheet_hbond.range_id_2 
_pdbx_struct_sheet_hbond.range_1_label_atom_id 
_pdbx_struct_sheet_hbond.range_1_label_comp_id 
_pdbx_struct_sheet_hbond.range_1_label_asym_id 
_pdbx_struct_sheet_hbond.range_1_label_seq_id 
_pdbx_struct_sheet_hbond.range_1_PDB_ins_code 
_pdbx_struct_sheet_hbond.range_1_auth_atom_id 
_pdbx_struct_sheet_hbond.range_1_auth_comp_id 
_pdbx_struct_sheet_hbond.range_1_auth_asym_id 
_pdbx_struct_sheet_hbond.range_1_auth_seq_id 
_pdbx_struct_sheet_hbond.range_2_label_atom_id 
_pdbx_struct_sheet_hbond.range_2_label_comp_id 
_pdbx_struct_sheet_hbond.range_2_label_asym_id 
_pdbx_struct_sheet_hbond.range_2_label_seq_id 
_pdbx_struct_sheet_hbond.range_2_PDB_ins_code 
_pdbx_struct_sheet_hbond.range_2_auth_atom_id 
_pdbx_struct_sheet_hbond.range_2_auth_comp_id 
_pdbx_struct_sheet_hbond.range_2_auth_asym_id 
_pdbx_struct_sheet_hbond.range_2_auth_seq_id 
AA1 1 2 N ALA A 45  ? N ALA A 44  O LEU A 56  ? O LEU A 55  
AA1 2 3 O GLU A 55  ? O GLU A 54  N ILE A 5   ? N ILE A 4   
AA1 3 4 N VAL A 12  ? N VAL A 11  O CYS A 84  ? O CYS A 83  
AA1 4 5 N PHE A 85  ? N PHE A 84  O ASN A 118 ? O ASN A 117 
AA1 5 6 N GLY A 117 ? N GLY A 116 O MET A 158 ? O MET A 157 
# 
_pdbx_entry_details.entry_id                   8ZNY 
_pdbx_entry_details.has_ligand_of_interest     Y 
_pdbx_entry_details.compound_details           ? 
_pdbx_entry_details.source_details             ? 
_pdbx_entry_details.nonpolymer_details         ? 
_pdbx_entry_details.sequence_details           ? 
_pdbx_entry_details.has_protein_modification   N 
# 
loop_
_pdbx_validate_torsion.id 
_pdbx_validate_torsion.PDB_model_num 
_pdbx_validate_torsion.auth_comp_id 
_pdbx_validate_torsion.auth_asym_id 
_pdbx_validate_torsion.auth_seq_id 
_pdbx_validate_torsion.PDB_ins_code 
_pdbx_validate_torsion.label_alt_id 
_pdbx_validate_torsion.phi 
_pdbx_validate_torsion.psi 
1 1 LYS A 98  ? ? -132.16 -51.37 
2 1 LYS A 164 ? ? 77.99   -3.18  
# 
loop_
_pdbx_unobs_or_zero_occ_residues.id 
_pdbx_unobs_or_zero_occ_residues.PDB_model_num 
_pdbx_unobs_or_zero_occ_residues.polymer_flag 
_pdbx_unobs_or_zero_occ_residues.occupancy_flag 
_pdbx_unobs_or_zero_occ_residues.auth_asym_id 
_pdbx_unobs_or_zero_occ_residues.auth_comp_id 
_pdbx_unobs_or_zero_occ_residues.auth_seq_id 
_pdbx_unobs_or_zero_occ_residues.PDB_ins_code 
_pdbx_unobs_or_zero_occ_residues.label_asym_id 
_pdbx_unobs_or_zero_occ_residues.label_comp_id 
_pdbx_unobs_or_zero_occ_residues.label_seq_id 
1 1 Y 1 A GLY 0   ? A GLY 1   
2 1 Y 1 A MET 1   ? A MET 2   
3 1 Y 1 A ALA 2   ? A ALA 3   
4 1 Y 1 A GLU 64  ? A GLU 65  
5 1 Y 1 A ASP 65  ? A ASP 66  
6 1 Y 1 A TYR 66  ? A TYR 67  
7 1 Y 1 A ASP 67  ? A ASP 68  
8 1 Y 1 A ARG 68  ? A ARG 69  
9 1 Y 1 A ALA 181 ? A ALA 182 
# 
loop_
_chem_comp_atom.comp_id 
_chem_comp_atom.atom_id 
_chem_comp_atom.type_symbol 
_chem_comp_atom.pdbx_aromatic_flag 
_chem_comp_atom.pdbx_stereo_config 
_chem_comp_atom.pdbx_ordinal 
ALA N      N  N N 1   
ALA CA     C  N S 2   
ALA C      C  N N 3   
ALA O      O  N N 4   
ALA CB     C  N N 5   
ALA OXT    O  N N 6   
ALA H      H  N N 7   
ALA H2     H  N N 8   
ALA HA     H  N N 9   
ALA HB1    H  N N 10  
ALA HB2    H  N N 11  
ALA HB3    H  N N 12  
ALA HXT    H  N N 13  
ARG N      N  N N 14  
ARG CA     C  N S 15  
ARG C      C  N N 16  
ARG O      O  N N 17  
ARG CB     C  N N 18  
ARG CG     C  N N 19  
ARG CD     C  N N 20  
ARG NE     N  N N 21  
ARG CZ     C  N N 22  
ARG NH1    N  N N 23  
ARG NH2    N  N N 24  
ARG OXT    O  N N 25  
ARG H      H  N N 26  
ARG H2     H  N N 27  
ARG HA     H  N N 28  
ARG HB2    H  N N 29  
ARG HB3    H  N N 30  
ARG HG2    H  N N 31  
ARG HG3    H  N N 32  
ARG HD2    H  N N 33  
ARG HD3    H  N N 34  
ARG HE     H  N N 35  
ARG HH11   H  N N 36  
ARG HH12   H  N N 37  
ARG HH21   H  N N 38  
ARG HH22   H  N N 39  
ARG HXT    H  N N 40  
ASN N      N  N N 41  
ASN CA     C  N S 42  
ASN C      C  N N 43  
ASN O      O  N N 44  
ASN CB     C  N N 45  
ASN CG     C  N N 46  
ASN OD1    O  N N 47  
ASN ND2    N  N N 48  
ASN OXT    O  N N 49  
ASN H      H  N N 50  
ASN H2     H  N N 51  
ASN HA     H  N N 52  
ASN HB2    H  N N 53  
ASN HB3    H  N N 54  
ASN HD21   H  N N 55  
ASN HD22   H  N N 56  
ASN HXT    H  N N 57  
ASP N      N  N N 58  
ASP CA     C  N S 59  
ASP C      C  N N 60  
ASP O      O  N N 61  
ASP CB     C  N N 62  
ASP CG     C  N N 63  
ASP OD1    O  N N 64  
ASP OD2    O  N N 65  
ASP OXT    O  N N 66  
ASP H      H  N N 67  
ASP H2     H  N N 68  
ASP HA     H  N N 69  
ASP HB2    H  N N 70  
ASP HB3    H  N N 71  
ASP HD2    H  N N 72  
ASP HXT    H  N N 73  
CYS N      N  N N 74  
CYS CA     C  N R 75  
CYS C      C  N N 76  
CYS O      O  N N 77  
CYS CB     C  N N 78  
CYS SG     S  N N 79  
CYS OXT    O  N N 80  
CYS H      H  N N 81  
CYS H2     H  N N 82  
CYS HA     H  N N 83  
CYS HB2    H  N N 84  
CYS HB3    H  N N 85  
CYS HG     H  N N 86  
CYS HXT    H  N N 87  
GDP PB     P  N N 88  
GDP O1B    O  N N 89  
GDP O2B    O  N N 90  
GDP O3B    O  N N 91  
GDP O3A    O  N N 92  
GDP PA     P  N N 93  
GDP O1A    O  N N 94  
GDP O2A    O  N N 95  
GDP "O5'"  O  N N 96  
GDP "C5'"  C  N N 97  
GDP "C4'"  C  N R 98  
GDP "O4'"  O  N N 99  
GDP "C3'"  C  N S 100 
GDP "O3'"  O  N N 101 
GDP "C2'"  C  N R 102 
GDP "O2'"  O  N N 103 
GDP "C1'"  C  N R 104 
GDP N9     N  Y N 105 
GDP C8     C  Y N 106 
GDP N7     N  Y N 107 
GDP C5     C  Y N 108 
GDP C6     C  N N 109 
GDP O6     O  N N 110 
GDP N1     N  N N 111 
GDP C2     C  N N 112 
GDP N2     N  N N 113 
GDP N3     N  N N 114 
GDP C4     C  Y N 115 
GDP HOB2   H  N N 116 
GDP HOB3   H  N N 117 
GDP HOA2   H  N N 118 
GDP "H5'"  H  N N 119 
GDP "H5''" H  N N 120 
GDP "H4'"  H  N N 121 
GDP "H3'"  H  N N 122 
GDP "HO3'" H  N N 123 
GDP "H2'"  H  N N 124 
GDP "HO2'" H  N N 125 
GDP "H1'"  H  N N 126 
GDP H8     H  N N 127 
GDP HN1    H  N N 128 
GDP HN21   H  N N 129 
GDP HN22   H  N N 130 
GLN N      N  N N 131 
GLN CA     C  N S 132 
GLN C      C  N N 133 
GLN O      O  N N 134 
GLN CB     C  N N 135 
GLN CG     C  N N 136 
GLN CD     C  N N 137 
GLN OE1    O  N N 138 
GLN NE2    N  N N 139 
GLN OXT    O  N N 140 
GLN H      H  N N 141 
GLN H2     H  N N 142 
GLN HA     H  N N 143 
GLN HB2    H  N N 144 
GLN HB3    H  N N 145 
GLN HG2    H  N N 146 
GLN HG3    H  N N 147 
GLN HE21   H  N N 148 
GLN HE22   H  N N 149 
GLN HXT    H  N N 150 
GLU N      N  N N 151 
GLU CA     C  N S 152 
GLU C      C  N N 153 
GLU O      O  N N 154 
GLU CB     C  N N 155 
GLU CG     C  N N 156 
GLU CD     C  N N 157 
GLU OE1    O  N N 158 
GLU OE2    O  N N 159 
GLU OXT    O  N N 160 
GLU H      H  N N 161 
GLU H2     H  N N 162 
GLU HA     H  N N 163 
GLU HB2    H  N N 164 
GLU HB3    H  N N 165 
GLU HG2    H  N N 166 
GLU HG3    H  N N 167 
GLU HE2    H  N N 168 
GLU HXT    H  N N 169 
GLY N      N  N N 170 
GLY CA     C  N N 171 
GLY C      C  N N 172 
GLY O      O  N N 173 
GLY OXT    O  N N 174 
GLY H      H  N N 175 
GLY H2     H  N N 176 
GLY HA2    H  N N 177 
GLY HA3    H  N N 178 
GLY HXT    H  N N 179 
HIS N      N  N N 180 
HIS CA     C  N S 181 
HIS C      C  N N 182 
HIS O      O  N N 183 
HIS CB     C  N N 184 
HIS CG     C  Y N 185 
HIS ND1    N  Y N 186 
HIS CD2    C  Y N 187 
HIS CE1    C  Y N 188 
HIS NE2    N  Y N 189 
HIS OXT    O  N N 190 
HIS H      H  N N 191 
HIS H2     H  N N 192 
HIS HA     H  N N 193 
HIS HB2    H  N N 194 
HIS HB3    H  N N 195 
HIS HD1    H  N N 196 
HIS HD2    H  N N 197 
HIS HE1    H  N N 198 
HIS HE2    H  N N 199 
HIS HXT    H  N N 200 
HOH O      O  N N 201 
HOH H1     H  N N 202 
HOH H2     H  N N 203 
ILE N      N  N N 204 
ILE CA     C  N S 205 
ILE C      C  N N 206 
ILE O      O  N N 207 
ILE CB     C  N S 208 
ILE CG1    C  N N 209 
ILE CG2    C  N N 210 
ILE CD1    C  N N 211 
ILE OXT    O  N N 212 
ILE H      H  N N 213 
ILE H2     H  N N 214 
ILE HA     H  N N 215 
ILE HB     H  N N 216 
ILE HG12   H  N N 217 
ILE HG13   H  N N 218 
ILE HG21   H  N N 219 
ILE HG22   H  N N 220 
ILE HG23   H  N N 221 
ILE HD11   H  N N 222 
ILE HD12   H  N N 223 
ILE HD13   H  N N 224 
ILE HXT    H  N N 225 
LEU N      N  N N 226 
LEU CA     C  N S 227 
LEU C      C  N N 228 
LEU O      O  N N 229 
LEU CB     C  N N 230 
LEU CG     C  N N 231 
LEU CD1    C  N N 232 
LEU CD2    C  N N 233 
LEU OXT    O  N N 234 
LEU H      H  N N 235 
LEU H2     H  N N 236 
LEU HA     H  N N 237 
LEU HB2    H  N N 238 
LEU HB3    H  N N 239 
LEU HG     H  N N 240 
LEU HD11   H  N N 241 
LEU HD12   H  N N 242 
LEU HD13   H  N N 243 
LEU HD21   H  N N 244 
LEU HD22   H  N N 245 
LEU HD23   H  N N 246 
LEU HXT    H  N N 247 
LYS N      N  N N 248 
LYS CA     C  N S 249 
LYS C      C  N N 250 
LYS O      O  N N 251 
LYS CB     C  N N 252 
LYS CG     C  N N 253 
LYS CD     C  N N 254 
LYS CE     C  N N 255 
LYS NZ     N  N N 256 
LYS OXT    O  N N 257 
LYS H      H  N N 258 
LYS H2     H  N N 259 
LYS HA     H  N N 260 
LYS HB2    H  N N 261 
LYS HB3    H  N N 262 
LYS HG2    H  N N 263 
LYS HG3    H  N N 264 
LYS HD2    H  N N 265 
LYS HD3    H  N N 266 
LYS HE2    H  N N 267 
LYS HE3    H  N N 268 
LYS HZ1    H  N N 269 
LYS HZ2    H  N N 270 
LYS HZ3    H  N N 271 
LYS HXT    H  N N 272 
MET N      N  N N 273 
MET CA     C  N S 274 
MET C      C  N N 275 
MET O      O  N N 276 
MET CB     C  N N 277 
MET CG     C  N N 278 
MET SD     S  N N 279 
MET CE     C  N N 280 
MET OXT    O  N N 281 
MET H      H  N N 282 
MET H2     H  N N 283 
MET HA     H  N N 284 
MET HB2    H  N N 285 
MET HB3    H  N N 286 
MET HG2    H  N N 287 
MET HG3    H  N N 288 
MET HE1    H  N N 289 
MET HE2    H  N N 290 
MET HE3    H  N N 291 
MET HXT    H  N N 292 
MG  MG     MG N N 293 
PHE N      N  N N 294 
PHE CA     C  N S 295 
PHE C      C  N N 296 
PHE O      O  N N 297 
PHE CB     C  N N 298 
PHE CG     C  Y N 299 
PHE CD1    C  Y N 300 
PHE CD2    C  Y N 301 
PHE CE1    C  Y N 302 
PHE CE2    C  Y N 303 
PHE CZ     C  Y N 304 
PHE OXT    O  N N 305 
PHE H      H  N N 306 
PHE H2     H  N N 307 
PHE HA     H  N N 308 
PHE HB2    H  N N 309 
PHE HB3    H  N N 310 
PHE HD1    H  N N 311 
PHE HD2    H  N N 312 
PHE HE1    H  N N 313 
PHE HE2    H  N N 314 
PHE HZ     H  N N 315 
PHE HXT    H  N N 316 
PRO N      N  N N 317 
PRO CA     C  N S 318 
PRO C      C  N N 319 
PRO O      O  N N 320 
PRO CB     C  N N 321 
PRO CG     C  N N 322 
PRO CD     C  N N 323 
PRO OXT    O  N N 324 
PRO H      H  N N 325 
PRO HA     H  N N 326 
PRO HB2    H  N N 327 
PRO HB3    H  N N 328 
PRO HG2    H  N N 329 
PRO HG3    H  N N 330 
PRO HD2    H  N N 331 
PRO HD3    H  N N 332 
PRO HXT    H  N N 333 
SER N      N  N N 334 
SER CA     C  N S 335 
SER C      C  N N 336 
SER O      O  N N 337 
SER CB     C  N N 338 
SER OG     O  N N 339 
SER OXT    O  N N 340 
SER H      H  N N 341 
SER H2     H  N N 342 
SER HA     H  N N 343 
SER HB2    H  N N 344 
SER HB3    H  N N 345 
SER HG     H  N N 346 
SER HXT    H  N N 347 
THR N      N  N N 348 
THR CA     C  N S 349 
THR C      C  N N 350 
THR O      O  N N 351 
THR CB     C  N R 352 
THR OG1    O  N N 353 
THR CG2    C  N N 354 
THR OXT    O  N N 355 
THR H      H  N N 356 
THR H2     H  N N 357 
THR HA     H  N N 358 
THR HB     H  N N 359 
THR HG1    H  N N 360 
THR HG21   H  N N 361 
THR HG22   H  N N 362 
THR HG23   H  N N 363 
THR HXT    H  N N 364 
TRP N      N  N N 365 
TRP CA     C  N S 366 
TRP C      C  N N 367 
TRP O      O  N N 368 
TRP CB     C  N N 369 
TRP CG     C  Y N 370 
TRP CD1    C  Y N 371 
TRP CD2    C  Y N 372 
TRP NE1    N  Y N 373 
TRP CE2    C  Y N 374 
TRP CE3    C  Y N 375 
TRP CZ2    C  Y N 376 
TRP CZ3    C  Y N 377 
TRP CH2    C  Y N 378 
TRP OXT    O  N N 379 
TRP H      H  N N 380 
TRP H2     H  N N 381 
TRP HA     H  N N 382 
TRP HB2    H  N N 383 
TRP HB3    H  N N 384 
TRP HD1    H  N N 385 
TRP HE1    H  N N 386 
TRP HE3    H  N N 387 
TRP HZ2    H  N N 388 
TRP HZ3    H  N N 389 
TRP HH2    H  N N 390 
TRP HXT    H  N N 391 
TYR N      N  N N 392 
TYR CA     C  N S 393 
TYR C      C  N N 394 
TYR O      O  N N 395 
TYR CB     C  N N 396 
TYR CG     C  Y N 397 
TYR CD1    C  Y N 398 
TYR CD2    C  Y N 399 
TYR CE1    C  Y N 400 
TYR CE2    C  Y N 401 
TYR CZ     C  Y N 402 
TYR OH     O  N N 403 
TYR OXT    O  N N 404 
TYR H      H  N N 405 
TYR H2     H  N N 406 
TYR HA     H  N N 407 
TYR HB2    H  N N 408 
TYR HB3    H  N N 409 
TYR HD1    H  N N 410 
TYR HD2    H  N N 411 
TYR HE1    H  N N 412 
TYR HE2    H  N N 413 
TYR HH     H  N N 414 
TYR HXT    H  N N 415 
VAL N      N  N N 416 
VAL CA     C  N S 417 
VAL C      C  N N 418 
VAL O      O  N N 419 
VAL CB     C  N N 420 
VAL CG1    C  N N 421 
VAL CG2    C  N N 422 
VAL OXT    O  N N 423 
VAL H      H  N N 424 
VAL H2     H  N N 425 
VAL HA     H  N N 426 
VAL HB     H  N N 427 
VAL HG11   H  N N 428 
VAL HG12   H  N N 429 
VAL HG13   H  N N 430 
VAL HG21   H  N N 431 
VAL HG22   H  N N 432 
VAL HG23   H  N N 433 
VAL HXT    H  N N 434 
# 
loop_
_chem_comp_bond.comp_id 
_chem_comp_bond.atom_id_1 
_chem_comp_bond.atom_id_2 
_chem_comp_bond.value_order 
_chem_comp_bond.pdbx_aromatic_flag 
_chem_comp_bond.pdbx_stereo_config 
_chem_comp_bond.pdbx_ordinal 
ALA N     CA     sing N N 1   
ALA N     H      sing N N 2   
ALA N     H2     sing N N 3   
ALA CA    C      sing N N 4   
ALA CA    CB     sing N N 5   
ALA CA    HA     sing N N 6   
ALA C     O      doub N N 7   
ALA C     OXT    sing N N 8   
ALA CB    HB1    sing N N 9   
ALA CB    HB2    sing N N 10  
ALA CB    HB3    sing N N 11  
ALA OXT   HXT    sing N N 12  
ARG N     CA     sing N N 13  
ARG N     H      sing N N 14  
ARG N     H2     sing N N 15  
ARG CA    C      sing N N 16  
ARG CA    CB     sing N N 17  
ARG CA    HA     sing N N 18  
ARG C     O      doub N N 19  
ARG C     OXT    sing N N 20  
ARG CB    CG     sing N N 21  
ARG CB    HB2    sing N N 22  
ARG CB    HB3    sing N N 23  
ARG CG    CD     sing N N 24  
ARG CG    HG2    sing N N 25  
ARG CG    HG3    sing N N 26  
ARG CD    NE     sing N N 27  
ARG CD    HD2    sing N N 28  
ARG CD    HD3    sing N N 29  
ARG NE    CZ     sing N N 30  
ARG NE    HE     sing N N 31  
ARG CZ    NH1    sing N N 32  
ARG CZ    NH2    doub N N 33  
ARG NH1   HH11   sing N N 34  
ARG NH1   HH12   sing N N 35  
ARG NH2   HH21   sing N N 36  
ARG NH2   HH22   sing N N 37  
ARG OXT   HXT    sing N N 38  
ASN N     CA     sing N N 39  
ASN N     H      sing N N 40  
ASN N     H2     sing N N 41  
ASN CA    C      sing N N 42  
ASN CA    CB     sing N N 43  
ASN CA    HA     sing N N 44  
ASN C     O      doub N N 45  
ASN C     OXT    sing N N 46  
ASN CB    CG     sing N N 47  
ASN CB    HB2    sing N N 48  
ASN CB    HB3    sing N N 49  
ASN CG    OD1    doub N N 50  
ASN CG    ND2    sing N N 51  
ASN ND2   HD21   sing N N 52  
ASN ND2   HD22   sing N N 53  
ASN OXT   HXT    sing N N 54  
ASP N     CA     sing N N 55  
ASP N     H      sing N N 56  
ASP N     H2     sing N N 57  
ASP CA    C      sing N N 58  
ASP CA    CB     sing N N 59  
ASP CA    HA     sing N N 60  
ASP C     O      doub N N 61  
ASP C     OXT    sing N N 62  
ASP CB    CG     sing N N 63  
ASP CB    HB2    sing N N 64  
ASP CB    HB3    sing N N 65  
ASP CG    OD1    doub N N 66  
ASP CG    OD2    sing N N 67  
ASP OD2   HD2    sing N N 68  
ASP OXT   HXT    sing N N 69  
CYS N     CA     sing N N 70  
CYS N     H      sing N N 71  
CYS N     H2     sing N N 72  
CYS CA    C      sing N N 73  
CYS CA    CB     sing N N 74  
CYS CA    HA     sing N N 75  
CYS C     O      doub N N 76  
CYS C     OXT    sing N N 77  
CYS CB    SG     sing N N 78  
CYS CB    HB2    sing N N 79  
CYS CB    HB3    sing N N 80  
CYS SG    HG     sing N N 81  
CYS OXT   HXT    sing N N 82  
GDP PB    O1B    doub N N 83  
GDP PB    O2B    sing N N 84  
GDP PB    O3B    sing N N 85  
GDP PB    O3A    sing N N 86  
GDP O2B   HOB2   sing N N 87  
GDP O3B   HOB3   sing N N 88  
GDP O3A   PA     sing N N 89  
GDP PA    O1A    doub N N 90  
GDP PA    O2A    sing N N 91  
GDP PA    "O5'"  sing N N 92  
GDP O2A   HOA2   sing N N 93  
GDP "O5'" "C5'"  sing N N 94  
GDP "C5'" "C4'"  sing N N 95  
GDP "C5'" "H5'"  sing N N 96  
GDP "C5'" "H5''" sing N N 97  
GDP "C4'" "O4'"  sing N N 98  
GDP "C4'" "C3'"  sing N N 99  
GDP "C4'" "H4'"  sing N N 100 
GDP "O4'" "C1'"  sing N N 101 
GDP "C3'" "O3'"  sing N N 102 
GDP "C3'" "C2'"  sing N N 103 
GDP "C3'" "H3'"  sing N N 104 
GDP "O3'" "HO3'" sing N N 105 
GDP "C2'" "O2'"  sing N N 106 
GDP "C2'" "C1'"  sing N N 107 
GDP "C2'" "H2'"  sing N N 108 
GDP "O2'" "HO2'" sing N N 109 
GDP "C1'" N9     sing N N 110 
GDP "C1'" "H1'"  sing N N 111 
GDP N9    C8     sing Y N 112 
GDP N9    C4     sing Y N 113 
GDP C8    N7     doub Y N 114 
GDP C8    H8     sing N N 115 
GDP N7    C5     sing Y N 116 
GDP C5    C6     sing N N 117 
GDP C5    C4     doub Y N 118 
GDP C6    O6     doub N N 119 
GDP C6    N1     sing N N 120 
GDP N1    C2     sing N N 121 
GDP N1    HN1    sing N N 122 
GDP C2    N2     sing N N 123 
GDP C2    N3     doub N N 124 
GDP N2    HN21   sing N N 125 
GDP N2    HN22   sing N N 126 
GDP N3    C4     sing N N 127 
GLN N     CA     sing N N 128 
GLN N     H      sing N N 129 
GLN N     H2     sing N N 130 
GLN CA    C      sing N N 131 
GLN CA    CB     sing N N 132 
GLN CA    HA     sing N N 133 
GLN C     O      doub N N 134 
GLN C     OXT    sing N N 135 
GLN CB    CG     sing N N 136 
GLN CB    HB2    sing N N 137 
GLN CB    HB3    sing N N 138 
GLN CG    CD     sing N N 139 
GLN CG    HG2    sing N N 140 
GLN CG    HG3    sing N N 141 
GLN CD    OE1    doub N N 142 
GLN CD    NE2    sing N N 143 
GLN NE2   HE21   sing N N 144 
GLN NE2   HE22   sing N N 145 
GLN OXT   HXT    sing N N 146 
GLU N     CA     sing N N 147 
GLU N     H      sing N N 148 
GLU N     H2     sing N N 149 
GLU CA    C      sing N N 150 
GLU CA    CB     sing N N 151 
GLU CA    HA     sing N N 152 
GLU C     O      doub N N 153 
GLU C     OXT    sing N N 154 
GLU CB    CG     sing N N 155 
GLU CB    HB2    sing N N 156 
GLU CB    HB3    sing N N 157 
GLU CG    CD     sing N N 158 
GLU CG    HG2    sing N N 159 
GLU CG    HG3    sing N N 160 
GLU CD    OE1    doub N N 161 
GLU CD    OE2    sing N N 162 
GLU OE2   HE2    sing N N 163 
GLU OXT   HXT    sing N N 164 
GLY N     CA     sing N N 165 
GLY N     H      sing N N 166 
GLY N     H2     sing N N 167 
GLY CA    C      sing N N 168 
GLY CA    HA2    sing N N 169 
GLY CA    HA3    sing N N 170 
GLY C     O      doub N N 171 
GLY C     OXT    sing N N 172 
GLY OXT   HXT    sing N N 173 
HIS N     CA     sing N N 174 
HIS N     H      sing N N 175 
HIS N     H2     sing N N 176 
HIS CA    C      sing N N 177 
HIS CA    CB     sing N N 178 
HIS CA    HA     sing N N 179 
HIS C     O      doub N N 180 
HIS C     OXT    sing N N 181 
HIS CB    CG     sing N N 182 
HIS CB    HB2    sing N N 183 
HIS CB    HB3    sing N N 184 
HIS CG    ND1    sing Y N 185 
HIS CG    CD2    doub Y N 186 
HIS ND1   CE1    doub Y N 187 
HIS ND1   HD1    sing N N 188 
HIS CD2   NE2    sing Y N 189 
HIS CD2   HD2    sing N N 190 
HIS CE1   NE2    sing Y N 191 
HIS CE1   HE1    sing N N 192 
HIS NE2   HE2    sing N N 193 
HIS OXT   HXT    sing N N 194 
HOH O     H1     sing N N 195 
HOH O     H2     sing N N 196 
ILE N     CA     sing N N 197 
ILE N     H      sing N N 198 
ILE N     H2     sing N N 199 
ILE CA    C      sing N N 200 
ILE CA    CB     sing N N 201 
ILE CA    HA     sing N N 202 
ILE C     O      doub N N 203 
ILE C     OXT    sing N N 204 
ILE CB    CG1    sing N N 205 
ILE CB    CG2    sing N N 206 
ILE CB    HB     sing N N 207 
ILE CG1   CD1    sing N N 208 
ILE CG1   HG12   sing N N 209 
ILE CG1   HG13   sing N N 210 
ILE CG2   HG21   sing N N 211 
ILE CG2   HG22   sing N N 212 
ILE CG2   HG23   sing N N 213 
ILE CD1   HD11   sing N N 214 
ILE CD1   HD12   sing N N 215 
ILE CD1   HD13   sing N N 216 
ILE OXT   HXT    sing N N 217 
LEU N     CA     sing N N 218 
LEU N     H      sing N N 219 
LEU N     H2     sing N N 220 
LEU CA    C      sing N N 221 
LEU CA    CB     sing N N 222 
LEU CA    HA     sing N N 223 
LEU C     O      doub N N 224 
LEU C     OXT    sing N N 225 
LEU CB    CG     sing N N 226 
LEU CB    HB2    sing N N 227 
LEU CB    HB3    sing N N 228 
LEU CG    CD1    sing N N 229 
LEU CG    CD2    sing N N 230 
LEU CG    HG     sing N N 231 
LEU CD1   HD11   sing N N 232 
LEU CD1   HD12   sing N N 233 
LEU CD1   HD13   sing N N 234 
LEU CD2   HD21   sing N N 235 
LEU CD2   HD22   sing N N 236 
LEU CD2   HD23   sing N N 237 
LEU OXT   HXT    sing N N 238 
LYS N     CA     sing N N 239 
LYS N     H      sing N N 240 
LYS N     H2     sing N N 241 
LYS CA    C      sing N N 242 
LYS CA    CB     sing N N 243 
LYS CA    HA     sing N N 244 
LYS C     O      doub N N 245 
LYS C     OXT    sing N N 246 
LYS CB    CG     sing N N 247 
LYS CB    HB2    sing N N 248 
LYS CB    HB3    sing N N 249 
LYS CG    CD     sing N N 250 
LYS CG    HG2    sing N N 251 
LYS CG    HG3    sing N N 252 
LYS CD    CE     sing N N 253 
LYS CD    HD2    sing N N 254 
LYS CD    HD3    sing N N 255 
LYS CE    NZ     sing N N 256 
LYS CE    HE2    sing N N 257 
LYS CE    HE3    sing N N 258 
LYS NZ    HZ1    sing N N 259 
LYS NZ    HZ2    sing N N 260 
LYS NZ    HZ3    sing N N 261 
LYS OXT   HXT    sing N N 262 
MET N     CA     sing N N 263 
MET N     H      sing N N 264 
MET N     H2     sing N N 265 
MET CA    C      sing N N 266 
MET CA    CB     sing N N 267 
MET CA    HA     sing N N 268 
MET C     O      doub N N 269 
MET C     OXT    sing N N 270 
MET CB    CG     sing N N 271 
MET CB    HB2    sing N N 272 
MET CB    HB3    sing N N 273 
MET CG    SD     sing N N 274 
MET CG    HG2    sing N N 275 
MET CG    HG3    sing N N 276 
MET SD    CE     sing N N 277 
MET CE    HE1    sing N N 278 
MET CE    HE2    sing N N 279 
MET CE    HE3    sing N N 280 
MET OXT   HXT    sing N N 281 
PHE N     CA     sing N N 282 
PHE N     H      sing N N 283 
PHE N     H2     sing N N 284 
PHE CA    C      sing N N 285 
PHE CA    CB     sing N N 286 
PHE CA    HA     sing N N 287 
PHE C     O      doub N N 288 
PHE C     OXT    sing N N 289 
PHE CB    CG     sing N N 290 
PHE CB    HB2    sing N N 291 
PHE CB    HB3    sing N N 292 
PHE CG    CD1    doub Y N 293 
PHE CG    CD2    sing Y N 294 
PHE CD1   CE1    sing Y N 295 
PHE CD1   HD1    sing N N 296 
PHE CD2   CE2    doub Y N 297 
PHE CD2   HD2    sing N N 298 
PHE CE1   CZ     doub Y N 299 
PHE CE1   HE1    sing N N 300 
PHE CE2   CZ     sing Y N 301 
PHE CE2   HE2    sing N N 302 
PHE CZ    HZ     sing N N 303 
PHE OXT   HXT    sing N N 304 
PRO N     CA     sing N N 305 
PRO N     CD     sing N N 306 
PRO N     H      sing N N 307 
PRO CA    C      sing N N 308 
PRO CA    CB     sing N N 309 
PRO CA    HA     sing N N 310 
PRO C     O      doub N N 311 
PRO C     OXT    sing N N 312 
PRO CB    CG     sing N N 313 
PRO CB    HB2    sing N N 314 
PRO CB    HB3    sing N N 315 
PRO CG    CD     sing N N 316 
PRO CG    HG2    sing N N 317 
PRO CG    HG3    sing N N 318 
PRO CD    HD2    sing N N 319 
PRO CD    HD3    sing N N 320 
PRO OXT   HXT    sing N N 321 
SER N     CA     sing N N 322 
SER N     H      sing N N 323 
SER N     H2     sing N N 324 
SER CA    C      sing N N 325 
SER CA    CB     sing N N 326 
SER CA    HA     sing N N 327 
SER C     O      doub N N 328 
SER C     OXT    sing N N 329 
SER CB    OG     sing N N 330 
SER CB    HB2    sing N N 331 
SER CB    HB3    sing N N 332 
SER OG    HG     sing N N 333 
SER OXT   HXT    sing N N 334 
THR N     CA     sing N N 335 
THR N     H      sing N N 336 
THR N     H2     sing N N 337 
THR CA    C      sing N N 338 
THR CA    CB     sing N N 339 
THR CA    HA     sing N N 340 
THR C     O      doub N N 341 
THR C     OXT    sing N N 342 
THR CB    OG1    sing N N 343 
THR CB    CG2    sing N N 344 
THR CB    HB     sing N N 345 
THR OG1   HG1    sing N N 346 
THR CG2   HG21   sing N N 347 
THR CG2   HG22   sing N N 348 
THR CG2   HG23   sing N N 349 
THR OXT   HXT    sing N N 350 
TRP N     CA     sing N N 351 
TRP N     H      sing N N 352 
TRP N     H2     sing N N 353 
TRP CA    C      sing N N 354 
TRP CA    CB     sing N N 355 
TRP CA    HA     sing N N 356 
TRP C     O      doub N N 357 
TRP C     OXT    sing N N 358 
TRP CB    CG     sing N N 359 
TRP CB    HB2    sing N N 360 
TRP CB    HB3    sing N N 361 
TRP CG    CD1    doub Y N 362 
TRP CG    CD2    sing Y N 363 
TRP CD1   NE1    sing Y N 364 
TRP CD1   HD1    sing N N 365 
TRP CD2   CE2    doub Y N 366 
TRP CD2   CE3    sing Y N 367 
TRP NE1   CE2    sing Y N 368 
TRP NE1   HE1    sing N N 369 
TRP CE2   CZ2    sing Y N 370 
TRP CE3   CZ3    doub Y N 371 
TRP CE3   HE3    sing N N 372 
TRP CZ2   CH2    doub Y N 373 
TRP CZ2   HZ2    sing N N 374 
TRP CZ3   CH2    sing Y N 375 
TRP CZ3   HZ3    sing N N 376 
TRP CH2   HH2    sing N N 377 
TRP OXT   HXT    sing N N 378 
TYR N     CA     sing N N 379 
TYR N     H      sing N N 380 
TYR N     H2     sing N N 381 
TYR CA    C      sing N N 382 
TYR CA    CB     sing N N 383 
TYR CA    HA     sing N N 384 
TYR C     O      doub N N 385 
TYR C     OXT    sing N N 386 
TYR CB    CG     sing N N 387 
TYR CB    HB2    sing N N 388 
TYR CB    HB3    sing N N 389 
TYR CG    CD1    doub Y N 390 
TYR CG    CD2    sing Y N 391 
TYR CD1   CE1    sing Y N 392 
TYR CD1   HD1    sing N N 393 
TYR CD2   CE2    doub Y N 394 
TYR CD2   HD2    sing N N 395 
TYR CE1   CZ     doub Y N 396 
TYR CE1   HE1    sing N N 397 
TYR CE2   CZ     sing Y N 398 
TYR CE2   HE2    sing N N 399 
TYR CZ    OH     sing N N 400 
TYR OH    HH     sing N N 401 
TYR OXT   HXT    sing N N 402 
VAL N     CA     sing N N 403 
VAL N     H      sing N N 404 
VAL N     H2     sing N N 405 
VAL CA    C      sing N N 406 
VAL CA    CB     sing N N 407 
VAL CA    HA     sing N N 408 
VAL C     O      doub N N 409 
VAL C     OXT    sing N N 410 
VAL CB    CG1    sing N N 411 
VAL CB    CG2    sing N N 412 
VAL CB    HB     sing N N 413 
VAL CG1   HG11   sing N N 414 
VAL CG1   HG12   sing N N 415 
VAL CG1   HG13   sing N N 416 
VAL CG2   HG21   sing N N 417 
VAL CG2   HG22   sing N N 418 
VAL CG2   HG23   sing N N 419 
VAL OXT   HXT    sing N N 420 
# 
_pdbx_audit_support.funding_organization   'National Natural Science Foundation of China (NSFC)' 
_pdbx_audit_support.country                China 
_pdbx_audit_support.grant_number           ? 
_pdbx_audit_support.ordinal                1 
# 
_pdbx_initial_refinement_model.id               1 
_pdbx_initial_refinement_model.entity_id_list   ? 
_pdbx_initial_refinement_model.type             'experimental model' 
_pdbx_initial_refinement_model.source_name      PDB 
_pdbx_initial_refinement_model.accession_code   1FTN 
_pdbx_initial_refinement_model.details          ? 
# 
_atom_sites.entry_id                    8ZNY 
_atom_sites.Cartn_transf_matrix[1][1]   ? 
_atom_sites.Cartn_transf_matrix[1][2]   ? 
_atom_sites.Cartn_transf_matrix[1][3]   ? 
_atom_sites.Cartn_transf_matrix[2][1]   ? 
_atom_sites.Cartn_transf_matrix[2][2]   ? 
_atom_sites.Cartn_transf_matrix[2][3]   ? 
_atom_sites.Cartn_transf_matrix[3][1]   ? 
_atom_sites.Cartn_transf_matrix[3][2]   ? 
_atom_sites.Cartn_transf_matrix[3][3]   ? 
_atom_sites.Cartn_transf_vector[1]      ? 
_atom_sites.Cartn_transf_vector[2]      ? 
_atom_sites.Cartn_transf_vector[3]      ? 
_atom_sites.Cartn_transform_axes        ? 
_atom_sites.fract_transf_matrix[1][1]   -0.00841193 
_atom_sites.fract_transf_matrix[1][2]   -0.01308085 
_atom_sites.fract_transf_matrix[1][3]   0.02694832 
_atom_sites.fract_transf_matrix[2][1]   0.01441945 
_atom_sites.fract_transf_matrix[2][2]   -0.00572605 
_atom_sites.fract_transf_matrix[2][3]   0.00172158 
_atom_sites.fract_transf_matrix[3][1]   0.00329408 
_atom_sites.fract_transf_matrix[3][2]   0.01007469 
_atom_sites.fract_transf_matrix[3][3]   0.00591856 
_atom_sites.fract_transf_vector[1]      -0.378748 
_atom_sites.fract_transf_vector[2]      -0.030154 
_atom_sites.fract_transf_vector[3]      0.106230 
_atom_sites.solution_primary            ? 
_atom_sites.solution_secondary          ? 
_atom_sites.solution_hydrogens          ? 
_atom_sites.special_details             ? 
# 
loop_
_atom_type.symbol 
C  
MG 
N  
O  
P  
S  
# 
loop_
_atom_site.group_PDB 
_atom_site.id 
_atom_site.type_symbol 
_atom_site.label_atom_id 
_atom_site.label_alt_id 
_atom_site.label_comp_id 
_atom_site.label_asym_id 
_atom_site.label_entity_id 
_atom_site.label_seq_id 
_atom_site.pdbx_PDB_ins_code 
_atom_site.Cartn_x 
_atom_site.Cartn_y 
_atom_site.Cartn_z 
_atom_site.occupancy 
_atom_site.B_iso_or_equiv 
_atom_site.pdbx_formal_charge 
_atom_site.auth_seq_id 
_atom_site.auth_comp_id 
_atom_site.auth_asym_id 
_atom_site.auth_atom_id 
_atom_site.pdbx_PDB_model_num 
ATOM   1    N  N     . ALA A 1 4   ? -5.952  -20.326 -13.265 1.00 41.71 ?  3   ALA A N     1 
ATOM   2    C  CA    . ALA A 1 4   ? -5.665  -18.931 -12.951 1.00 43.39 ?  3   ALA A CA    1 
ATOM   3    C  C     . ALA A 1 4   ? -4.162  -18.690 -12.826 1.00 40.85 ?  3   ALA A C     1 
ATOM   4    O  O     . ALA A 1 4   ? -3.410  -19.568 -12.395 1.00 40.80 ?  3   ALA A O     1 
ATOM   5    C  CB    . ALA A 1 4   ? -6.372  -18.512 -11.670 1.00 40.66 ?  3   ALA A CB    1 
ATOM   6    N  N     . ILE A 1 5   ? -3.734  -17.488 -13.214 1.00 37.66 ?  4   ILE A N     1 
ATOM   7    C  CA    . ILE A 1 5   ? -2.366  -17.054 -12.967 1.00 34.90 ?  4   ILE A CA    1 
ATOM   8    C  C     . ILE A 1 5   ? -2.204  -16.752 -11.482 1.00 29.31 ?  4   ILE A C     1 
ATOM   9    O  O     . ILE A 1 5   ? -3.061  -16.108 -10.872 1.00 36.31 ?  4   ILE A O     1 
ATOM   10   C  CB    . ILE A 1 5   ? -2.046  -15.822 -13.829 1.00 29.56 ?  4   ILE A CB    1 
ATOM   11   C  CG1   . ILE A 1 5   ? -2.193  -16.162 -15.320 1.00 33.99 ?  4   ILE A CG1   1 
ATOM   12   C  CG2   . ILE A 1 5   ? -0.656  -15.298 -13.520 1.00 29.84 ?  4   ILE A CG2   1 
ATOM   13   C  CD1   . ILE A 1 5   ? -2.367  -14.955 -16.200 1.00 38.46 ?  4   ILE A CD1   1 
ATOM   14   N  N     . ARG A 1 6   ? -1.106  -17.211 -10.886 1.00 27.27 ?  5   ARG A N     1 
ATOM   15   C  CA    . ARG A 1 6   ? -0.890  -17.059 -9.451  1.00 27.58 ?  5   ARG A CA    1 
ATOM   16   C  C     . ARG A 1 6   ? 0.259   -16.095 -9.182  1.00 25.58 ?  5   ARG A C     1 
ATOM   17   O  O     . ARG A 1 6   ? 1.370   -16.296 -9.685  1.00 25.04 ?  5   ARG A O     1 
ATOM   18   C  CB    . ARG A 1 6   ? -0.610  -18.408 -8.796  1.00 32.45 ?  5   ARG A CB    1 
ATOM   19   C  CG    . ARG A 1 6   ? -1.723  -19.415 -9.025  1.00 37.65 ?  5   ARG A CG    1 
ATOM   20   C  CD    . ARG A 1 6   ? -1.621  -20.560 -8.037  1.00 41.73 ?  5   ARG A CD    1 
ATOM   21   N  NE    . ARG A 1 6   ? -2.855  -20.716 -7.278  1.00 46.02 ?  5   ARG A NE    1 
ATOM   22   C  CZ    . ARG A 1 6   ? -2.953  -21.408 -6.152  1.00 41.25 ?  5   ARG A CZ    1 
ATOM   23   N  NH1   . ARG A 1 6   ? -1.905  -22.018 -5.626  1.00 43.07 ?  5   ARG A NH1   1 
ATOM   24   N  NH2   . ARG A 1 6   ? -4.130  -21.483 -5.537  1.00 49.63 ?  5   ARG A NH2   1 
ATOM   25   N  N     . LYS A 1 7   ? -0.008  -15.065 -8.372  1.00 23.97 ?  6   LYS A N     1 
ATOM   26   C  CA    . LYS A 1 7   ? 0.972   -14.023 -8.079  1.00 19.64 ?  6   LYS A CA    1 
ATOM   27   C  C     . LYS A 1 7   ? 0.956   -13.715 -6.586  1.00 19.72 ?  6   LYS A C     1 
ATOM   28   O  O     . LYS A 1 7   ? -0.104  -13.715 -5.953  1.00 21.01 ?  6   LYS A O     1 
ATOM   29   C  CB    . LYS A 1 7   ? 0.694   -12.731 -8.876  1.00 19.80 ?  6   LYS A CB    1 
ATOM   30   C  CG    . LYS A 1 7   ? 0.825   -12.868 -10.384 1.00 25.24 ?  6   LYS A CG    1 
ATOM   31   C  CD    . LYS A 1 7   ? 2.262   -13.110 -10.817 1.00 23.20 ?  6   LYS A CD    1 
ATOM   32   C  CE    . LYS A 1 7   ? 2.325   -13.356 -12.331 1.00 26.95 ?  6   LYS A CE    1 
ATOM   33   N  NZ    . LYS A 1 7   ? 3.721   -13.505 -12.834 1.00 30.64 ?  6   LYS A NZ    1 
ATOM   34   N  N     . LYS A 1 8   ? 2.134   -13.447 -6.035  1.00 17.02 ?  7   LYS A N     1 
ATOM   35   C  CA    . LYS A 1 8   ? 2.293   -13.084 -4.633  1.00 18.18 ?  7   LYS A CA    1 
ATOM   36   C  C     . LYS A 1 8   ? 2.506   -11.578 -4.494  1.00 19.85 ?  7   LYS A C     1 
ATOM   37   O  O     . LYS A 1 8   ? 3.393   -11.010 -5.136  1.00 18.24 ?  7   LYS A O     1 
ATOM   38   C  CB    . LYS A 1 8   ? 3.475   -13.834 -4.020  1.00 20.13 ?  7   LYS A CB    1 
ATOM   39   C  CG    . LYS A 1 8   ? 3.856   -13.370 -2.632  1.00 19.81 ?  7   LYS A CG    1 
ATOM   40   C  CD    . LYS A 1 8   ? 4.951   -14.235 -2.028  1.00 19.78 ?  7   LYS A CD    1 
ATOM   41   C  CE    . LYS A 1 8   ? 5.498   -13.593 -0.780  1.00 20.27 ?  7   LYS A CE    1 
ATOM   42   N  NZ    . LYS A 1 8   ? 6.384   -14.492 0.036   1.00 22.72 ?  7   LYS A NZ    1 
ATOM   43   N  N     . LEU A 1 9   ? 1.703   -10.951 -3.637  1.00 18.07 ?  8   LEU A N     1 
ATOM   44   C  CA    . LEU A 1 9   ? 1.782   -9.525  -3.327  1.00 18.49 ?  8   LEU A CA    1 
ATOM   45   C  C     . LEU A 1 9   ? 2.160   -9.373  -1.861  1.00 20.95 ?  8   LEU A C     1 
ATOM   46   O  O     . LEU A 1 9   ? 1.594   -10.056 -1.000  1.00 18.54 ?  8   LEU A O     1 
ATOM   47   C  CB    . LEU A 1 9   ? 0.436   -8.830  -3.603  1.00 16.94 ?  8   LEU A CB    1 
ATOM   48   C  CG    . LEU A 1 9   ? 0.286   -7.316  -3.344  1.00 16.76 ?  8   LEU A CG    1 
ATOM   49   C  CD1   . LEU A 1 9   ? -0.836  -6.743  -4.210  1.00 19.26 ?  8   LEU A CD1   1 
ATOM   50   C  CD2   . LEU A 1 9   ? 0.009   -7.006  -1.848  1.00 18.23 ?  8   LEU A CD2   1 
ATOM   51   N  N     . VAL A 1 10  ? 3.103   -8.477  -1.577  1.00 16.78 ?  9   VAL A N     1 
ATOM   52   C  CA    . VAL A 1 10  ? 3.503   -8.140  -0.213  1.00 16.54 ?  9   VAL A CA    1 
ATOM   53   C  C     . VAL A 1 10  ? 3.269   -6.649  -0.010  1.00 17.22 ?  9   VAL A C     1 
ATOM   54   O  O     . VAL A 1 10  ? 3.624   -5.841  -0.873  1.00 19.17 ?  9   VAL A O     1 
ATOM   55   C  CB    . VAL A 1 10  ? 4.980   -8.493  0.047   1.00 18.39 ?  9   VAL A CB    1 
ATOM   56   C  CG1   . VAL A 1 10  ? 5.442   -7.981  1.410   1.00 21.17 ?  9   VAL A CG1   1 
ATOM   57   C  CG2   . VAL A 1 10  ? 5.199   -10.008 -0.104  1.00 19.00 ?  9   VAL A CG2   1 
ATOM   58   N  N     . ILE A 1 11  ? 2.671   -6.277  1.122   1.00 17.45 ?  10  ILE A N     1 
ATOM   59   C  CA    . ILE A 1 11  ? 2.390   -4.874  1.427   1.00 17.46 ?  10  ILE A CA    1 
ATOM   60   C  C     . ILE A 1 11  ? 3.261   -4.447  2.605   1.00 18.35 ?  10  ILE A C     1 
ATOM   61   O  O     . ILE A 1 11  ? 3.363   -5.171  3.603   1.00 17.18 ?  10  ILE A O     1 
ATOM   62   C  CB    . ILE A 1 11  ? 0.888   -4.641  1.695   1.00 15.85 ?  10  ILE A CB    1 
ATOM   63   C  CG1   . ILE A 1 11  ? 0.592   -3.156  1.898   1.00 15.49 ?  10  ILE A CG1   1 
ATOM   64   C  CG2   . ILE A 1 11  ? 0.388   -5.449  2.913   1.00 15.55 ?  10  ILE A CG2   1 
ATOM   65   C  CD1   . ILE A 1 11  ? -0.890  -2.796  1.839   1.00 16.93 ?  10  ILE A CD1   1 
ATOM   66   N  N     . VAL A 1 12  ? 3.925   -3.287  2.471   1.00 16.23 ?  11  VAL A N     1 
ATOM   67   C  CA    . VAL A 1 12  ? 4.848   -2.776  3.485   1.00 17.95 ?  11  VAL A CA    1 
ATOM   68   C  C     . VAL A 1 12  ? 4.619   -1.284  3.684   1.00 20.33 ?  11  VAL A C     1 
ATOM   69   O  O     . VAL A 1 12  ? 4.019   -0.608  2.850   1.00 19.68 ?  11  VAL A O     1 
ATOM   70   C  CB    . VAL A 1 12  ? 6.338   -3.011  3.132   1.00 20.45 ?  11  VAL A CB    1 
ATOM   71   C  CG1   . VAL A 1 12  ? 6.635   -4.504  2.958   1.00 21.09 ?  11  VAL A CG1   1 
ATOM   72   C  CG2   . VAL A 1 12  ? 6.718   -2.220  1.875   1.00 19.86 ?  11  VAL A CG2   1 
ATOM   73   N  N     . GLY A 1 13  ? 5.125   -0.774  4.796   1.00 17.10 ?  12  GLY A N     1 
ATOM   74   C  CA    . GLY A 1 13  ? 5.006   0.635   5.133   1.00 18.31 ?  12  GLY A CA    1 
ATOM   75   C  C     . GLY A 1 13  ? 4.886   0.807   6.634   1.00 19.01 ?  12  GLY A C     1 
ATOM   76   O  O     . GLY A 1 13  ? 4.718   -0.153  7.384   1.00 19.12 ?  12  GLY A O     1 
ATOM   77   N  N     . ASP A 1 14  ? 4.988   2.066   7.067   1.00 18.40 ?  13  ASP A N     1 
ATOM   78   C  CA    . ASP A 1 14  ? 4.942   2.401   8.492   1.00 18.97 ?  13  ASP A CA    1 
ATOM   79   C  C     . ASP A 1 14  ? 3.710   1.819   9.176   1.00 22.77 ?  13  ASP A C     1 
ATOM   80   O  O     . ASP A 1 14  ? 2.632   1.701   8.582   1.00 21.25 ?  13  ASP A O     1 
ATOM   81   C  CB    . ASP A 1 14  ? 4.944   3.921   8.681   1.00 21.90 ?  13  ASP A CB    1 
ATOM   82   C  CG    . ASP A 1 14  ? 6.322   4.528   8.534   1.00 25.50 ?  13  ASP A CG    1 
ATOM   83   O  OD1   . ASP A 1 14  ? 7.274   3.790   8.195   1.00 25.21 ?  13  ASP A OD1   1 
ATOM   84   O  OD2   . ASP A 1 14  ? 6.450   5.750   8.783   1.00 26.74 ?  13  ASP A OD2   1 
ATOM   85   N  N     . GLY A 1 15  ? 3.870   1.462   10.449  1.00 22.32 ?  14  GLY A N     1 
ATOM   86   C  CA    . GLY A 1 15  ? 2.727   1.022   11.227  1.00 22.28 ?  14  GLY A CA    1 
ATOM   87   C  C     . GLY A 1 15  ? 1.651   2.092   11.277  1.00 19.20 ?  14  GLY A C     1 
ATOM   88   O  O     . GLY A 1 15  ? 1.937   3.294   11.331  1.00 22.90 ?  14  GLY A O     1 
ATOM   89   N  N     . ALA A 1 16  ? 0.404   1.636   11.210  1.00 18.72 ?  15  ALA A N     1 
ATOM   90   C  CA    . ALA A 1 16  ? -0.827  2.412   11.296  1.00 17.92 ?  15  ALA A CA    1 
ATOM   91   C  C     . ALA A 1 16  ? -1.102  3.243   10.052  1.00 19.49 ?  15  ALA A C     1 
ATOM   92   O  O     . ALA A 1 16  ? -1.977  4.106   10.088  1.00 20.96 ?  15  ALA A O     1 
ATOM   93   C  CB    . ALA A 1 16  ? -0.865  3.331   12.525  1.00 21.82 ?  15  ALA A CB    1 
ATOM   94   N  N     A CYS A 1 17  ? -0.391  3.008   8.949   0.68 19.10 ?  16  CYS A N     1 
ATOM   95   N  N     B CYS A 1 17  ? -0.398  3.000   8.949   0.32 19.12 ?  16  CYS A N     1 
ATOM   96   C  CA    A CYS A 1 17  ? -0.663  3.743   7.717   0.68 19.67 ?  16  CYS A CA    1 
ATOM   97   C  CA    B CYS A 1 17  ? -0.691  3.748   7.732   0.32 19.67 ?  16  CYS A CA    1 
ATOM   98   C  C     A CYS A 1 17  ? -1.748  3.085   6.863   0.68 19.40 ?  16  CYS A C     1 
ATOM   99   C  C     B CYS A 1 17  ? -1.890  3.207   6.973   0.32 19.45 ?  16  CYS A C     1 
ATOM   100  O  O     A CYS A 1 17  ? -1.950  3.502   5.722   0.68 19.34 ?  16  CYS A O     1 
ATOM   101  O  O     B CYS A 1 17  ? -2.309  3.832   5.992   0.32 18.68 ?  16  CYS A O     1 
ATOM   102  C  CB    A CYS A 1 17  ? 0.626   3.929   6.897   0.68 20.00 ?  16  CYS A CB    1 
ATOM   103  C  CB    B CYS A 1 17  ? 0.523   3.764   6.810   0.32 19.97 ?  16  CYS A CB    1 
ATOM   104  S  SG    A CYS A 1 17  ? 1.143   2.529   5.868   0.68 20.06 ?  16  CYS A SG    1 
ATOM   105  S  SG    B CYS A 1 17  ? 1.788   4.843   7.423   0.32 24.38 ?  16  CYS A SG    1 
ATOM   106  N  N     . GLY A 1 18  ? -2.450  2.084   7.391   1.00 18.15 ?  17  GLY A N     1 
ATOM   107  C  CA    . GLY A 1 18  ? -3.619  1.520   6.741   1.00 17.83 ?  17  GLY A CA    1 
ATOM   108  C  C     . GLY A 1 18  ? -3.432  0.254   5.896   1.00 16.15 ?  17  GLY A C     1 
ATOM   109  O  O     . GLY A 1 18  ? -4.319  -0.060  5.092   1.00 17.34 ?  17  GLY A O     1 
ATOM   110  N  N     . LYS A 1 19  ? -2.335  -0.485  6.079   1.00 15.91 ?  18  LYS A N     1 
ATOM   111  C  CA    . LYS A 1 19  ? -2.064  -1.673  5.269   1.00 16.08 ?  18  LYS A CA    1 
ATOM   112  C  C     . LYS A 1 19  ? -3.127  -2.750  5.452   1.00 18.94 ?  18  LYS A C     1 
ATOM   113  O  O     . LYS A 1 19  ? -3.664  -3.286  4.471   1.00 17.13 ?  18  LYS A O     1 
ATOM   114  C  CB    . LYS A 1 19  ? -0.685  -2.224  5.625   1.00 19.27 ?  18  LYS A CB    1 
ATOM   115  C  CG    . LYS A 1 19  ? 0.450   -1.213  5.440   1.00 16.93 ?  18  LYS A CG    1 
ATOM   116  C  CD    . LYS A 1 19  ? 1.814   -1.859  5.710   1.00 19.38 ?  18  LYS A CD    1 
ATOM   117  C  CE    . LYS A 1 19  ? 1.950   -2.273  7.171   1.00 20.09 ?  18  LYS A CE    1 
ATOM   118  N  NZ    . LYS A 1 19  ? 1.907   -1.070  8.075   1.00 20.05 ?  18  LYS A NZ    1 
ATOM   119  N  N     . THR A 1 20  ? -3.403  -3.127  6.703   1.00 18.40 ?  19  THR A N     1 
ATOM   120  C  CA    . THR A 1 20  ? -4.318  -4.234  6.956   1.00 17.46 ?  19  THR A CA    1 
ATOM   121  C  C     . THR A 1 20  ? -5.726  -3.908  6.486   1.00 18.84 ?  19  THR A C     1 
ATOM   122  O  O     . THR A 1 20  ? -6.381  -4.745  5.849   1.00 17.31 ?  19  THR A O     1 
ATOM   123  C  CB    . THR A 1 20  ? -4.289  -4.583  8.443   1.00 15.39 ?  19  THR A CB    1 
ATOM   124  O  OG1   . THR A 1 20  ? -2.955  -5.003  8.771   1.00 17.59 ?  19  THR A OG1   1 
ATOM   125  C  CG2   . THR A 1 20  ? -5.286  -5.706  8.769   1.00 18.67 ?  19  THR A CG2   1 
ATOM   126  N  N     . CYS A 1 21  ? -6.193  -2.684  6.751   1.00 18.08 ?  20  CYS A N     1 
ATOM   127  C  CA    . CYS A 1 21  ? -7.520  -2.284  6.292   1.00 18.30 ?  20  CYS A CA    1 
ATOM   128  C  C     . CYS A 1 21  ? -7.614  -2.271  4.772   1.00 18.95 ?  20  CYS A C     1 
ATOM   129  O  O     . CYS A 1 21  ? -8.653  -2.628  4.216   1.00 19.83 ?  20  CYS A O     1 
ATOM   130  C  CB    . CYS A 1 21  ? -7.876  -0.911  6.854   1.00 20.64 ?  20  CYS A CB    1 
ATOM   131  S  SG    . CYS A 1 21  ? -8.310  -0.977  8.621   1.00 21.06 ?  20  CYS A SG    1 
ATOM   132  N  N     . LEU A 1 22  ? -6.543  -1.862  4.082   1.00 18.00 ?  21  LEU A N     1 
ATOM   133  C  CA    . LEU A 1 22  ? -6.558  -1.886  2.620   1.00 18.65 ?  21  LEU A CA    1 
ATOM   134  C  C     . LEU A 1 22  ? -6.726  -3.310  2.095   1.00 19.49 ?  21  LEU A C     1 
ATOM   135  O  O     . LEU A 1 22  ? -7.532  -3.564  1.189   1.00 19.37 ?  21  LEU A O     1 
ATOM   136  C  CB    . LEU A 1 22  ? -5.271  -1.251  2.071   1.00 15.85 ?  21  LEU A CB    1 
ATOM   137  C  CG    . LEU A 1 22  ? -5.118  -1.220  0.549   1.00 19.67 ?  21  LEU A CG    1 
ATOM   138  C  CD1   . LEU A 1 22  ? -6.312  -0.520  -0.080  1.00 20.18 ?  21  LEU A CD1   1 
ATOM   139  C  CD2   . LEU A 1 22  ? -3.807  -0.514  0.145   1.00 18.19 ?  21  LEU A CD2   1 
ATOM   140  N  N     . LEU A 1 23  ? -5.958  -4.257  2.646   1.00 18.07 ?  22  LEU A N     1 
ATOM   141  C  CA    . LEU A 1 23  ? -6.083  -5.652  2.227   1.00 17.14 ?  22  LEU A CA    1 
ATOM   142  C  C     . LEU A 1 23  ? -7.473  -6.201  2.518   1.00 20.94 ?  22  LEU A C     1 
ATOM   143  O  O     . LEU A 1 23  ? -8.034  -6.950  1.710   1.00 21.41 ?  22  LEU A O     1 
ATOM   144  C  CB    . LEU A 1 23  ? -5.050  -6.519  2.944   1.00 17.81 ?  22  LEU A CB    1 
ATOM   145  C  CG    . LEU A 1 23  ? -3.566  -6.289  2.685   1.00 19.21 ?  22  LEU A CG    1 
ATOM   146  C  CD1   . LEU A 1 23  ? -2.779  -7.415  3.376   1.00 18.19 ?  22  LEU A CD1   1 
ATOM   147  C  CD2   . LEU A 1 23  ? -3.291  -6.260  1.193   1.00 18.31 ?  22  LEU A CD2   1 
ATOM   148  N  N     . ILE A 1 24  ? -8.032  -5.866  3.682   1.00 18.40 ?  23  ILE A N     1 
ATOM   149  C  CA    . ILE A 1 24  ? -9.314  -6.450  4.062   1.00 20.82 ?  23  ILE A CA    1 
ATOM   150  C  C     . ILE A 1 24  ? -10.443 -5.861  3.230   1.00 21.32 ?  23  ILE A C     1 
ATOM   151  O  O     . ILE A 1 24  ? -11.352 -6.581  2.800   1.00 22.85 ?  23  ILE A O     1 
ATOM   152  C  CB    . ILE A 1 24  ? -9.560  -6.270  5.569   1.00 21.19 ?  23  ILE A CB    1 
ATOM   153  C  CG1   . ILE A 1 24  ? -8.589  -7.152  6.345   1.00 20.72 ?  23  ILE A CG1   1 
ATOM   154  C  CG2   . ILE A 1 24  ? -11.012 -6.639  5.926   1.00 22.49 ?  23  ILE A CG2   1 
ATOM   155  C  CD1   . ILE A 1 24  ? -8.620  -6.931  7.831   1.00 20.34 ?  23  ILE A CD1   1 
ATOM   156  N  N     . VAL A 1 25  ? -10.399 -4.553  2.967   1.00 19.76 ?  24  VAL A N     1 
ATOM   157  C  CA    . VAL A 1 25  ? -11.439 -3.953  2.136   1.00 21.13 ?  24  VAL A CA    1 
ATOM   158  C  C     . VAL A 1 25  ? -11.363 -4.485  0.706   1.00 24.51 ?  24  VAL A C     1 
ATOM   159  O  O     . VAL A 1 25  ? -12.394 -4.750  0.076   1.00 22.65 ?  24  VAL A O     1 
ATOM   160  C  CB    . VAL A 1 25  ? -11.355 -2.416  2.204   1.00 22.04 ?  24  VAL A CB    1 
ATOM   161  C  CG1   . VAL A 1 25  ? -12.230 -1.777  1.146   1.00 23.31 ?  24  VAL A CG1   1 
ATOM   162  C  CG2   . VAL A 1 25  ? -11.804 -1.942  3.586   1.00 21.38 ?  24  VAL A CG2   1 
ATOM   163  N  N     . PHE A 1 26  ? -10.153 -4.700  0.177   1.00 20.42 ?  25  PHE A N     1 
ATOM   164  C  CA    . PHE A 1 26  ? -10.057 -5.273  -1.165  1.00 21.41 ?  25  PHE A CA    1 
ATOM   165  C  C     . PHE A 1 26  ? -10.589 -6.701  -1.195  1.00 24.97 ?  25  PHE A C     1 
ATOM   166  O  O     . PHE A 1 26  ? -11.388 -7.057  -2.072  1.00 26.80 ?  25  PHE A O     1 
ATOM   167  C  CB    . PHE A 1 26  ? -8.611  -5.226  -1.676  1.00 20.66 ?  25  PHE A CB    1 
ATOM   168  C  CG    . PHE A 1 26  ? -8.398  -5.994  -2.957  1.00 21.48 ?  25  PHE A CG    1 
ATOM   169  C  CD1   . PHE A 1 26  ? -9.004  -5.582  -4.139  1.00 27.02 ?  25  PHE A CD1   1 
ATOM   170  C  CD2   . PHE A 1 26  ? -7.599  -7.133  -2.978  1.00 22.71 ?  25  PHE A CD2   1 
ATOM   171  C  CE1   . PHE A 1 26  ? -8.827  -6.303  -5.318  1.00 25.31 ?  25  PHE A CE1   1 
ATOM   172  C  CE2   . PHE A 1 26  ? -7.398  -7.846  -4.157  1.00 25.92 ?  25  PHE A CE2   1 
ATOM   173  C  CZ    . PHE A 1 26  ? -8.019  -7.433  -5.324  1.00 27.14 ?  25  PHE A CZ    1 
ATOM   174  N  N     . SER A 1 27  ? -10.183 -7.532  -0.234  1.00 22.47 ?  26  SER A N     1 
ATOM   175  C  CA    . SER A 1 27  ? -10.505 -8.952  -0.326  1.00 24.29 ?  26  SER A CA    1 
ATOM   176  C  C     . SER A 1 27  ? -11.897 -9.286  0.211   1.00 26.10 ?  26  SER A C     1 
ATOM   177  O  O     . SER A 1 27  ? -12.511 -10.248 -0.263  1.00 28.79 ?  26  SER A O     1 
ATOM   178  C  CB    . SER A 1 27  ? -9.435  -9.780  0.395   1.00 27.48 ?  26  SER A CB    1 
ATOM   179  O  OG    . SER A 1 27  ? -9.355  -9.454  1.769   1.00 28.25 ?  26  SER A OG    1 
ATOM   180  N  N     . LYS A 1 28  ? -12.419 -8.518  1.179   1.00 26.37 ?  27  LYS A N     1 
ATOM   181  C  CA    . LYS A 1 28  ? -13.721 -8.811  1.776   1.00 27.58 ?  27  LYS A CA    1 
ATOM   182  C  C     . LYS A 1 28  ? -14.795 -7.778  1.462   1.00 30.06 ?  27  LYS A C     1 
ATOM   183  O  O     . LYS A 1 28  ? -15.967 -8.020  1.780   1.00 30.74 ?  27  LYS A O     1 
ATOM   184  C  CB    . LYS A 1 28  ? -13.594 -8.941  3.302   1.00 26.25 ?  27  LYS A CB    1 
ATOM   185  C  CG    . LYS A 1 28  ? -12.619 -10.014 3.761   1.00 28.90 ?  27  LYS A CG    1 
ATOM   186  C  CD    . LYS A 1 28  ? -13.080 -11.398 3.316   1.00 41.80 ?  27  LYS A CD    1 
ATOM   187  C  CE    . LYS A 1 28  ? -12.331 -12.511 4.063   1.00 48.06 ?  27  LYS A CE    1 
ATOM   188  N  NZ    . LYS A 1 28  ? -11.019 -12.874 3.438   1.00 48.76 ?  27  LYS A NZ    1 
ATOM   189  N  N     . ASP A 1 29  ? -14.432 -6.639  0.865   1.00 27.22 ?  28  ASP A N     1 
ATOM   190  C  CA    . ASP A 1 29  ? -15.358 -5.546  0.545   1.00 29.44 ?  28  ASP A CA    1 
ATOM   191  C  C     . ASP A 1 29  ? -16.028 -4.981  1.798   1.00 33.20 ?  28  ASP A C     1 
ATOM   192  O  O     . ASP A 1 29  ? -17.149 -4.472  1.738   1.00 32.58 ?  28  ASP A O     1 
ATOM   193  C  CB    . ASP A 1 29  ? -16.413 -5.982  -0.482  1.00 31.84 ?  28  ASP A CB    1 
ATOM   194  C  CG    . ASP A 1 29  ? -17.100 -4.801  -1.167  1.00 41.50 ?  28  ASP A CG    1 
ATOM   195  O  OD1   . ASP A 1 29  ? -16.494 -3.703  -1.254  1.00 38.05 ?  28  ASP A OD1   1 
ATOM   196  O  OD2   . ASP A 1 29  ? -18.257 -4.970  -1.611  1.00 44.17 ?  28  ASP A OD2   1 
ATOM   197  N  N     . GLN A 1 30  ? -15.348 -5.041  2.942   1.00 27.56 ?  29  GLN A N     1 
ATOM   198  C  CA    . GLN A 1 30  ? -15.918 -4.539  4.189   1.00 30.10 ?  29  GLN A CA    1 
ATOM   199  C  C     . GLN A 1 30  ? -14.813 -4.005  5.090   1.00 25.81 ?  29  GLN A C     1 
ATOM   200  O  O     . GLN A 1 30  ? -13.834 -4.708  5.339   1.00 30.11 ?  29  GLN A O     1 
ATOM   201  C  CB    . GLN A 1 30  ? -16.696 -5.644  4.913   1.00 30.37 ?  29  GLN A CB    1 
ATOM   202  C  CG    . GLN A 1 30  ? -17.466 -5.153  6.128   1.00 38.87 ?  29  GLN A CG    1 
ATOM   203  C  CD    . GLN A 1 30  ? -18.682 -4.312  5.763   1.00 46.43 ?  29  GLN A CD    1 
ATOM   204  O  OE1   . GLN A 1 30  ? -19.104 -4.270  4.602   1.00 48.37 ?  29  GLN A OE1   1 
ATOM   205  N  NE2   . GLN A 1 30  ? -19.256 -3.637  6.761   1.00 50.21 ?  29  GLN A NE2   1 
ATOM   206  N  N     . PHE A 1 31  ? -14.979 -2.777  5.589   1.00 24.13 ?  30  PHE A N     1 
ATOM   207  C  CA    . PHE A 1 31  ? -14.006 -2.218  6.531   1.00 25.04 ?  30  PHE A CA    1 
ATOM   208  C  C     . PHE A 1 31  ? -14.051 -3.006  7.838   1.00 27.88 ?  30  PHE A C     1 
ATOM   209  O  O     . PHE A 1 31  ? -15.143 -3.301  8.340   1.00 30.24 ?  30  PHE A O     1 
ATOM   210  C  CB    . PHE A 1 31  ? -14.289 -0.737  6.788   1.00 24.64 ?  30  PHE A CB    1 
ATOM   211  C  CG    . PHE A 1 31  ? -13.115 0.014   7.369   1.00 28.39 ?  30  PHE A CG    1 
ATOM   212  C  CD1   . PHE A 1 31  ? -12.941 0.099   8.738   1.00 24.70 ?  30  PHE A CD1   1 
ATOM   213  C  CD2   . PHE A 1 31  ? -12.187 0.637   6.543   1.00 24.70 ?  30  PHE A CD2   1 
ATOM   214  C  CE1   . PHE A 1 31  ? -11.859 0.788   9.281   1.00 26.08 ?  30  PHE A CE1   1 
ATOM   215  C  CE2   . PHE A 1 31  ? -11.099 1.336   7.080   1.00 20.58 ?  30  PHE A CE2   1 
ATOM   216  C  CZ    . PHE A 1 31  ? -10.936 1.408   8.450   1.00 22.96 ?  30  PHE A CZ    1 
ATOM   217  N  N     . PRO A 1 32  ? -12.906 -3.364  8.416   1.00 25.76 ?  31  PRO A N     1 
ATOM   218  C  CA    . PRO A 1 32  ? -12.920 -4.232  9.604   1.00 28.00 ?  31  PRO A CA    1 
ATOM   219  C  C     . PRO A 1 32  ? -13.508 -3.546  10.828  1.00 30.61 ?  31  PRO A C     1 
ATOM   220  O  O     . PRO A 1 32  ? -13.386 -2.334  11.019  1.00 30.09 ?  31  PRO A O     1 
ATOM   221  C  CB    . PRO A 1 32  ? -11.438 -4.562  9.834   1.00 30.13 ?  31  PRO A CB    1 
ATOM   222  C  CG    . PRO A 1 32  ? -10.682 -3.991  8.670   1.00 29.56 ?  31  PRO A CG    1 
ATOM   223  C  CD    . PRO A 1 32  ? -11.540 -2.964  8.023   1.00 26.17 ?  31  PRO A CD    1 
ATOM   224  N  N     . GLU A 1 33  ? -14.130 -4.361  11.683  1.00 33.29 ?  32  GLU A N     1 
ATOM   225  C  CA    . GLU A 1 33  ? -14.629 -3.911  12.971  1.00 37.15 ?  32  GLU A CA    1 
ATOM   226  C  C     . GLU A 1 33  ? -13.793 -4.417  14.140  1.00 37.41 ?  32  GLU A C     1 
ATOM   227  O  O     . GLU A 1 33  ? -13.918 -3.885  15.249  1.00 40.76 ?  32  GLU A O     1 
ATOM   228  C  CB    . GLU A 1 33  ? -16.090 -4.353  13.148  1.00 40.66 ?  32  GLU A CB    1 
ATOM   229  C  CG    . GLU A 1 33  ? -16.886 -4.310  11.841  1.00 45.70 ?  32  GLU A CG    1 
ATOM   230  C  CD    . GLU A 1 33  ? -18.328 -3.866  12.027  1.00 55.71 ?  32  GLU A CD    1 
ATOM   231  O  OE1   . GLU A 1 33  ? -18.579 -3.000  12.893  1.00 63.09 ?  32  GLU A OE1   1 
ATOM   232  O  OE2   . GLU A 1 33  ? -19.208 -4.382  11.303  1.00 56.31 ?  32  GLU A OE2   1 
ATOM   233  N  N     . VAL A 1 34  ? -12.938 -5.412  13.919  1.00 30.96 ?  33  VAL A N     1 
ATOM   234  C  CA    . VAL A 1 34  ? -12.031 -5.910  14.942  1.00 30.85 ?  33  VAL A CA    1 
ATOM   235  C  C     . VAL A 1 34  ? -10.603 -5.665  14.472  1.00 28.28 ?  33  VAL A C     1 
ATOM   236  O  O     . VAL A 1 34  ? -10.338 -5.502  13.277  1.00 30.15 ?  33  VAL A O     1 
ATOM   237  C  CB    . VAL A 1 34  ? -12.265 -7.399  15.249  1.00 32.34 ?  33  VAL A CB    1 
ATOM   238  C  CG1   . VAL A 1 34  ? -13.699 -7.603  15.710  1.00 34.77 ?  33  VAL A CG1   1 
ATOM   239  C  CG2   . VAL A 1 34  ? -11.976 -8.238  14.022  1.00 34.75 ?  33  VAL A CG2   1 
ATOM   240  N  N     . TYR A 1 35  ? -9.675  -5.635  15.431  1.00 27.70 ?  34  TYR A N     1 
ATOM   241  C  CA    . TYR A 1 35  ? -8.297  -5.245  15.161  1.00 24.40 ?  34  TYR A CA    1 
ATOM   242  C  C     . TYR A 1 35  ? -7.381  -6.461  15.102  1.00 26.26 ?  34  TYR A C     1 
ATOM   243  O  O     . TYR A 1 35  ? -7.271  -7.211  16.080  1.00 23.29 ?  34  TYR A O     1 
ATOM   244  C  CB    . TYR A 1 35  ? -7.787  -4.272  16.218  1.00 24.27 ?  34  TYR A CB    1 
ATOM   245  C  CG    . TYR A 1 35  ? -6.391  -3.806  15.899  1.00 22.54 ?  34  TYR A CG    1 
ATOM   246  C  CD1   . TYR A 1 35  ? -6.155  -2.966  14.819  1.00 23.35 ?  34  TYR A CD1   1 
ATOM   247  C  CD2   . TYR A 1 35  ? -5.303  -4.251  16.640  1.00 19.41 ?  34  TYR A CD2   1 
ATOM   248  C  CE1   . TYR A 1 35  ? -4.874  -2.549  14.513  1.00 22.09 ?  34  TYR A CE1   1 
ATOM   249  C  CE2   . TYR A 1 35  ? -4.020  -3.846  16.346  1.00 22.74 ?  34  TYR A CE2   1 
ATOM   250  C  CZ    . TYR A 1 35  ? -3.809  -2.996  15.274  1.00 23.28 ?  34  TYR A CZ    1 
ATOM   251  O  OH    . TYR A 1 35  ? -2.523  -2.603  14.973  1.00 24.76 ?  34  TYR A OH    1 
ATOM   252  N  N     . VAL A 1 36  ? -6.710  -6.637  13.967  1.00 24.11 ?  35  VAL A N     1 
ATOM   253  C  CA    . VAL A 1 36  ? -5.611  -7.584  13.828  1.00 20.85 ?  35  VAL A CA    1 
ATOM   254  C  C     . VAL A 1 36  ? -4.404  -6.816  13.310  1.00 20.62 ?  35  VAL A C     1 
ATOM   255  O  O     . VAL A 1 36  ? -4.542  -6.021  12.371  1.00 19.41 ?  35  VAL A O     1 
ATOM   256  C  CB    . VAL A 1 36  ? -5.934  -8.765  12.891  1.00 20.75 ?  35  VAL A CB    1 
ATOM   257  C  CG1   . VAL A 1 36  ? -7.111  -9.573  13.425  1.00 24.52 ?  35  VAL A CG1   1 
ATOM   258  C  CG2   . VAL A 1 36  ? -6.224  -8.293  11.484  1.00 22.69 ?  35  VAL A CG2   1 
ATOM   259  N  N     . PRO A 1 37  ? -3.230  -6.971  13.924  1.00 21.01 ?  36  PRO A N     1 
ATOM   260  C  CA    . PRO A 1 37  ? -2.023  -6.341  13.360  1.00 20.11 ?  36  PRO A CA    1 
ATOM   261  C  C     . PRO A 1 37  ? -1.764  -6.722  11.908  1.00 22.69 ?  36  PRO A C     1 
ATOM   262  O  O     . PRO A 1 37  ? -1.438  -5.847  11.087  1.00 20.49 ?  36  PRO A O     1 
ATOM   263  C  CB    . PRO A 1 37  ? -0.914  -6.836  14.298  1.00 21.10 ?  36  PRO A CB    1 
ATOM   264  C  CG    . PRO A 1 37  ? -1.643  -7.042  15.639  1.00 18.39 ?  36  PRO A CG    1 
ATOM   265  C  CD    . PRO A 1 37  ? -3.022  -7.503  15.290  1.00 19.89 ?  36  PRO A CD    1 
ATOM   266  N  N     . THR A 1 38  ? -1.880  -8.007  11.570  1.00 19.70 ?  37  THR A N     1 
ATOM   267  C  CA    . THR A 1 38  ? -1.684  -8.482  10.204  1.00 19.83 ?  37  THR A CA    1 
ATOM   268  C  C     . THR A 1 38  ? -2.755  -9.502  9.859   1.00 24.64 ?  37  THR A C     1 
ATOM   269  O  O     . THR A 1 38  ? -3.117  -10.340 10.698  1.00 23.01 ?  37  THR A O     1 
ATOM   270  C  CB    . THR A 1 38  ? -0.299  -9.120  10.009  1.00 22.78 ?  37  THR A CB    1 
ATOM   271  O  OG1   . THR A 1 38  ? -0.157  -10.244 10.901  1.00 30.30 ?  37  THR A OG1   1 
ATOM   272  C  CG2   . THR A 1 38  ? 0.786   -8.116  10.306  1.00 23.93 ?  37  THR A CG2   1 
ATOM   273  N  N     . VAL A 1 39  ? -3.260  -9.427  8.623   1.00 19.69 ?  38  VAL A N     1 
ATOM   274  C  CA    . VAL A 1 39  ? -4.151  -10.469 8.112   1.00 20.52 ?  38  VAL A CA    1 
ATOM   275  C  C     . VAL A 1 39  ? -3.479  -11.823 8.293   1.00 24.04 ?  38  VAL A C     1 
ATOM   276  O  O     . VAL A 1 39  ? -2.335  -12.017 7.870   1.00 25.38 ?  38  VAL A O     1 
ATOM   277  C  CB    . VAL A 1 39  ? -4.494  -10.211 6.632   1.00 27.16 ?  38  VAL A CB    1 
ATOM   278  C  CG1   . VAL A 1 39  ? -5.404  -11.302 6.105   1.00 25.50 ?  38  VAL A CG1   1 
ATOM   279  C  CG2   . VAL A 1 39  ? -5.138  -8.840  6.452   1.00 23.30 ?  38  VAL A CG2   1 
ATOM   280  N  N     . PHE A 1 40  ? -4.171  -12.759 8.954   1.00 29.20 ?  39  PHE A N     1 
ATOM   281  C  CA    . PHE A 1 40  ? -3.571  -14.056 9.255   1.00 31.74 ?  39  PHE A CA    1 
ATOM   282  C  C     . PHE A 1 40  ? -4.344  -15.250 8.707   1.00 33.49 ?  39  PHE A C     1 
ATOM   283  O  O     . PHE A 1 40  ? -3.901  -16.389 8.902   1.00 40.98 ?  39  PHE A O     1 
ATOM   284  C  CB    . PHE A 1 40  ? -3.348  -14.226 10.777  1.00 27.37 ?  39  PHE A CB    1 
ATOM   285  C  CG    . PHE A 1 40  ? -4.623  -14.334 11.618  1.00 29.53 ?  39  PHE A CG    1 
ATOM   286  C  CD1   . PHE A 1 40  ? -5.352  -15.521 11.682  1.00 30.26 ?  39  PHE A CD1   1 
ATOM   287  C  CD2   . PHE A 1 40  ? -5.035  -13.270 12.410  1.00 26.88 ?  39  PHE A CD2   1 
ATOM   288  C  CE1   . PHE A 1 40  ? -6.494  -15.619 12.475  1.00 26.59 ?  39  PHE A CE1   1 
ATOM   289  C  CE2   . PHE A 1 40  ? -6.171  -13.359 13.204  1.00 31.16 ?  39  PHE A CE2   1 
ATOM   290  C  CZ    . PHE A 1 40  ? -6.905  -14.541 13.239  1.00 28.52 ?  39  PHE A CZ    1 
ATOM   291  N  N     . GLU A 1 41  ? -5.462  -15.030 8.018   1.00 33.98 ?  40  GLU A N     1 
ATOM   292  C  CA    . GLU A 1 41  ? -6.232  -16.103 7.401   1.00 37.29 ?  40  GLU A CA    1 
ATOM   293  C  C     . GLU A 1 41  ? -6.780  -15.636 6.056   1.00 48.20 ?  40  GLU A C     1 
ATOM   294  O  O     . GLU A 1 41  ? -6.957  -14.437 5.820   1.00 44.54 ?  40  GLU A O     1 
ATOM   295  C  CB    . GLU A 1 41  ? -7.397  -16.532 8.295   1.00 41.19 ?  40  GLU A CB    1 
ATOM   296  C  CG    . GLU A 1 41  ? -8.358  -15.390 8.535   1.00 43.57 ?  40  GLU A CG    1 
ATOM   297  C  CD    . GLU A 1 41  ? -9.640  -15.810 9.201   1.00 41.44 ?  40  GLU A CD    1 
ATOM   298  O  OE1   . GLU A 1 41  ? -9.842  -17.029 9.411   1.00 35.53 ?  40  GLU A OE1   1 
ATOM   299  O  OE2   . GLU A 1 41  ? -10.447 -14.907 9.512   1.00 44.32 ?  40  GLU A OE2   1 
ATOM   300  N  N     . ASN A 1 42  ? -7.066  -16.608 5.183   1.00 45.06 ?  41  ASN A N     1 
ATOM   301  C  CA    . ASN A 1 42  ? -7.795  -16.396 3.923   1.00 46.13 ?  41  ASN A CA    1 
ATOM   302  C  C     . ASN A 1 42  ? -7.157  -15.295 3.070   1.00 45.53 ?  41  ASN A C     1 
ATOM   303  O  O     . ASN A 1 42  ? -7.778  -14.279 2.730   1.00 40.38 ?  41  ASN A O     1 
ATOM   304  C  CB    . ASN A 1 42  ? -9.272  -16.094 4.200   1.00 51.83 ?  41  ASN A CB    1 
ATOM   305  C  CG    . ASN A 1 42  ? -9.989  -17.252 4.880   1.00 52.32 ?  41  ASN A CG    1 
ATOM   306  O  OD1   . ASN A 1 42  ? -9.650  -18.419 4.665   1.00 57.81 ?  41  ASN A OD1   1 
ATOM   307  N  ND2   . ASN A 1 42  ? -10.983 -16.934 5.708   1.00 53.64 ?  41  ASN A ND2   1 
ATOM   308  N  N     . CYS A 1 43  ? -5.905  -15.530 2.692   1.00 37.92 ?  42  CYS A N     1 
ATOM   309  C  CA    . CYS A 1 43  ? -5.066  -14.478 2.145   1.00 31.45 ?  42  CYS A CA    1 
ATOM   310  C  C     . CYS A 1 43  ? -5.091  -14.384 0.618   1.00 31.31 ?  42  CYS A C     1 
ATOM   311  O  O     . CYS A 1 43  ? -4.338  -13.582 0.068   1.00 30.38 ?  42  CYS A O     1 
ATOM   312  C  CB    . CYS A 1 43  ? -3.620  -14.667 2.621   1.00 34.32 ?  42  CYS A CB    1 
ATOM   313  S  SG    . CYS A 1 43  ? -3.400  -14.577 4.423   1.00 52.79 ?  42  CYS A SG    1 
ATOM   314  N  N     . VAL A 1 44  ? -5.922  -15.160 -0.081  1.00 33.32 ?  43  VAL A N     1 
ATOM   315  C  CA    . VAL A 1 44  ? -5.891  -15.215 -1.545  1.00 28.58 ?  43  VAL A CA    1 
ATOM   316  C  C     . VAL A 1 44  ? -7.170  -14.612 -2.107  1.00 34.71 ?  43  VAL A C     1 
ATOM   317  O  O     . VAL A 1 44  ? -8.274  -15.038 -1.745  1.00 39.77 ?  43  VAL A O     1 
ATOM   318  C  CB    . VAL A 1 44  ? -5.699  -16.649 -2.062  1.00 32.66 ?  43  VAL A CB    1 
ATOM   319  C  CG1   . VAL A 1 44  ? -5.679  -16.655 -3.575  1.00 32.47 ?  43  VAL A CG1   1 
ATOM   320  C  CG2   . VAL A 1 44  ? -4.413  -17.234 -1.526  1.00 31.61 ?  43  VAL A CG2   1 
ATOM   321  N  N     . ALA A 1 45  ? -7.016  -13.639 -3.007  1.00 29.97 ?  44  ALA A N     1 
ATOM   322  C  CA    . ALA A 1 45  ? -8.126  -12.939 -3.634  1.00 32.66 ?  44  ALA A CA    1 
ATOM   323  C  C     . ALA A 1 45  ? -8.070  -13.097 -5.150  1.00 36.92 ?  44  ALA A C     1 
ATOM   324  O  O     . ALA A 1 45  ? -6.991  -13.192 -5.743  1.00 35.50 ?  44  ALA A O     1 
ATOM   325  C  CB    . ALA A 1 45  ? -8.120  -11.450 -3.276  1.00 33.86 ?  44  ALA A CB    1 
ATOM   326  N  N     . ASP A 1 46  ? -9.246  -13.122 -5.774  1.00 35.04 ?  45  ASP A N     1 
ATOM   327  C  CA    . ASP A 1 46  ? -9.363  -13.233 -7.222  1.00 36.30 ?  45  ASP A CA    1 
ATOM   328  C  C     . ASP A 1 46  ? -9.510  -11.854 -7.847  1.00 33.54 ?  45  ASP A C     1 
ATOM   329  O  O     . ASP A 1 46  ? -10.104 -10.947 -7.259  1.00 39.77 ?  45  ASP A O     1 
ATOM   330  C  CB    . ASP A 1 46  ? -10.562 -14.098 -7.613  1.00 37.52 ?  45  ASP A CB    1 
ATOM   331  C  CG    . ASP A 1 46  ? -10.441 -15.512 -7.105  1.00 46.20 ?  45  ASP A CG    1 
ATOM   332  O  OD1   . ASP A 1 46  ? -9.347  -16.099 -7.250  1.00 48.56 ?  45  ASP A OD1   1 
ATOM   333  O  OD2   . ASP A 1 46  ? -11.431 -16.035 -6.551  1.00 52.29 ?  45  ASP A OD2   1 
ATOM   334  N  N     . ILE A 1 47  ? -8.946  -11.700 -9.045  1.00 31.53 ?  46  ILE A N     1 
ATOM   335  C  CA    . ILE A 1 47  ? -9.073  -10.463 -9.803  1.00 32.11 ?  46  ILE A CA    1 
ATOM   336  C  C     . ILE A 1 47  ? -8.871  -10.797 -11.274 1.00 33.26 ?  46  ILE A C     1 
ATOM   337  O  O     . ILE A 1 47  ? -8.099  -11.693 -11.622 1.00 34.46 ?  46  ILE A O     1 
ATOM   338  C  CB    . ILE A 1 47  ? -8.070  -9.386  -9.311  1.00 34.87 ?  46  ILE A CB    1 
ATOM   339  C  CG1   . ILE A 1 47  ? -8.382  -8.026  -9.943  1.00 36.07 ?  46  ILE A CG1   1 
ATOM   340  C  CG2   . ILE A 1 47  ? -6.644  -9.795  -9.620  1.00 31.60 ?  46  ILE A CG2   1 
ATOM   341  C  CD1   . ILE A 1 47  ? -7.560  -6.878  -9.372  1.00 31.42 ?  46  ILE A CD1   1 
ATOM   342  N  N     . GLU A 1 48  ? -9.575  -10.074 -12.139 1.00 35.83 ?  47  GLU A N     1 
ATOM   343  C  CA    . GLU A 1 48  ? -9.523  -10.289 -13.580 1.00 38.92 ?  47  GLU A CA    1 
ATOM   344  C  C     . GLU A 1 48  ? -8.979  -9.036  -14.249 1.00 39.33 ?  47  GLU A C     1 
ATOM   345  O  O     . GLU A 1 48  ? -9.490  -7.934  -14.023 1.00 38.52 ?  47  GLU A O     1 
ATOM   346  C  CB    . GLU A 1 48  ? -10.909 -10.640 -14.126 1.00 44.40 ?  47  GLU A CB    1 
ATOM   347  C  CG    . GLU A 1 48  ? -10.912 -11.189 -15.541 1.00 48.37 ?  47  GLU A CG    1 
ATOM   348  C  CD    . GLU A 1 48  ? -11.431 -10.186 -16.545 1.00 56.93 ?  47  GLU A CD    1 
ATOM   349  O  OE1   . GLU A 1 48  ? -10.638 -9.720  -17.390 1.00 56.59 ?  47  GLU A OE1   1 
ATOM   350  O  OE2   . GLU A 1 48  ? -12.635 -9.849  -16.477 1.00 61.57 ?  47  GLU A OE2   1 
ATOM   351  N  N     . VAL A 1 49  ? -7.938  -9.210  -15.060 1.00 40.52 ?  48  VAL A N     1 
ATOM   352  C  CA    . VAL A 1 49  ? -7.243  -8.115  -15.725 1.00 42.98 ?  48  VAL A CA    1 
ATOM   353  C  C     . VAL A 1 49  ? -7.058  -8.511  -17.187 1.00 45.18 ?  48  VAL A C     1 
ATOM   354  O  O     . VAL A 1 49  ? -6.310  -9.448  -17.491 1.00 44.65 ?  48  VAL A O     1 
ATOM   355  C  CB    . VAL A 1 49  ? -5.897  -7.802  -15.053 1.00 46.57 ?  48  VAL A CB    1 
ATOM   356  C  CG1   . VAL A 1 49  ? -4.990  -7.018  -15.979 1.00 43.64 ?  48  VAL A CG1   1 
ATOM   357  C  CG2   . VAL A 1 49  ? -6.126  -7.025  -13.768 1.00 43.55 ?  48  VAL A CG2   1 
ATOM   358  N  N     . ASP A 1 50  ? -7.768  -7.823  -18.086 1.00 46.78 ?  49  ASP A N     1 
ATOM   359  C  CA    . ASP A 1 50  ? -7.659  -8.049  -19.530 1.00 48.36 ?  49  ASP A CA    1 
ATOM   360  C  C     . ASP A 1 50  ? -7.981  -9.496  -19.905 1.00 47.12 ?  49  ASP A C     1 
ATOM   361  O  O     . ASP A 1 50  ? -7.250  -10.146 -20.654 1.00 51.10 ?  49  ASP A O     1 
ATOM   362  C  CB    . ASP A 1 50  ? -6.272  -7.651  -20.029 1.00 47.47 ?  49  ASP A CB    1 
ATOM   363  C  CG    . ASP A 1 50  ? -5.905  -6.251  -19.625 1.00 51.23 ?  49  ASP A CG    1 
ATOM   364  O  OD1   . ASP A 1 50  ? -5.187  -5.574  -20.385 1.00 54.69 ?  49  ASP A OD1   1 
ATOM   365  O  OD2   . ASP A 1 50  ? -6.363  -5.820  -18.547 1.00 55.37 ?  49  ASP A OD2   1 
ATOM   366  N  N     . GLY A 1 51  ? -9.097  -9.999  -19.379 1.00 47.03 ?  50  GLY A N     1 
ATOM   367  C  CA    . GLY A 1 51  ? -9.524  -11.357 -19.634 1.00 48.21 ?  50  GLY A CA    1 
ATOM   368  C  C     . GLY A 1 51  ? -8.821  -12.424 -18.826 1.00 50.90 ?  50  GLY A C     1 
ATOM   369  O  O     . GLY A 1 51  ? -9.320  -13.554 -18.754 1.00 54.34 ?  50  GLY A O     1 
ATOM   370  N  N     . LYS A 1 52  ? -7.681  -12.109 -18.212 1.00 50.32 ?  51  LYS A N     1 
ATOM   371  C  CA    . LYS A 1 52  ? -6.892  -13.096 -17.487 1.00 44.94 ?  51  LYS A CA    1 
ATOM   372  C  C     . LYS A 1 52  ? -7.368  -13.205 -16.043 1.00 44.28 ?  51  LYS A C     1 
ATOM   373  O  O     . LYS A 1 52  ? -7.477  -12.197 -15.337 1.00 45.83 ?  51  LYS A O     1 
ATOM   374  C  CB    . LYS A 1 52  ? -5.410  -12.725 -17.526 1.00 45.07 ?  51  LYS A CB    1 
ATOM   375  C  CG    . LYS A 1 52  ? -4.924  -12.266 -18.891 1.00 50.15 ?  51  LYS A CG    1 
ATOM   376  C  CD    . LYS A 1 52  ? -3.539  -11.657 -18.796 1.00 44.53 ?  51  LYS A CD    1 
ATOM   377  C  CE    . LYS A 1 52  ? -3.219  -10.816 -20.019 1.00 51.74 ?  51  LYS A CE    1 
ATOM   378  N  NZ    . LYS A 1 52  ? -1.933  -10.081 -19.852 1.00 54.51 ?  51  LYS A NZ    1 
ATOM   379  N  N     . GLN A 1 53  ? -7.657  -14.430 -15.612 1.00 38.55 ?  52  GLN A N     1 
ATOM   380  C  CA    . GLN A 1 53  ? -7.927  -14.697 -14.208 1.00 41.30 ?  52  GLN A CA    1 
ATOM   381  C  C     . GLN A 1 53  ? -6.606  -14.756 -13.457 1.00 38.25 ?  52  GLN A C     1 
ATOM   382  O  O     . GLN A 1 53  ? -5.681  -15.466 -13.869 1.00 35.97 ?  52  GLN A O     1 
ATOM   383  C  CB    . GLN A 1 53  ? -8.688  -16.012 -14.038 1.00 44.24 ?  52  GLN A CB    1 
ATOM   384  C  CG    . GLN A 1 53  ? -9.888  -16.164 -14.962 1.00 51.59 ?  52  GLN A CG    1 
ATOM   385  C  CD    . GLN A 1 53  ? -11.037 -15.257 -14.579 1.00 55.47 ?  52  GLN A CD    1 
ATOM   386  O  OE1   . GLN A 1 53  ? -11.912 -14.967 -15.396 1.00 59.25 ?  52  GLN A OE1   1 
ATOM   387  N  NE2   . GLN A 1 53  ? -11.044 -14.803 -13.329 1.00 55.56 ?  52  GLN A NE2   1 
ATOM   388  N  N     . VAL A 1 54  ? -6.508  -13.990 -12.373 1.00 29.42 ?  53  VAL A N     1 
ATOM   389  C  CA    . VAL A 1 54  ? -5.309  -13.951 -11.547 1.00 29.44 ?  53  VAL A CA    1 
ATOM   390  C  C     . VAL A 1 54  ? -5.721  -14.219 -10.113 1.00 28.70 ?  53  VAL A C     1 
ATOM   391  O  O     . VAL A 1 54  ? -6.702  -13.645 -9.626  1.00 29.33 ?  53  VAL A O     1 
ATOM   392  C  CB    . VAL A 1 54  ? -4.576  -12.597 -11.644 1.00 29.36 ?  53  VAL A CB    1 
ATOM   393  C  CG1   . VAL A 1 54  ? -3.323  -12.596 -10.768 1.00 30.11 ?  53  VAL A CG1   1 
ATOM   394  C  CG2   . VAL A 1 54  ? -4.224  -12.275 -13.086 1.00 32.75 ?  53  VAL A CG2   1 
ATOM   395  N  N     . GLU A 1 55  ? -4.990  -15.102 -9.446  1.00 27.85 ?  54  GLU A N     1 
ATOM   396  C  CA    . GLU A 1 55  ? -5.115  -15.289 -8.009  1.00 26.86 ?  54  GLU A CA    1 
ATOM   397  C  C     . GLU A 1 55  ? -3.988  -14.532 -7.335  1.00 25.68 ?  54  GLU A C     1 
ATOM   398  O  O     . GLU A 1 55  ? -2.814  -14.783 -7.621  1.00 25.19 ?  54  GLU A O     1 
ATOM   399  C  CB    . GLU A 1 55  ? -5.060  -16.763 -7.628  1.00 29.69 ?  54  GLU A CB    1 
ATOM   400  C  CG    . GLU A 1 55  ? -6.396  -17.426 -7.635  1.00 39.99 ?  54  GLU A CG    1 
ATOM   401  C  CD    . GLU A 1 55  ? -6.280  -18.907 -7.401  1.00 45.76 ?  54  GLU A CD    1 
ATOM   402  O  OE1   . GLU A 1 55  ? -5.692  -19.299 -6.365  1.00 47.84 ?  54  GLU A OE1   1 
ATOM   403  O  OE2   . GLU A 1 55  ? -6.755  -19.670 -8.270  1.00 52.59 ?  54  GLU A OE2   1 
ATOM   404  N  N     . LEU A 1 56  ? -4.348  -13.625 -6.427  1.00 25.38 ?  55  LEU A N     1 
ATOM   405  C  CA    . LEU A 1 56  ? -3.410  -12.725 -5.770  1.00 24.28 ?  55  LEU A CA    1 
ATOM   406  C  C     . LEU A 1 56  ? -3.335  -13.104 -4.293  1.00 23.92 ?  55  LEU A C     1 
ATOM   407  O  O     . LEU A 1 56  ? -4.300  -12.904 -3.547  1.00 26.78 ?  55  LEU A O     1 
ATOM   408  C  CB    . LEU A 1 56  ? -3.874  -11.284 -5.959  1.00 27.21 ?  55  LEU A CB    1 
ATOM   409  C  CG    . LEU A 1 56  ? -2.894  -10.133 -6.133  1.00 32.24 ?  55  LEU A CG    1 
ATOM   410  C  CD1   . LEU A 1 56  ? -1.877  -10.470 -7.200  1.00 28.16 ?  55  LEU A CD1   1 
ATOM   411  C  CD2   . LEU A 1 56  ? -3.665  -8.861  -6.493  1.00 27.49 ?  55  LEU A CD2   1 
ATOM   412  N  N     . ALA A 1 57  ? -2.197  -13.654 -3.869  1.00 21.06 ?  56  ALA A N     1 
ATOM   413  C  CA    . ALA A 1 57  ? -1.980  -13.945 -2.452  1.00 20.00 ?  56  ALA A CA    1 
ATOM   414  C  C     . ALA A 1 57  ? -1.518  -12.681 -1.743  1.00 22.24 ?  56  ALA A C     1 
ATOM   415  O  O     . ALA A 1 57  ? -0.558  -12.036 -2.178  1.00 21.50 ?  56  ALA A O     1 
ATOM   416  C  CB    . ALA A 1 57  ? -0.943  -15.052 -2.275  1.00 22.81 ?  56  ALA A CB    1 
ATOM   417  N  N     . LEU A 1 58  ? -2.194  -12.325 -0.653  1.00 20.53 ?  57  LEU A N     1 
ATOM   418  C  CA    . LEU A 1 58  ? -1.953  -11.057 0.026   1.00 22.49 ?  57  LEU A CA    1 
ATOM   419  C  C     . LEU A 1 58  ? -1.156  -11.309 1.299   1.00 21.12 ?  57  LEU A C     1 
ATOM   420  O  O     . LEU A 1 58  ? -1.673  -11.898 2.254   1.00 23.27 ?  57  LEU A O     1 
ATOM   421  C  CB    . LEU A 1 58  ? -3.277  -10.357 0.330   1.00 21.09 ?  57  LEU A CB    1 
ATOM   422  C  CG    . LEU A 1 58  ? -4.217  -10.216 -0.871  1.00 20.57 ?  57  LEU A CG    1 
ATOM   423  C  CD1   . LEU A 1 58  ? -5.516  -9.558  -0.427  1.00 25.73 ?  57  LEU A CD1   1 
ATOM   424  C  CD2   . LEU A 1 58  ? -3.573  -9.415  -2.007  1.00 21.16 ?  57  LEU A CD2   1 
ATOM   425  N  N     . TRP A 1 59  ? 0.097   -10.845 1.319   1.00 18.75 ?  58  TRP A N     1 
ATOM   426  C  CA    . TRP A 1 59  ? 0.991   -11.011 2.465   1.00 19.27 ?  58  TRP A CA    1 
ATOM   427  C  C     . TRP A 1 59  ? 1.108   -9.685  3.216   1.00 23.14 ?  58  TRP A C     1 
ATOM   428  O  O     . TRP A 1 59  ? 1.741   -8.737  2.737   1.00 19.18 ?  58  TRP A O     1 
ATOM   429  C  CB    . TRP A 1 59  ? 2.367   -11.503 2.020   1.00 19.98 ?  58  TRP A CB    1 
ATOM   430  C  CG    . TRP A 1 59  ? 2.420   -12.933 1.499   1.00 22.61 ?  58  TRP A CG    1 
ATOM   431  C  CD1   . TRP A 1 59  ? 1.764   -13.449 0.407   1.00 21.26 ?  58  TRP A CD1   1 
ATOM   432  C  CD2   . TRP A 1 59  ? 3.222   -14.001 2.023   1.00 21.18 ?  58  TRP A CD2   1 
ATOM   433  N  NE1   . TRP A 1 59  ? 2.094   -14.782 0.242   1.00 18.56 ?  58  TRP A NE1   1 
ATOM   434  C  CE2   . TRP A 1 59  ? 2.987   -15.139 1.220   1.00 23.32 ?  58  TRP A CE2   1 
ATOM   435  C  CE3   . TRP A 1 59  ? 4.107   -14.103 3.100   1.00 24.49 ?  58  TRP A CE3   1 
ATOM   436  C  CZ2   . TRP A 1 59  ? 3.613   -16.360 1.457   1.00 23.02 ?  58  TRP A CZ2   1 
ATOM   437  C  CZ3   . TRP A 1 59  ? 4.724   -15.326 3.339   1.00 25.99 ?  58  TRP A CZ3   1 
ATOM   438  C  CH2   . TRP A 1 59  ? 4.472   -16.434 2.520   1.00 23.28 ?  58  TRP A CH2   1 
ATOM   439  N  N     . ASP A 1 60  ? 0.509   -9.629  4.401   1.00 19.05 ?  59  ASP A N     1 
ATOM   440  C  CA    . ASP A 1 60  ? 0.548   -8.463  5.266   1.00 18.89 ?  59  ASP A CA    1 
ATOM   441  C  C     . ASP A 1 60  ? 1.818   -8.497  6.114   1.00 22.95 ?  59  ASP A C     1 
ATOM   442  O  O     . ASP A 1 60  ? 2.376   -9.566  6.380   1.00 23.50 ?  59  ASP A O     1 
ATOM   443  C  CB    . ASP A 1 60  ? -0.706  -8.487  6.150   1.00 20.32 ?  59  ASP A CB    1 
ATOM   444  C  CG    . ASP A 1 60  ? -1.092  -7.118  6.695   1.00 21.99 ?  59  ASP A CG    1 
ATOM   445  O  OD1   . ASP A 1 60  ? -0.362  -6.125  6.478   1.00 18.29 ?  59  ASP A OD1   1 
ATOM   446  O  OD2   . ASP A 1 60  ? -2.148  -7.049  7.362   1.00 19.57 ?  59  ASP A OD2   1 
ATOM   447  N  N     . THR A 1 61  ? 2.276   -7.327  6.555   1.00 19.13 ?  60  THR A N     1 
ATOM   448  C  CA    . THR A 1 61  ? 3.498   -7.262  7.357   1.00 20.18 ?  60  THR A CA    1 
ATOM   449  C  C     . THR A 1 61  ? 3.325   -6.299  8.523   1.00 24.85 ?  60  THR A C     1 
ATOM   450  O  O     . THR A 1 61  ? 2.477   -5.402  8.502   1.00 23.76 ?  60  THR A O     1 
ATOM   451  C  CB    . THR A 1 61  ? 4.719   -6.804  6.543   1.00 24.35 ?  60  THR A CB    1 
ATOM   452  O  OG1   . THR A 1 61  ? 4.514   -5.455  6.088   1.00 21.78 ?  60  THR A OG1   1 
ATOM   453  C  CG2   . THR A 1 61  ? 4.970   -7.729  5.364   1.00 21.84 ?  60  THR A CG2   1 
ATOM   454  N  N     . ALA A 1 62  ? 4.172   -6.471  9.531   1.00 28.67 ?  61  ALA A N     1 
ATOM   455  C  CA    . ALA A 1 62  ? 4.280   -5.512  10.620  1.00 28.02 ?  61  ALA A CA    1 
ATOM   456  C  C     . ALA A 1 62  ? 5.402   -4.533  10.290  1.00 36.35 ?  61  ALA A C     1 
ATOM   457  O  O     . ALA A 1 62  ? 6.547   -4.946  10.069  1.00 34.24 ?  61  ALA A O     1 
ATOM   458  C  CB    . ALA A 1 62  ? 4.551   -6.235  11.936  1.00 36.76 ?  61  ALA A CB    1 
ATOM   459  N  N     . GLY A 1 63  ? 5.069   -3.245  10.235  1.00 39.23 ?  62  GLY A N     1 
ATOM   460  C  CA    . GLY A 1 63  ? 5.994   -2.203  9.828   1.00 33.34 ?  62  GLY A CA    1 
ATOM   461  C  C     . GLY A 1 63  ? 6.791   -1.542  10.938  1.00 43.26 ?  62  GLY A C     1 
ATOM   462  O  O     . GLY A 1 63  ? 7.487   -0.552  10.677  1.00 44.29 ?  62  GLY A O     1 
ATOM   463  N  N     . GLN A 1 64  ? 6.722   -2.050  12.164  1.00 50.50 ?  63  GLN A N     1 
ATOM   464  C  CA    . GLN A 1 64  ? 7.357   -1.389  13.306  1.00 48.45 ?  63  GLN A CA    1 
ATOM   465  C  C     . GLN A 1 64  ? 8.882   -1.482  13.254  1.00 49.60 ?  63  GLN A C     1 
ATOM   466  O  O     . GLN A 1 64  ? 9.443   -2.575  13.171  1.00 49.51 ?  63  GLN A O     1 
ATOM   467  C  CB    . GLN A 1 64  ? 6.846   -1.988  14.623  1.00 56.06 ?  63  GLN A CB    1 
ATOM   468  C  CG    . GLN A 1 64  ? 5.361   -1.744  14.896  1.00 54.93 ?  63  GLN A CG    1 
ATOM   469  C  CD    . GLN A 1 64  ? 4.445   -2.587  14.023  1.00 50.02 ?  63  GLN A CD    1 
ATOM   470  O  OE1   . GLN A 1 64  ? 4.524   -3.818  14.033  1.00 58.72 ?  63  GLN A OE1   1 
ATOM   471  N  NE2   . GLN A 1 64  ? 3.577   -1.928  13.252  1.00 44.17 ?  63  GLN A NE2   1 
ATOM   472  N  N     . LEU A 1 70  ? 12.535  -10.451 11.190  1.00 42.72 ?  69  LEU A N     1 
ATOM   473  C  CA    . LEU A 1 70  ? 11.355  -11.299 11.045  1.00 38.49 ?  69  LEU A CA    1 
ATOM   474  C  C     . LEU A 1 70  ? 10.567  -10.973 9.777   1.00 42.03 ?  69  LEU A C     1 
ATOM   475  O  O     . LEU A 1 70  ? 10.222  -11.869 9.004   1.00 41.07 ?  69  LEU A O     1 
ATOM   476  C  CB    . LEU A 1 70  ? 10.455  -11.163 12.272  1.00 47.86 ?  69  LEU A CB    1 
ATOM   477  C  CG    . LEU A 1 70  ? 10.991  -11.825 13.542  1.00 47.10 ?  69  LEU A CG    1 
ATOM   478  C  CD1   . LEU A 1 70  ? 10.143  -11.442 14.743  1.00 54.29 ?  69  LEU A CD1   1 
ATOM   479  C  CD2   . LEU A 1 70  ? 11.009  -13.336 13.369  1.00 46.72 ?  69  LEU A CD2   1 
ATOM   480  N  N     . ARG A 1 71  ? 10.285  -9.687  9.576   1.00 37.80 ?  70  ARG A N     1 
ATOM   481  C  CA    . ARG A 1 71  ? 9.543   -9.252  8.394   1.00 33.46 ?  70  ARG A CA    1 
ATOM   482  C  C     . ARG A 1 71  ? 10.154  -9.708  7.072   1.00 32.98 ?  70  ARG A C     1 
ATOM   483  O  O     . ARG A 1 71  ? 9.385   -10.061 6.163   1.00 32.72 ?  70  ARG A O     1 
ATOM   484  C  CB    . ARG A 1 71  ? 9.395   -7.723  8.418   1.00 31.44 ?  70  ARG A CB    1 
ATOM   485  C  CG    . ARG A 1 71  ? 8.650   -7.151  7.223   1.00 30.93 ?  70  ARG A CG    1 
ATOM   486  C  CD    . ARG A 1 71  ? 8.489   -5.640  7.337   1.00 28.07 ?  70  ARG A CD    1 
ATOM   487  N  NE    . ARG A 1 71  ? 9.756   -4.958  7.581   1.00 29.73 ?  70  ARG A NE    1 
ATOM   488  C  CZ    . ARG A 1 71  ? 10.069  -4.316  8.699   1.00 31.30 ?  70  ARG A CZ    1 
ATOM   489  N  NH1   . ARG A 1 71  ? 9.237   -4.270  9.733   1.00 30.81 ?  70  ARG A NH1   1 
ATOM   490  N  NH2   . ARG A 1 71  ? 11.244  -3.692  8.779   1.00 29.70 ?  70  ARG A NH2   1 
ATOM   491  N  N     . PRO A 1 72  ? 11.479  -9.728  6.882   1.00 35.67 ?  71  PRO A N     1 
ATOM   492  C  CA    . PRO A 1 72  ? 12.018  -10.199 5.595   1.00 35.72 ?  71  PRO A CA    1 
ATOM   493  C  C     . PRO A 1 72  ? 11.684  -11.646 5.261   1.00 35.00 ?  71  PRO A C     1 
ATOM   494  O  O     . PRO A 1 72  ? 11.937  -12.052 4.121   1.00 35.81 ?  71  PRO A O     1 
ATOM   495  C  CB    . PRO A 1 72  ? 13.535  -10.002 5.748   1.00 39.00 ?  71  PRO A CB    1 
ATOM   496  C  CG    . PRO A 1 72  ? 13.764  -9.883  7.211   1.00 40.60 ?  71  PRO A CG    1 
ATOM   497  C  CD    . PRO A 1 72  ? 12.553  -9.178  7.727   1.00 37.77 ?  71  PRO A CD    1 
ATOM   498  N  N     . LEU A 1 73  ? 11.123  -12.430 6.195   1.00 28.84 ?  72  LEU A N     1 
ATOM   499  C  CA    . LEU A 1 73  ? 10.656  -13.770 5.854   1.00 32.38 ?  72  LEU A CA    1 
ATOM   500  C  C     . LEU A 1 73  ? 9.483   -13.745 4.885   1.00 32.59 ?  72  LEU A C     1 
ATOM   501  O  O     . LEU A 1 73  ? 9.163   -14.775 4.285   1.00 33.65 ?  72  LEU A O     1 
ATOM   502  C  CB    . LEU A 1 73  ? 10.250  -14.537 7.113   1.00 36.63 ?  72  LEU A CB    1 
ATOM   503  C  CG    . LEU A 1 73  ? 11.347  -15.036 8.051   1.00 39.30 ?  72  LEU A CG    1 
ATOM   504  C  CD1   . LEU A 1 73  ? 10.720  -15.798 9.210   1.00 41.34 ?  72  LEU A CD1   1 
ATOM   505  C  CD2   . LEU A 1 73  ? 12.353  -15.909 7.307   1.00 39.64 ?  72  LEU A CD2   1 
ATOM   506  N  N     . SER A 1 74  ? 8.833   -12.596 4.723   1.00 27.07 ?  73  SER A N     1 
ATOM   507  C  CA    . SER A 1 74  ? 7.739   -12.485 3.776   1.00 26.03 ?  73  SER A CA    1 
ATOM   508  C  C     . SER A 1 74  ? 8.216   -12.247 2.348   1.00 23.63 ?  73  SER A C     1 
ATOM   509  O  O     . SER A 1 74  ? 7.440   -12.448 1.411   1.00 23.42 ?  73  SER A O     1 
ATOM   510  C  CB    . SER A 1 74  ? 6.802   -11.354 4.196   1.00 28.42 ?  73  SER A CB    1 
ATOM   511  O  OG    . SER A 1 74  ? 6.150   -11.668 5.422   1.00 35.30 ?  73  SER A OG    1 
ATOM   512  N  N     . TYR A 1 75  ? 9.458   -11.833 2.157   1.00 24.38 ?  74  TYR A N     1 
ATOM   513  C  CA    . TYR A 1 75  ? 9.885   -11.367 0.834   1.00 24.98 ?  74  TYR A CA    1 
ATOM   514  C  C     . TYR A 1 75  ? 10.136  -12.426 -0.249  1.00 27.16 ?  74  TYR A C     1 
ATOM   515  O  O     . TYR A 1 75  ? 9.981   -12.107 -1.434  1.00 22.85 ?  74  TYR A O     1 
ATOM   516  C  CB    . TYR A 1 75  ? 11.135  -10.508 1.002   1.00 26.56 ?  74  TYR A CB    1 
ATOM   517  C  CG    . TYR A 1 75  ? 10.831  -9.151  1.591   1.00 27.53 ?  74  TYR A CG    1 
ATOM   518  C  CD1   . TYR A 1 75  ? 9.745   -8.402  1.140   1.00 25.86 ?  74  TYR A CD1   1 
ATOM   519  C  CD2   . TYR A 1 75  ? 11.621  -8.619  2.601   1.00 28.22 ?  74  TYR A CD2   1 
ATOM   520  C  CE1   . TYR A 1 75  ? 9.469   -7.155  1.680   1.00 27.25 ?  74  TYR A CE1   1 
ATOM   521  C  CE2   . TYR A 1 75  ? 11.350  -7.378  3.155   1.00 26.51 ?  74  TYR A CE2   1 
ATOM   522  C  CZ    . TYR A 1 75  ? 10.274  -6.652  2.691   1.00 32.32 ?  74  TYR A CZ    1 
ATOM   523  O  OH    . TYR A 1 75  ? 10.007  -5.424  3.246   1.00 29.67 ?  74  TYR A OH    1 
ATOM   524  N  N     . PRO A 1 76  ? 10.551  -13.659 0.062   1.00 27.92 ?  75  PRO A N     1 
ATOM   525  C  CA    . PRO A 1 76  ? 10.863  -14.613 -1.018  1.00 28.25 ?  75  PRO A CA    1 
ATOM   526  C  C     . PRO A 1 76  ? 9.730   -14.809 -2.027  1.00 24.13 ?  75  PRO A C     1 
ATOM   527  O  O     . PRO A 1 76  ? 8.557   -14.941 -1.669  1.00 26.36 ?  75  PRO A O     1 
ATOM   528  C  CB    . PRO A 1 76  ? 11.160  -15.911 -0.261  1.00 32.34 ?  75  PRO A CB    1 
ATOM   529  C  CG    . PRO A 1 76  ? 11.766  -15.441 1.004   1.00 36.82 ?  75  PRO A CG    1 
ATOM   530  C  CD    . PRO A 1 76  ? 11.034  -14.164 1.365   1.00 35.01 ?  75  PRO A CD    1 
ATOM   531  N  N     . ASP A 1 77  ? 10.104  -14.836 -3.309  1.00 24.80 ?  76  ASP A N     1 
ATOM   532  C  CA    . ASP A 1 77  ? 9.208   -15.146 -4.427  1.00 23.57 ?  76  ASP A CA    1 
ATOM   533  C  C     . ASP A 1 77  ? 8.090   -14.117 -4.602  1.00 23.51 ?  76  ASP A C     1 
ATOM   534  O  O     . ASP A 1 77  ? 7.054   -14.422 -5.198  1.00 24.42 ?  76  ASP A O     1 
ATOM   535  C  CB    . ASP A 1 77  ? 8.615   -16.556 -4.288  1.00 26.63 ?  76  ASP A CB    1 
ATOM   536  C  CG    . ASP A 1 77  ? 9.681   -17.638 -4.316  1.00 35.65 ?  76  ASP A CG    1 
ATOM   537  O  OD1   . ASP A 1 77  ? 10.689  -17.465 -5.030  1.00 36.73 ?  76  ASP A OD1   1 
ATOM   538  O  OD2   . ASP A 1 77  ? 9.515   -18.656 -3.621  1.00 39.59 ?  76  ASP A OD2   1 
ATOM   539  N  N     . THR A 1 78  ? 8.286   -12.891 -4.120  1.00 22.49 ?  77  THR A N     1 
ATOM   540  C  CA    . THR A 1 78  ? 7.287   -11.840 -4.293  1.00 21.67 ?  77  THR A CA    1 
ATOM   541  C  C     . THR A 1 78  ? 7.229   -11.394 -5.751  1.00 22.45 ?  77  THR A C     1 
ATOM   542  O  O     . THR A 1 78  ? 8.263   -11.254 -6.412  1.00 21.95 ?  77  THR A O     1 
ATOM   543  C  CB    . THR A 1 78  ? 7.618   -10.645 -3.391  1.00 21.34 ?  77  THR A CB    1 
ATOM   544  O  OG1   . THR A 1 78  ? 7.619   -11.046 -2.008  1.00 21.26 ?  77  THR A OG1   1 
ATOM   545  C  CG2   . THR A 1 78  ? 6.625   -9.507  -3.582  1.00 19.56 ?  77  THR A CG2   1 
ATOM   546  N  N     . ASP A 1 79  ? 6.009   -11.172 -6.254  1.00 20.22 ?  78  ASP A N     1 
ATOM   547  C  CA    . ASP A 1 79  ? 5.794   -10.729 -7.631  1.00 20.16 ?  78  ASP A CA    1 
ATOM   548  C  C     . ASP A 1 79  ? 5.496   -9.237  -7.758  1.00 19.36 ?  78  ASP A C     1 
ATOM   549  O  O     . ASP A 1 79  ? 5.775   -8.644  -8.810  1.00 20.30 ?  78  ASP A O     1 
ATOM   550  C  CB    . ASP A 1 79  ? 4.648   -11.522 -8.263  1.00 21.25 ?  78  ASP A CB    1 
ATOM   551  C  CG    . ASP A 1 79  ? 4.984   -12.998 -8.423  1.00 26.13 ?  78  ASP A CG    1 
ATOM   552  O  OD1   . ASP A 1 79  ? 5.966   -13.293 -9.146  1.00 22.90 ?  78  ASP A OD1   1 
ATOM   553  O  OD2   . ASP A 1 79  ? 4.289   -13.851 -7.812  1.00 24.01 ?  78  ASP A OD2   1 
ATOM   554  N  N     . VAL A 1 80  ? 4.942   -8.616  -6.719  1.00 17.78 ?  79  VAL A N     1 
ATOM   555  C  CA    . VAL A 1 80  ? 4.691   -7.172  -6.710  1.00 17.77 ?  79  VAL A CA    1 
ATOM   556  C  C     . VAL A 1 80  ? 4.661   -6.720  -5.257  1.00 19.74 ?  79  VAL A C     1 
ATOM   557  O  O     . VAL A 1 80  ? 4.235   -7.465  -4.370  1.00 18.00 ?  79  VAL A O     1 
ATOM   558  C  CB    . VAL A 1 80  ? 3.380   -6.817  -7.459  1.00 17.24 ?  79  VAL A CB    1 
ATOM   559  C  CG1   . VAL A 1 80  ? 2.159   -7.523  -6.825  1.00 19.70 ?  79  VAL A CG1   1 
ATOM   560  C  CG2   . VAL A 1 80  ? 3.170   -5.291  -7.547  1.00 19.55 ?  79  VAL A CG2   1 
ATOM   561  N  N     . ILE A 1 81  ? 5.109   -5.484  -5.019  1.00 15.66 ?  80  ILE A N     1 
ATOM   562  C  CA    . ILE A 1 81  ? 5.139   -4.856  -3.697  1.00 19.22 ?  80  ILE A CA    1 
ATOM   563  C  C     . ILE A 1 81  ? 4.177   -3.676  -3.695  1.00 18.67 ?  80  ILE A C     1 
ATOM   564  O  O     . ILE A 1 81  ? 4.197   -2.852  -4.622  1.00 18.51 ?  80  ILE A O     1 
ATOM   565  C  CB    . ILE A 1 81  ? 6.561   -4.379  -3.351  1.00 18.05 ?  80  ILE A CB    1 
ATOM   566  C  CG1   . ILE A 1 81  ? 7.503   -5.571  -3.184  1.00 21.56 ?  80  ILE A CG1   1 
ATOM   567  C  CG2   . ILE A 1 81  ? 6.563   -3.485  -2.096  1.00 19.97 ?  80  ILE A CG2   1 
ATOM   568  C  CD1   . ILE A 1 81  ? 7.573   -6.091  -1.771  1.00 23.18 ?  80  ILE A CD1   1 
ATOM   569  N  N     . LEU A 1 82  ? 3.335   -3.588  -2.662  1.00 16.58 ?  81  LEU A N     1 
ATOM   570  C  CA    . LEU A 1 82  ? 2.599   -2.358  -2.367  1.00 17.12 ?  81  LEU A CA    1 
ATOM   571  C  C     . LEU A 1 82  ? 3.369   -1.657  -1.260  1.00 16.96 ?  81  LEU A C     1 
ATOM   572  O  O     . LEU A 1 82  ? 3.426   -2.160  -0.139  1.00 18.21 ?  81  LEU A O     1 
ATOM   573  C  CB    . LEU A 1 82  ? 1.164   -2.622  -1.910  1.00 17.03 ?  81  LEU A CB    1 
ATOM   574  C  CG    . LEU A 1 82  ? 0.203   -3.259  -2.918  1.00 17.24 ?  81  LEU A CG    1 
ATOM   575  C  CD1   . LEU A 1 82  ? -1.202  -3.324  -2.338  1.00 18.22 ?  81  LEU A CD1   1 
ATOM   576  C  CD2   . LEU A 1 82  ? 0.203   -2.483  -4.235  1.00 18.72 ?  81  LEU A CD2   1 
ATOM   577  N  N     . MET A 1 83  ? 3.952   -0.498  -1.572  1.00 15.35 ?  82  MET A N     1 
ATOM   578  C  CA    . MET A 1 83  ? 4.699   0.291   -0.603  1.00 18.37 ?  82  MET A CA    1 
ATOM   579  C  C     . MET A 1 83  ? 3.832   1.485   -0.206  1.00 19.17 ?  82  MET A C     1 
ATOM   580  O  O     . MET A 1 83  ? 3.587   2.384   -1.020  1.00 17.32 ?  82  MET A O     1 
ATOM   581  C  CB    . MET A 1 83  ? 6.038   0.731   -1.183  1.00 20.43 ?  82  MET A CB    1 
ATOM   582  C  CG    . MET A 1 83  ? 6.963   1.343   -0.151  1.00 21.04 ?  82  MET A CG    1 
ATOM   583  S  SD    . MET A 1 83  ? 8.476   1.924   -0.925  1.00 26.46 ?  82  MET A SD    1 
ATOM   584  C  CE    . MET A 1 83  ? 9.190   0.384   -1.480  1.00 25.26 ?  82  MET A CE    1 
ATOM   585  N  N     . CYS A 1 84  ? 3.364   1.492   1.041   1.00 17.35 ?  83  CYS A N     1 
ATOM   586  C  CA    . CYS A 1 84  ? 2.337   2.419   1.492   1.00 19.49 ?  83  CYS A CA    1 
ATOM   587  C  C     . CYS A 1 84  ? 2.883   3.490   2.423   1.00 19.02 ?  83  CYS A C     1 
ATOM   588  O  O     . CYS A 1 84  ? 3.805   3.254   3.216   1.00 17.62 ?  83  CYS A O     1 
ATOM   589  C  CB    . CYS A 1 84  ? 1.218   1.673   2.233   1.00 18.29 ?  83  CYS A CB    1 
ATOM   590  S  SG    . CYS A 1 84  ? 0.432   0.406   1.226   1.00 21.94 ?  83  CYS A SG    1 
ATOM   591  N  N     . PHE A 1 85  ? 2.263   4.663   2.335   1.00 16.81 ?  84  PHE A N     1 
ATOM   592  C  CA    . PHE A 1 85  ? 2.319   5.702   3.348   1.00 16.82 ?  84  PHE A CA    1 
ATOM   593  C  C     . PHE A 1 85  ? 0.892   6.194   3.547   1.00 17.13 ?  84  PHE A C     1 
ATOM   594  O  O     . PHE A 1 85  ? -0.023  5.807   2.817   1.00 18.07 ?  84  PHE A O     1 
ATOM   595  C  CB    . PHE A 1 85  ? 3.256   6.859   2.932   1.00 17.13 ?  84  PHE A CB    1 
ATOM   596  C  CG    . PHE A 1 85  ? 2.783   7.612   1.718   1.00 19.32 ?  84  PHE A CG    1 
ATOM   597  C  CD1   . PHE A 1 85  ? 3.062   7.144   0.438   1.00 19.12 ?  84  PHE A CD1   1 
ATOM   598  C  CD2   . PHE A 1 85  ? 2.059   8.789   1.854   1.00 18.36 ?  84  PHE A CD2   1 
ATOM   599  C  CE1   . PHE A 1 85  ? 2.610   7.829   -0.675  1.00 18.77 ?  84  PHE A CE1   1 
ATOM   600  C  CE2   . PHE A 1 85  ? 1.600   9.474   0.757   1.00 17.75 ?  84  PHE A CE2   1 
ATOM   601  C  CZ    . PHE A 1 85  ? 1.889   9.011   -0.516  1.00 20.77 ?  84  PHE A CZ    1 
ATOM   602  N  N     . SER A 1 86  ? 0.706   7.043   4.546   1.00 16.04 ?  85  SER A N     1 
ATOM   603  C  CA    . SER A 1 86  ? -0.625  7.639   4.798   1.00 17.50 ?  85  SER A CA    1 
ATOM   604  C  C     . SER A 1 86  ? -0.595  9.124   4.419   1.00 18.17 ?  85  SER A C     1 
ATOM   605  O  O     . SER A 1 86  ? 0.353   9.801   4.787   1.00 19.96 ?  85  SER A O     1 
ATOM   606  C  CB    . SER A 1 86  ? -1.070  7.476   6.230   1.00 19.38 ?  85  SER A CB    1 
ATOM   607  O  OG    . SER A 1 86  ? -2.378  8.000   6.360   1.00 30.89 ?  85  SER A OG    1 
ATOM   608  N  N     . ILE A 1 87  ? -1.631  9.574   3.733   1.00 19.32 ?  86  ILE A N     1 
ATOM   609  C  CA    . ILE A 1 87  ? -1.711  10.966  3.291   1.00 19.73 ?  86  ILE A CA    1 
ATOM   610  C  C     . ILE A 1 87  ? -1.822  11.923  4.481   1.00 21.54 ?  86  ILE A C     1 
ATOM   611  O  O     . ILE A 1 87  ? -1.469  13.105  4.367   1.00 22.26 ?  86  ILE A O     1 
ATOM   612  C  CB    . ILE A 1 87  ? -2.878  11.081  2.283   1.00 19.51 ?  86  ILE A CB    1 
ATOM   613  C  CG1   . ILE A 1 87  ? -2.448  10.509  0.924   1.00 20.97 ?  86  ILE A CG1   1 
ATOM   614  C  CG2   . ILE A 1 87  ? -3.359  12.524  2.110   1.00 21.18 ?  86  ILE A CG2   1 
ATOM   615  C  CD1   . ILE A 1 87  ? -3.611  10.159  -0.012  1.00 21.10 ?  86  ILE A CD1   1 
ATOM   616  N  N     . ASP A 1 88  ? -2.205  11.403  5.638   1.00 19.53 ?  87  ASP A N     1 
ATOM   617  C  CA    . ASP A 1 88  ? -2.272  12.245  6.867   1.00 21.75 ?  87  ASP A CA    1 
ATOM   618  C  C     . ASP A 1 88  ? -0.943  12.230  7.627   1.00 24.47 ?  87  ASP A C     1 
ATOM   619  O  O     . ASP A 1 88  ? -0.903  12.775  8.731   1.00 23.52 ?  87  ASP A O     1 
ATOM   620  C  CB    . ASP A 1 88  ? -3.384  11.798  7.800   1.00 23.53 ?  87  ASP A CB    1 
ATOM   621  C  CG    . ASP A 1 88  ? -3.124  10.536  8.607   1.00 27.64 ?  87  ASP A CG    1 
ATOM   622  O  OD1   . ASP A 1 88  ? -2.429  9.652   8.095   1.00 31.07 ?  87  ASP A OD1   1 
ATOM   623  O  OD2   . ASP A 1 88  ? -3.626  10.453  9.739   1.00 30.89 ?  87  ASP A OD2   1 
ATOM   624  N  N     . SER A 1 89  ? 0.098   11.633  7.049   1.00 23.74 ?  88  SER A N     1 
ATOM   625  C  CA    . SER A 1 89  ? 1.373   11.495  7.751   1.00 23.46 ?  88  SER A CA    1 
ATOM   626  C  C     . SER A 1 89  ? 2.526   11.796  6.799   1.00 26.17 ?  88  SER A C     1 
ATOM   627  O  O     . SER A 1 89  ? 3.081   10.889  6.165   1.00 22.17 ?  88  SER A O     1 
ATOM   628  C  CB    . SER A 1 89  ? 1.530   10.102  8.355   1.00 24.39 ?  88  SER A CB    1 
ATOM   629  O  OG    . SER A 1 89  ? 2.782   9.990   9.018   1.00 24.42 ?  88  SER A OG    1 
ATOM   630  N  N     . PRO A 1 90  ? 2.920   13.065  6.683   1.00 27.45 ?  89  PRO A N     1 
ATOM   631  C  CA    . PRO A 1 90  ? 4.164   13.376  5.957   1.00 28.48 ?  89  PRO A CA    1 
ATOM   632  C  C     . PRO A 1 90  ? 5.360   12.577  6.448   1.00 26.88 ?  89  PRO A C     1 
ATOM   633  O  O     . PRO A 1 90  ? 6.258   12.268  5.652   1.00 27.38 ?  89  PRO A O     1 
ATOM   634  C  CB    . PRO A 1 90  ? 4.354   14.878  6.212   1.00 33.21 ?  89  PRO A CB    1 
ATOM   635  C  CG    . PRO A 1 90  ? 2.985   15.391  6.521   1.00 29.81 ?  89  PRO A CG    1 
ATOM   636  C  CD    . PRO A 1 90  ? 2.239   14.274  7.185   1.00 27.50 ?  89  PRO A CD    1 
ATOM   637  N  N     . ASP A 1 91  ? 5.401   12.221  7.736   1.00 26.61 ?  90  ASP A N     1 
ATOM   638  C  CA    . ASP A 1 91  ? 6.505   11.407  8.238   1.00 28.55 ?  90  ASP A CA    1 
ATOM   639  C  C     . ASP A 1 91  ? 6.522   10.019  7.598   1.00 26.51 ?  90  ASP A C     1 
ATOM   640  O  O     . ASP A 1 91  ? 7.596   9.487   7.290   1.00 25.27 ?  90  ASP A O     1 
ATOM   641  C  CB    . ASP A 1 91  ? 6.421   11.286  9.756   1.00 32.42 ?  90  ASP A CB    1 
ATOM   642  C  CG    . ASP A 1 91  ? 6.821   12.574  10.471  1.00 37.90 ?  90  ASP A CG    1 
ATOM   643  O  OD1   . ASP A 1 91  ? 7.175   13.578  9.808   1.00 37.76 ?  90  ASP A OD1   1 
ATOM   644  O  OD2   . ASP A 1 91  ? 6.773   12.576  11.713  1.00 46.68 ?  90  ASP A OD2   1 
ATOM   645  N  N     . SER A 1 92  ? 5.351   9.402   7.416   1.00 24.38 ?  91  SER A N     1 
ATOM   646  C  CA    . SER A 1 92  ? 5.326   8.086   6.776   1.00 22.04 ?  91  SER A CA    1 
ATOM   647  C  C     . SER A 1 92  ? 5.797   8.157   5.330   1.00 20.06 ?  91  SER A C     1 
ATOM   648  O  O     . SER A 1 92  ? 6.368   7.189   4.822   1.00 21.94 ?  91  SER A O     1 
ATOM   649  C  CB    . SER A 1 92  ? 3.930   7.464   6.852   1.00 21.69 ?  91  SER A CB    1 
ATOM   650  O  OG    . SER A 1 92  ? 3.004   8.133   6.010   1.00 21.01 ?  91  SER A OG    1 
ATOM   651  N  N     . LEU A 1 93  ? 5.584   9.286   4.657   1.00 20.35 ?  92  LEU A N     1 
ATOM   652  C  CA    . LEU A 1 93  ? 6.119   9.451   3.304   1.00 23.90 ?  92  LEU A CA    1 
ATOM   653  C  C     . LEU A 1 93  ? 7.636   9.589   3.320   1.00 26.55 ?  92  LEU A C     1 
ATOM   654  O  O     . LEU A 1 93  ? 8.326   9.050   2.447   1.00 23.07 ?  92  LEU A O     1 
ATOM   655  C  CB    . LEU A 1 93  ? 5.499   10.675  2.629   1.00 20.92 ?  92  LEU A CB    1 
ATOM   656  C  CG    . LEU A 1 93  ? 6.032   10.995  1.222   1.00 22.69 ?  92  LEU A CG    1 
ATOM   657  C  CD1   . LEU A 1 93  ? 5.712   9.862   0.219   1.00 18.93 ?  92  LEU A CD1   1 
ATOM   658  C  CD2   . LEU A 1 93  ? 5.541   12.350  0.703   1.00 25.69 ?  92  LEU A CD2   1 
ATOM   659  N  N     . GLU A 1 94  ? 8.181   10.338  4.282   1.00 25.26 ?  93  GLU A N     1 
ATOM   660  C  CA    . GLU A 1 94  ? 9.631   10.486  4.313   1.00 29.91 ?  93  GLU A CA    1 
ATOM   661  C  C     . GLU A 1 94  ? 10.324  9.163   4.616   1.00 27.60 ?  93  GLU A C     1 
ATOM   662  O  O     . GLU A 1 94  ? 11.477  8.967   4.214   1.00 26.29 ?  93  GLU A O     1 
ATOM   663  C  CB    . GLU A 1 94  ? 10.027  11.570  5.321   1.00 33.28 ?  93  GLU A CB    1 
ATOM   664  C  CG    . GLU A 1 94  ? 11.491  12.021  5.245   1.00 42.13 ?  93  GLU A CG    1 
ATOM   665  C  CD    . GLU A 1 94  ? 11.977  12.312  3.823   1.00 47.54 ?  93  GLU A CD    1 
ATOM   666  O  OE1   . GLU A 1 94  ? 11.250  12.974  3.042   1.00 46.63 ?  93  GLU A OE1   1 
ATOM   667  O  OE2   . GLU A 1 94  ? 13.099  11.866  3.487   1.00 50.84 ?  93  GLU A OE2   1 
ATOM   668  N  N     . ASN A 1 95  ? 9.635   8.233   5.278   1.00 22.64 ?  94  ASN A N     1 
ATOM   669  C  CA    . ASN A 1 95  ? 10.214  6.921   5.518   1.00 26.21 ?  94  ASN A CA    1 
ATOM   670  C  C     . ASN A 1 95  ? 10.234  6.041   4.274   1.00 23.87 ?  94  ASN A C     1 
ATOM   671  O  O     . ASN A 1 95  ? 10.854  4.978   4.308   1.00 25.97 ?  94  ASN A O     1 
ATOM   672  C  CB    . ASN A 1 95  ? 9.461   6.214   6.653   1.00 27.15 ?  94  ASN A CB    1 
ATOM   673  C  CG    . ASN A 1 95  ? 10.002  6.571   8.023   1.00 35.62 ?  94  ASN A CG    1 
ATOM   674  O  OD1   . ASN A 1 95  ? 11.199  6.813   8.177   1.00 34.68 ?  94  ASN A OD1   1 
ATOM   675  N  ND2   . ASN A 1 95  ? 9.122   6.607   9.028   1.00 31.25 ?  94  ASN A ND2   1 
ATOM   676  N  N     . ILE A 1 96  ? 9.584   6.449   3.187   1.00 23.57 ?  95  ILE A N     1 
ATOM   677  C  CA    . ILE A 1 96  ? 9.628   5.648   1.954   1.00 23.89 ?  95  ILE A CA    1 
ATOM   678  C  C     . ILE A 1 96  ? 11.054  5.551   1.418   1.00 24.81 ?  95  ILE A C     1 
ATOM   679  O  O     . ILE A 1 96  ? 11.540  4.424   1.208   1.00 25.32 ?  95  ILE A O     1 
ATOM   680  C  CB    . ILE A 1 96  ? 8.630   6.202   0.922   1.00 22.38 ?  95  ILE A CB    1 
ATOM   681  C  CG1   . ILE A 1 96  ? 7.168   5.976   1.372   1.00 23.54 ?  95  ILE A CG1   1 
ATOM   682  C  CG2   . ILE A 1 96  ? 8.899   5.617   -0.477  1.00 22.01 ?  95  ILE A CG2   1 
ATOM   683  C  CD1   . ILE A 1 96  ? 6.742   4.505   1.445   1.00 20.70 ?  95  ILE A CD1   1 
ATOM   684  N  N     . PRO A 1 97  ? 11.776  6.652   1.173   1.00 25.78 ?  96  PRO A N     1 
ATOM   685  C  CA    . PRO A 1 97  ? 13.149  6.511   0.665   1.00 24.77 ?  96  PRO A CA    1 
ATOM   686  C  C     . PRO A 1 97  ? 14.156  6.187   1.747   1.00 28.51 ?  96  PRO A C     1 
ATOM   687  O  O     . PRO A 1 97  ? 15.235  5.676   1.425   1.00 30.39 ?  96  PRO A O     1 
ATOM   688  C  CB    . PRO A 1 97  ? 13.429  7.881   0.038   1.00 24.98 ?  96  PRO A CB    1 
ATOM   689  C  CG    . PRO A 1 97  ? 12.621  8.825   0.857   1.00 25.84 ?  96  PRO A CG    1 
ATOM   690  C  CD    . PRO A 1 97  ? 11.350  8.068   1.189   1.00 23.50 ?  96  PRO A CD    1 
ATOM   691  N  N     . GLU A 1 98  ? 13.846  6.458   3.014   1.00 25.92 ?  97  GLU A N     1 
ATOM   692  C  CA    . GLU A 1 98  ? 14.833  6.296   4.071   1.00 26.72 ?  97  GLU A CA    1 
ATOM   693  C  C     . GLU A 1 98  ? 14.804  4.920   4.708   1.00 30.84 ?  97  GLU A C     1 
ATOM   694  O  O     . GLU A 1 98  ? 15.810  4.504   5.298   1.00 32.54 ?  97  GLU A O     1 
ATOM   695  C  CB    . GLU A 1 98  ? 14.626  7.363   5.149   1.00 29.55 ?  97  GLU A CB    1 
ATOM   696  C  CG    . GLU A 1 98  ? 15.003  8.767   4.689   1.00 36.70 ?  97  GLU A CG    1 
ATOM   697  C  CD    . GLU A 1 98  ? 16.339  8.814   3.936   1.00 43.20 ?  97  GLU A CD    1 
ATOM   698  O  OE1   . GLU A 1 98  ? 16.357  9.317   2.788   1.00 44.97 ?  97  GLU A OE1   1 
ATOM   699  O  OE2   . GLU A 1 98  ? 17.367  8.352   4.485   1.00 42.59 ?  97  GLU A OE2   1 
ATOM   700  N  N     . LYS A 1 99  ? 13.690  4.201   4.596   1.00 26.72 ?  98  LYS A N     1 
ATOM   701  C  CA    . LYS A 1 99  ? 13.580  2.904   5.244   1.00 24.89 ?  98  LYS A CA    1 
ATOM   702  C  C     . LYS A 1 99  ? 13.043  1.826   4.309   1.00 26.89 ?  98  LYS A C     1 
ATOM   703  O  O     . LYS A 1 99  ? 13.632  0.744   4.179   1.00 26.91 ?  98  LYS A O     1 
ATOM   704  C  CB    . LYS A 1 99  ? 12.682  3.021   6.474   1.00 25.55 ?  98  LYS A CB    1 
ATOM   705  C  CG    . LYS A 1 99  ? 12.463  1.706   7.183   1.00 27.92 ?  98  LYS A CG    1 
ATOM   706  C  CD    . LYS A 1 99  ? 11.576  1.908   8.399   1.00 33.27 ?  98  LYS A CD    1 
ATOM   707  C  CE    . LYS A 1 99  ? 11.627  0.702   9.319   1.00 40.76 ?  98  LYS A CE    1 
ATOM   708  N  NZ    . LYS A 1 99  ? 11.371  -0.539  8.565   1.00 35.95 ?  98  LYS A NZ    1 
ATOM   709  N  N     . TRP A 1 100 ? 11.919  2.103   3.656   1.00 22.42 ?  99  TRP A N     1 
ATOM   710  C  CA    . TRP A 1 100 ? 11.209  1.034   2.966   1.00 23.02 ?  99  TRP A CA    1 
ATOM   711  C  C     . TRP A 1 100 ? 11.841  0.703   1.619   1.00 23.78 ?  99  TRP A C     1 
ATOM   712  O  O     . TRP A 1 100 ? 11.959  -0.474  1.265   1.00 23.92 ?  99  TRP A O     1 
ATOM   713  C  CB    . TRP A 1 100 ? 9.729   1.404   2.830   1.00 24.46 ?  99  TRP A CB    1 
ATOM   714  C  CG    . TRP A 1 100 ? 9.104   1.459   4.204   1.00 24.84 ?  99  TRP A CG    1 
ATOM   715  C  CD1   . TRP A 1 100 ? 8.608   2.557   4.844   1.00 25.68 ?  99  TRP A CD1   1 
ATOM   716  C  CD2   . TRP A 1 100 ? 8.969   0.367   5.112   1.00 21.57 ?  99  TRP A CD2   1 
ATOM   717  N  NE1   . TRP A 1 100 ? 8.165   2.212   6.095   1.00 23.37 ?  99  TRP A NE1   1 
ATOM   718  C  CE2   . TRP A 1 100 ? 8.378   0.873   6.288   1.00 24.34 ?  99  TRP A CE2   1 
ATOM   719  C  CE3   . TRP A 1 100 ? 9.291   -0.994  5.047   1.00 24.71 ?  99  TRP A CE3   1 
ATOM   720  C  CZ2   . TRP A 1 100 ? 8.085   0.068   7.386   1.00 26.02 ?  99  TRP A CZ2   1 
ATOM   721  C  CZ3   . TRP A 1 100 ? 9.009   -1.796  6.141   1.00 24.79 ?  99  TRP A CZ3   1 
ATOM   722  C  CH2   . TRP A 1 100 ? 8.411   -1.259  7.299   1.00 28.54 ?  99  TRP A CH2   1 
ATOM   723  N  N     . THR A 1 101 ? 12.279  1.701   0.874   1.00 24.89 ?  100 THR A N     1 
ATOM   724  C  CA    . THR A 1 101 ? 12.879  1.389   -0.420  1.00 23.54 ?  100 THR A CA    1 
ATOM   725  C  C     . THR A 1 101 ? 14.221  0.670   -0.251  1.00 27.02 ?  100 THR A C     1 
ATOM   726  O  O     . THR A 1 101 ? 14.461  -0.327  -0.948  1.00 26.89 ?  100 THR A O     1 
ATOM   727  C  CB    . THR A 1 101 ? 13.014  2.657   -1.269  1.00 26.93 ?  100 THR A CB    1 
ATOM   728  O  OG1   . THR A 1 101 ? 11.716  3.239   -1.447  1.00 28.06 ?  100 THR A OG1   1 
ATOM   729  C  CG2   . THR A 1 101 ? 13.572  2.315   -2.642  1.00 28.75 ?  100 THR A CG2   1 
ATOM   730  N  N     . PRO A 1 102 ? 15.104  1.096   0.668   1.00 25.98 ?  101 PRO A N     1 
ATOM   731  C  CA    . PRO A 1 102 ? 16.324  0.297   0.909   1.00 26.96 ?  101 PRO A CA    1 
ATOM   732  C  C     . PRO A 1 102 ? 16.044  -1.141  1.297   1.00 28.64 ?  101 PRO A C     1 
ATOM   733  O  O     . PRO A 1 102 ? 16.709  -2.052  0.787   1.00 28.56 ?  101 PRO A O     1 
ATOM   734  C  CB    . PRO A 1 102 ? 17.025  1.058   2.044   1.00 30.22 ?  101 PRO A CB    1 
ATOM   735  C  CG    . PRO A 1 102 ? 16.570  2.448   1.892   1.00 29.07 ?  101 PRO A CG    1 
ATOM   736  C  CD    . PRO A 1 102 ? 15.153  2.378   1.395   1.00 25.49 ?  101 PRO A CD    1 
ATOM   737  N  N     . GLU A 1 103 ? 15.070  -1.377  2.184   1.00 24.99 ?  102 GLU A N     1 
ATOM   738  C  CA    . GLU A 1 103 ? 14.772  -2.739  2.610   1.00 22.67 ?  102 GLU A CA    1 
ATOM   739  C  C     . GLU A 1 103 ? 14.182  -3.571  1.471   1.00 27.10 ?  102 GLU A C     1 
ATOM   740  O  O     . GLU A 1 103 ? 14.644  -4.684  1.201   1.00 26.47 ?  102 GLU A O     1 
ATOM   741  C  CB    . GLU A 1 103 ? 13.822  -2.720  3.806   1.00 26.45 ?  102 GLU A CB    1 
ATOM   742  C  CG    . GLU A 1 103 ? 13.414  -4.131  4.248   1.00 26.00 ?  102 GLU A CG    1 
ATOM   743  C  CD    . GLU A 1 103 ? 12.554  -4.133  5.487   1.00 28.94 ?  102 GLU A CD    1 
ATOM   744  O  OE1   . GLU A 1 103 ? 12.983  -3.562  6.510   1.00 30.92 ?  102 GLU A OE1   1 
ATOM   745  O  OE2   . GLU A 1 103 ? 11.448  -4.713  5.436   1.00 27.82 ?  102 GLU A OE2   1 
ATOM   746  N  N     . VAL A 1 104 ? 13.151  -3.053  0.801   1.00 23.67 ?  103 VAL A N     1 
ATOM   747  C  CA    . VAL A 1 104 ? 12.484  -3.806  -0.263  1.00 23.69 ?  103 VAL A CA    1 
ATOM   748  C  C     . VAL A 1 104 ? 13.445  -4.096  -1.412  1.00 26.71 ?  103 VAL A C     1 
ATOM   749  O  O     . VAL A 1 104 ? 13.472  -5.209  -1.952  1.00 26.20 ?  103 VAL A O     1 
ATOM   750  C  CB    . VAL A 1 104 ? 11.236  -3.037  -0.739  1.00 25.62 ?  103 VAL A CB    1 
ATOM   751  C  CG1   . VAL A 1 104 ? 10.687  -3.594  -2.054  1.00 27.46 ?  103 VAL A CG1   1 
ATOM   752  C  CG2   . VAL A 1 104 ? 10.175  -3.068  0.349   1.00 25.33 ?  103 VAL A CG2   1 
ATOM   753  N  N     . LYS A 1 105 ? 14.255  -3.112  -1.806  1.00 25.95 ?  104 LYS A N     1 
ATOM   754  C  CA    . LYS A 1 105 ? 15.138  -3.373  -2.940  1.00 25.98 ?  104 LYS A CA    1 
ATOM   755  C  C     . LYS A 1 105 ? 16.307  -4.275  -2.562  1.00 29.18 ?  104 LYS A C     1 
ATOM   756  O  O     . LYS A 1 105 ? 16.909  -4.894  -3.448  1.00 29.00 ?  104 LYS A O     1 
ATOM   757  C  CB    . LYS A 1 105 ? 15.620  -2.059  -3.551  1.00 28.13 ?  104 LYS A CB    1 
ATOM   758  C  CG    . LYS A 1 105 ? 14.519  -1.400  -4.361  1.00 29.03 ?  104 LYS A CG    1 
ATOM   759  C  CD    . LYS A 1 105 ? 14.985  -0.222  -5.169  1.00 36.34 ?  104 LYS A CD    1 
ATOM   760  C  CE    . LYS A 1 105 ? 13.828  0.367   -5.967  1.00 39.27 ?  104 LYS A CE    1 
ATOM   761  N  NZ    . LYS A 1 105 ? 14.230  1.592   -6.715  1.00 41.72 ?  104 LYS A NZ    1 
ATOM   762  N  N     . HIS A 1 106 ? 16.613  -4.405  -1.272  1.00 26.16 ?  105 HIS A N     1 
ATOM   763  C  CA    . HIS A 1 106 ? 17.644  -5.355  -0.866  1.00 31.32 ?  105 HIS A CA    1 
ATOM   764  C  C     . HIS A 1 106 ? 17.167  -6.789  -1.050  1.00 30.75 ?  105 HIS A C     1 
ATOM   765  O  O     . HIS A 1 106 ? 17.855  -7.609  -1.671  1.00 29.93 ?  105 HIS A O     1 
ATOM   766  C  CB    . HIS A 1 106 ? 18.050  -5.121  0.585   1.00 28.22 ?  105 HIS A CB    1 
ATOM   767  C  CG    . HIS A 1 106 ? 19.056  -6.111  1.085   1.00 30.96 ?  105 HIS A CG    1 
ATOM   768  N  ND1   . HIS A 1 106 ? 18.764  -7.055  2.047   1.00 34.89 ?  105 HIS A ND1   1 
ATOM   769  C  CD2   . HIS A 1 106 ? 20.352  -6.312  0.743   1.00 33.70 ?  105 HIS A CD2   1 
ATOM   770  C  CE1   . HIS A 1 106 ? 19.837  -7.791  2.281   1.00 32.50 ?  105 HIS A CE1   1 
ATOM   771  N  NE2   . HIS A 1 106 ? 20.813  -7.362  1.502   1.00 38.77 ?  105 HIS A NE2   1 
ATOM   772  N  N     . PHE A 1 107 ? 15.984  -7.107  -0.512  1.00 25.86 ?  106 PHE A N     1 
ATOM   773  C  CA    . PHE A 1 107 ? 15.463  -8.469  -0.550  1.00 25.88 ?  106 PHE A CA    1 
ATOM   774  C  C     . PHE A 1 107 ? 14.742  -8.793  -1.851  1.00 28.34 ?  106 PHE A C     1 
ATOM   775  O  O     . PHE A 1 107 ? 14.637  -9.974  -2.207  1.00 31.20 ?  106 PHE A O     1 
ATOM   776  C  CB    . PHE A 1 107 ? 14.524  -8.697  0.639   1.00 23.66 ?  106 PHE A CB    1 
ATOM   777  C  CG    . PHE A 1 107 ? 15.226  -8.645  1.960   1.00 26.94 ?  106 PHE A CG    1 
ATOM   778  C  CD1   . PHE A 1 107 ? 16.009  -9.711  2.373   1.00 28.76 ?  106 PHE A CD1   1 
ATOM   779  C  CD2   . PHE A 1 107 ? 15.142  -7.525  2.770   1.00 28.40 ?  106 PHE A CD2   1 
ATOM   780  C  CE1   . PHE A 1 107 ? 16.687  -9.670  3.581   1.00 35.07 ?  106 PHE A CE1   1 
ATOM   781  C  CE2   . PHE A 1 107 ? 15.817  -7.475  3.988   1.00 30.64 ?  106 PHE A CE2   1 
ATOM   782  C  CZ    . PHE A 1 107 ? 16.589  -8.554  4.394   1.00 31.72 ?  106 PHE A CZ    1 
ATOM   783  N  N     . CYS A 1 108 ? 14.249  -7.780  -2.563  1.00 25.14 ?  107 CYS A N     1 
ATOM   784  C  CA    . CYS A 1 108 ? 13.468  -7.958  -3.788  1.00 24.92 ?  107 CYS A CA    1 
ATOM   785  C  C     . CYS A 1 108 ? 13.990  -7.017  -4.864  1.00 26.13 ?  107 CYS A C     1 
ATOM   786  O  O     . CYS A 1 108 ? 13.256  -6.142  -5.334  1.00 24.63 ?  107 CYS A O     1 
ATOM   787  C  CB    . CYS A 1 108 ? 11.987  -7.692  -3.524  1.00 25.38 ?  107 CYS A CB    1 
ATOM   788  S  SG    . CYS A 1 108 ? 11.262  -8.804  -2.303  1.00 27.69 ?  107 CYS A SG    1 
ATOM   789  N  N     . PRO A 1 109 ? 15.240  -7.205  -5.312  1.00 30.15 ?  108 PRO A N     1 
ATOM   790  C  CA    . PRO A 1 109 ? 15.927  -6.147  -6.086  1.00 30.20 ?  108 PRO A CA    1 
ATOM   791  C  C     . PRO A 1 109 ? 15.209  -5.657  -7.334  1.00 33.51 ?  108 PRO A C     1 
ATOM   792  O  O     . PRO A 1 109 ? 15.332  -4.471  -7.674  1.00 37.56 ?  108 PRO A O     1 
ATOM   793  C  CB    . PRO A 1 109 ? 17.276  -6.793  -6.445  1.00 34.44 ?  108 PRO A CB    1 
ATOM   794  C  CG    . PRO A 1 109 ? 17.174  -8.238  -6.033  1.00 35.95 ?  108 PRO A CG    1 
ATOM   795  C  CD    . PRO A 1 109 ? 16.154  -8.304  -4.955  1.00 29.75 ?  108 PRO A CD    1 
ATOM   796  N  N     . ASN A 1 110 ? 14.472  -6.510  -8.036  1.00 31.75 ?  109 ASN A N     1 
ATOM   797  C  CA    . ASN A 1 110 ? 13.872  -6.078  -9.292  1.00 28.25 ?  109 ASN A CA    1 
ATOM   798  C  C     . ASN A 1 110 ? 12.384  -6.394  -9.336  1.00 26.53 ?  109 ASN A C     1 
ATOM   799  O  O     . ASN A 1 110 ? 11.799  -6.560  -10.409 1.00 28.84 ?  109 ASN A O     1 
ATOM   800  C  CB    . ASN A 1 110 ? 14.617  -6.697  -10.472 1.00 32.50 ?  109 ASN A CB    1 
ATOM   801  C  CG    . ASN A 1 110 ? 16.073  -6.245  -10.518 1.00 36.73 ?  109 ASN A CG    1 
ATOM   802  O  OD1   . ASN A 1 110 ? 16.373  -5.136  -10.961 1.00 37.41 ?  109 ASN A OD1   1 
ATOM   803  N  ND2   . ASN A 1 110 ? 16.974  -7.090  -10.027 1.00 38.59 ?  109 ASN A ND2   1 
ATOM   804  N  N     . VAL A 1 111 ? 11.755  -6.438  -8.173  1.00 23.10 ?  110 VAL A N     1 
ATOM   805  C  CA    . VAL A 1 111 ? 10.312  -6.659  -8.089  1.00 22.33 ?  110 VAL A CA    1 
ATOM   806  C  C     . VAL A 1 111 ? 9.599   -5.320  -8.260  1.00 20.29 ?  110 VAL A C     1 
ATOM   807  O  O     . VAL A 1 111 ? 10.025  -4.327  -7.655  1.00 20.09 ?  110 VAL A O     1 
ATOM   808  C  CB    . VAL A 1 111 ? 9.968   -7.298  -6.751  1.00 22.30 ?  110 VAL A CB    1 
ATOM   809  C  CG1   . VAL A 1 111 ? 8.454   -7.366  -6.533  1.00 22.44 ?  110 VAL A CG1   1 
ATOM   810  C  CG2   . VAL A 1 111 ? 10.594  -8.683  -6.688  1.00 26.06 ?  110 VAL A CG2   1 
ATOM   811  N  N     . PRO A 1 112 ? 8.542   -5.249  -9.072  1.00 20.98 ?  111 PRO A N     1 
ATOM   812  C  CA    . PRO A 1 112 ? 7.841   -3.974  -9.263  1.00 19.79 ?  111 PRO A CA    1 
ATOM   813  C  C     . PRO A 1 112 ? 7.216   -3.465  -7.976  1.00 20.91 ?  111 PRO A C     1 
ATOM   814  O  O     . PRO A 1 112 ? 6.665   -4.236  -7.190  1.00 19.22 ?  111 PRO A O     1 
ATOM   815  C  CB    . PRO A 1 112 ? 6.761   -4.298  -10.304 1.00 22.14 ?  111 PRO A CB    1 
ATOM   816  C  CG    . PRO A 1 112 ? 6.795   -5.759  -10.523 1.00 26.83 ?  111 PRO A CG    1 
ATOM   817  C  CD    . PRO A 1 112 ? 8.077   -6.302  -9.994  1.00 22.33 ?  111 PRO A CD    1 
ATOM   818  N  N     . ILE A 1 113 ? 7.264   -2.144  -7.805  1.00 19.63 ?  112 ILE A N     1 
ATOM   819  C  CA    . ILE A 1 113 ? 6.691   -1.445  -6.653  1.00 18.41 ?  112 ILE A CA    1 
ATOM   820  C  C     . ILE A 1 113 ? 5.550   -0.553  -7.124  1.00 21.31 ?  112 ILE A C     1 
ATOM   821  O  O     . ILE A 1 113 ? 5.716   0.229   -8.069  1.00 20.45 ?  112 ILE A O     1 
ATOM   822  C  CB    . ILE A 1 113 ? 7.751   -0.597  -5.933  1.00 16.10 ?  112 ILE A CB    1 
ATOM   823  C  CG1   . ILE A 1 113 ? 8.858   -1.483  -5.356  1.00 18.51 ?  112 ILE A CG1   1 
ATOM   824  C  CG2   . ILE A 1 113 ? 7.092   0.298   -4.862  1.00 17.93 ?  112 ILE A CG2   1 
ATOM   825  C  CD1   . ILE A 1 113 ? 10.118  -0.711  -4.945  1.00 23.63 ?  112 ILE A CD1   1 
ATOM   826  N  N     . ILE A 1 114 ? 4.403   -0.641  -6.449  1.00 17.71 ?  113 ILE A N     1 
ATOM   827  C  CA    . ILE A 1 114 ? 3.365   0.379   -6.549  1.00 16.82 ?  113 ILE A CA    1 
ATOM   828  C  C     . ILE A 1 114 ? 3.442   1.221   -5.283  1.00 17.79 ?  113 ILE A C     1 
ATOM   829  O  O     . ILE A 1 114 ? 3.331   0.687   -4.176  1.00 17.33 ?  113 ILE A O     1 
ATOM   830  C  CB    . ILE A 1 114 ? 1.965   -0.233  -6.697  1.00 19.32 ?  113 ILE A CB    1 
ATOM   831  C  CG1   . ILE A 1 114 ? 1.936   -1.306  -7.792  1.00 21.21 ?  113 ILE A CG1   1 
ATOM   832  C  CG2   . ILE A 1 114 ? 0.936   0.867   -6.947  1.00 18.88 ?  113 ILE A CG2   1 
ATOM   833  C  CD1   . ILE A 1 114 ? 2.450   -0.815  -9.148  1.00 22.82 ?  113 ILE A CD1   1 
ATOM   834  N  N     . LEU A 1 115 ? 3.632   2.535   -5.433  1.00 16.23 ?  114 LEU A N     1 
ATOM   835  C  CA    . LEU A 1 115 ? 3.598   3.435   -4.279  1.00 15.31 ?  114 LEU A CA    1 
ATOM   836  C  C     . LEU A 1 115 ? 2.156   3.847   -4.014  1.00 18.08 ?  114 LEU A C     1 
ATOM   837  O  O     . LEU A 1 115 ? 1.471   4.336   -4.920  1.00 18.23 ?  114 LEU A O     1 
ATOM   838  C  CB    . LEU A 1 115 ? 4.469   4.669   -4.516  1.00 20.29 ?  114 LEU A CB    1 
ATOM   839  C  CG    . LEU A 1 115 ? 4.534   5.675   -3.360  1.00 18.60 ?  114 LEU A CG    1 
ATOM   840  C  CD1   . LEU A 1 115 ? 5.218   5.088   -2.158  1.00 17.59 ?  114 LEU A CD1   1 
ATOM   841  C  CD2   . LEU A 1 115 ? 5.273   6.942   -3.810  1.00 19.78 ?  114 LEU A CD2   1 
ATOM   842  N  N     . VAL A 1 116 ? 1.689   3.635   -2.779  1.00 16.78 ?  115 VAL A N     1 
ATOM   843  C  CA    . VAL A 1 116 ? 0.279   3.823   -2.438  1.00 16.74 ?  115 VAL A CA    1 
ATOM   844  C  C     . VAL A 1 116 ? 0.153   4.851   -1.322  1.00 16.50 ?  115 VAL A C     1 
ATOM   845  O  O     . VAL A 1 116 ? 0.730   4.683   -0.238  1.00 15.99 ?  115 VAL A O     1 
ATOM   846  C  CB    . VAL A 1 116 ? -0.398  2.508   -2.022  1.00 17.44 ?  115 VAL A CB    1 
ATOM   847  C  CG1   . VAL A 1 116 ? -1.893  2.745   -1.755  1.00 19.34 ?  115 VAL A CG1   1 
ATOM   848  C  CG2   . VAL A 1 116 ? -0.216  1.448   -3.086  1.00 17.08 ?  115 VAL A CG2   1 
ATOM   849  N  N     . GLY A 1 117 ? -0.635  5.891   -1.579  1.00 17.63 ?  116 GLY A N     1 
ATOM   850  C  CA    . GLY A 1 117 ? -1.029  6.841   -0.553  1.00 17.78 ?  116 GLY A CA    1 
ATOM   851  C  C     . GLY A 1 117 ? -2.379  6.468   0.016   1.00 19.70 ?  116 GLY A C     1 
ATOM   852  O  O     . GLY A 1 117 ? -3.401  6.584   -0.670  1.00 18.14 ?  116 GLY A O     1 
ATOM   853  N  N     . ASN A 1 118 ? -2.391  5.997   1.264   1.00 17.22 ?  117 ASN A N     1 
ATOM   854  C  CA    . ASN A 1 118 ? -3.608  5.557   1.932   1.00 16.40 ?  117 ASN A CA    1 
ATOM   855  C  C     . ASN A 1 118 ? -4.311  6.714   2.643   1.00 18.38 ?  117 ASN A C     1 
ATOM   856  O  O     . ASN A 1 118 ? -3.740  7.784   2.872   1.00 18.76 ?  117 ASN A O     1 
ATOM   857  C  CB    . ASN A 1 118 ? -3.291  4.485   2.974   1.00 17.21 ?  117 ASN A CB    1 
ATOM   858  C  CG    . ASN A 1 118 ? -2.939  3.144   2.361   1.00 21.39 ?  117 ASN A CG    1 
ATOM   859  O  OD1   . ASN A 1 118 ? -3.376  2.814   1.261   1.00 20.76 ?  117 ASN A OD1   1 
ATOM   860  N  ND2   . ASN A 1 118 ? -2.171  2.345   3.101   1.00 22.14 ?  117 ASN A ND2   1 
ATOM   861  N  N     . LYS A 1 119 ? -5.561  6.457   3.039   1.00 16.57 ?  118 LYS A N     1 
ATOM   862  C  CA    . LYS A 1 119 ? -6.348  7.380   3.868   1.00 16.88 ?  118 LYS A CA    1 
ATOM   863  C  C     . LYS A 1 119 ? -6.598  8.696   3.137   1.00 17.83 ?  118 LYS A C     1 
ATOM   864  O  O     . LYS A 1 119 ? -6.575  9.776   3.737   1.00 19.01 ?  118 LYS A O     1 
ATOM   865  C  CB    . LYS A 1 119 ? -5.691  7.635   5.232   1.00 18.08 ?  118 LYS A CB    1 
ATOM   866  C  CG    . LYS A 1 119 ? -5.307  6.373   5.983   1.00 16.82 ?  118 LYS A CG    1 
ATOM   867  C  CD    . LYS A 1 119 ? -5.101  6.657   7.480   1.00 19.09 ?  118 LYS A CD    1 
ATOM   868  C  CE    . LYS A 1 119 ? -4.422  5.475   8.142   1.00 20.13 ?  118 LYS A CE    1 
ATOM   869  N  NZ    . LYS A 1 119 ? -4.167  5.697   9.608   1.00 21.76 ?  118 LYS A NZ    1 
ATOM   870  N  N     . LYS A 1 120 ? -6.865  8.591   1.831   1.00 18.44 ?  119 LYS A N     1 
ATOM   871  C  CA    . LYS A 1 120 ? -7.117  9.771   1.009   1.00 20.94 ?  119 LYS A CA    1 
ATOM   872  C  C     . LYS A 1 120 ? -8.255  10.617  1.572   1.00 23.36 ?  119 LYS A C     1 
ATOM   873  O  O     . LYS A 1 120 ? -8.279  11.839  1.381   1.00 22.22 ?  119 LYS A O     1 
ATOM   874  C  CB    . LYS A 1 120 ? -7.444  9.335   -0.425  1.00 26.62 ?  119 LYS A CB    1 
ATOM   875  C  CG    . LYS A 1 120 ? -7.744  10.465  -1.378  1.00 34.19 ?  119 LYS A CG    1 
ATOM   876  C  CD    . LYS A 1 120 ? -8.217  9.938   -2.733  1.00 34.03 ?  119 LYS A CD    1 
ATOM   877  C  CE    . LYS A 1 120 ? -8.586  11.090  -3.649  1.00 39.85 ?  119 LYS A CE    1 
ATOM   878  N  NZ    . LYS A 1 120 ? -9.086  10.607  -4.969  1.00 48.15 ?  119 LYS A NZ    1 
ATOM   879  N  N     . ASP A 1 121 ? -9.189  9.986   2.286   1.00 20.46 ?  120 ASP A N     1 
ATOM   880  C  CA    . ASP A 1 121 ? -10.326 10.698  2.864   1.00 20.50 ?  120 ASP A CA    1 
ATOM   881  C  C     . ASP A 1 121 ? -9.919  11.703  3.941   1.00 23.38 ?  120 ASP A C     1 
ATOM   882  O  O     . ASP A 1 121 ? -10.723 12.572  4.299   1.00 24.17 ?  120 ASP A O     1 
ATOM   883  C  CB    . ASP A 1 121 ? -11.311 9.694   3.450   1.00 21.31 ?  120 ASP A CB    1 
ATOM   884  C  CG    . ASP A 1 121 ? -10.686 8.862   4.550   1.00 23.73 ?  120 ASP A CG    1 
ATOM   885  O  OD1   . ASP A 1 121 ? -9.856  7.984   4.235   1.00 22.14 ?  120 ASP A OD1   1 
ATOM   886  O  OD2   . ASP A 1 121 ? -10.991 9.114   5.737   1.00 24.28 ?  120 ASP A OD2   1 
ATOM   887  N  N     . LEU A 1 122 ? -8.704  11.611  4.472   1.00 20.52 ?  121 LEU A N     1 
ATOM   888  C  CA    . LEU A 1 122 ? -8.277  12.521  5.525   1.00 21.55 ?  121 LEU A CA    1 
ATOM   889  C  C     . LEU A 1 122 ? -7.629  13.796  4.994   1.00 22.72 ?  121 LEU A C     1 
ATOM   890  O  O     . LEU A 1 122 ? -7.330  14.692  5.789   1.00 24.31 ?  121 LEU A O     1 
ATOM   891  C  CB    . LEU A 1 122 ? -7.308  11.811  6.472   1.00 19.77 ?  121 LEU A CB    1 
ATOM   892  C  CG    . LEU A 1 122 ? -7.918  10.678  7.294   1.00 21.00 ?  121 LEU A CG    1 
ATOM   893  C  CD1   . LEU A 1 122 ? -6.873  10.087  8.233   1.00 22.19 ?  121 LEU A CD1   1 
ATOM   894  C  CD2   . LEU A 1 122 ? -9.138  11.173  8.056   1.00 21.10 ?  121 LEU A CD2   1 
ATOM   895  N  N     . ARG A 1 123 ? -7.392  13.890  3.683   1.00 21.40 ?  122 ARG A N     1 
ATOM   896  C  CA    . ARG A 1 123 ? -6.742  15.073  3.129   1.00 20.18 ?  122 ARG A CA    1 
ATOM   897  C  C     . ARG A 1 123 ? -7.522  16.344  3.450   1.00 25.28 ?  122 ARG A C     1 
ATOM   898  O  O     . ARG A 1 123 ? -6.924  17.395  3.709   1.00 24.87 ?  122 ARG A O     1 
ATOM   899  C  CB    . ARG A 1 123 ? -6.571  14.923  1.618   1.00 20.76 ?  122 ARG A CB    1 
ATOM   900  C  CG    . ARG A 1 123 ? -5.934  16.138  0.977   1.00 24.26 ?  122 ARG A CG    1 
ATOM   901  C  CD    . ARG A 1 123 ? -5.628  15.906  -0.498  1.00 24.43 ?  122 ARG A CD    1 
ATOM   902  N  NE    . ARG A 1 123 ? -4.392  15.149  -0.653  1.00 21.61 ?  122 ARG A NE    1 
ATOM   903  C  CZ    . ARG A 1 123 ? -4.239  14.085  -1.431  1.00 22.14 ?  122 ARG A CZ    1 
ATOM   904  N  NH1   . ARG A 1 123 ? -5.244  13.588  -2.141  1.00 22.97 ?  122 ARG A NH1   1 
ATOM   905  N  NH2   . ARG A 1 123 ? -3.039  13.526  -1.526  1.00 22.10 ?  122 ARG A NH2   1 
ATOM   906  N  N     . ASN A 1 124 ? -8.855  16.269  3.444   1.00 23.35 ?  123 ASN A N     1 
ATOM   907  C  CA    . ASN A 1 124 ? -9.703  17.418  3.737   1.00 27.72 ?  123 ASN A CA    1 
ATOM   908  C  C     . ASN A 1 124 ? -10.384 17.309  5.096   1.00 27.93 ?  123 ASN A C     1 
ATOM   909  O  O     . ASN A 1 124 ? -11.359 18.021  5.357   1.00 32.13 ?  123 ASN A O     1 
ATOM   910  C  CB    . ASN A 1 124 ? -10.750 17.600  2.635   1.00 28.51 ?  123 ASN A CB    1 
ATOM   911  C  CG    . ASN A 1 124 ? -10.127 17.917  1.288   1.00 29.94 ?  123 ASN A CG    1 
ATOM   912  O  OD1   . ASN A 1 124 ? -9.063  18.534  1.213   1.00 31.20 ?  123 ASN A OD1   1 
ATOM   913  N  ND2   . ASN A 1 124 ? -10.790 17.498  0.214   1.00 35.66 ?  123 ASN A ND2   1 
ATOM   914  N  N     . ASP A 1 125 ? -9.883  16.445  5.972   1.00 23.83 ?  124 ASP A N     1 
ATOM   915  C  CA    . ASP A 1 125 ? -10.472 16.260  7.292   1.00 25.51 ?  124 ASP A CA    1 
ATOM   916  C  C     . ASP A 1 125 ? -9.963  17.336  8.251   1.00 29.28 ?  124 ASP A C     1 
ATOM   917  O  O     . ASP A 1 125 ? -8.758  17.585  8.333   1.00 26.04 ?  124 ASP A O     1 
ATOM   918  C  CB    . ASP A 1 125 ? -10.130 14.866  7.806   1.00 26.08 ?  124 ASP A CB    1 
ATOM   919  C  CG    . ASP A 1 125 ? -10.637 14.619  9.203   1.00 28.94 ?  124 ASP A CG    1 
ATOM   920  O  OD1   . ASP A 1 125 ? -11.867 14.503  9.376   1.00 29.38 ?  124 ASP A OD1   1 
ATOM   921  O  OD2   . ASP A 1 125 ? -9.801  14.542  10.125  1.00 30.58 ?  124 ASP A OD2   1 
ATOM   922  N  N     . GLU A 1 126 ? -10.880 17.977  8.985   1.00 29.06 ?  125 GLU A N     1 
ATOM   923  C  CA    . GLU A 1 126 ? -10.471 19.156  9.747   1.00 30.65 ?  125 GLU A CA    1 
ATOM   924  C  C     . GLU A 1 126 ? -9.655  18.778  10.980  1.00 27.07 ?  125 GLU A C     1 
ATOM   925  O  O     . GLU A 1 126 ? -8.711  19.488  11.342  1.00 27.83 ?  125 GLU A O     1 
ATOM   926  C  CB    . GLU A 1 126 ? -11.687 20.003  10.128  1.00 37.37 ?  125 GLU A CB    1 
ATOM   927  C  CG    . GLU A 1 126 ? -11.307 21.373  10.708  1.00 42.16 ?  125 GLU A CG    1 
ATOM   928  C  CD    . GLU A 1 126 ? -10.188 22.069  9.924   1.00 44.19 ?  125 GLU A CD    1 
ATOM   929  O  OE1   . GLU A 1 126 ? -10.255 22.121  8.669   1.00 49.15 ?  125 GLU A OE1   1 
ATOM   930  O  OE2   . GLU A 1 126 ? -9.235  22.566  10.567  1.00 45.30 ?  125 GLU A OE2   1 
ATOM   931  N  N     . HIS A 1 127 ? -9.983  17.665  11.636  1.00 26.10 ?  126 HIS A N     1 
ATOM   932  C  CA    . HIS A 1 127 ? -9.138  17.215  12.737  1.00 30.44 ?  126 HIS A CA    1 
ATOM   933  C  C     . HIS A 1 127 ? -7.723  16.919  12.252  1.00 28.58 ?  126 HIS A C     1 
ATOM   934  O  O     . HIS A 1 127 ? -6.738  17.319  12.890  1.00 23.70 ?  126 HIS A O     1 
ATOM   935  C  CB    . HIS A 1 127 ? -9.747  15.980  13.405  1.00 32.61 ?  126 HIS A CB    1 
ATOM   936  C  CG    . HIS A 1 127 ? -8.850  15.347  14.418  1.00 33.95 ?  126 HIS A CG    1 
ATOM   937  N  ND1   . HIS A 1 127 ? -8.514  15.965  15.605  1.00 39.04 ?  126 HIS A ND1   1 
ATOM   938  C  CD2   . HIS A 1 127 ? -8.202  14.159  14.415  1.00 37.88 ?  126 HIS A CD2   1 
ATOM   939  C  CE1   . HIS A 1 127 ? -7.700  15.182  16.291  1.00 39.15 ?  126 HIS A CE1   1 
ATOM   940  N  NE2   . HIS A 1 127 ? -7.497  14.080  15.593  1.00 42.42 ?  126 HIS A NE2   1 
ATOM   941  N  N     . THR A 1 128 ? -7.606  16.224  11.117  1.00 24.11 ?  127 THR A N     1 
ATOM   942  C  CA    . THR A 1 128 ? -6.295  15.945  10.540  1.00 26.14 ?  127 THR A CA    1 
ATOM   943  C  C     . THR A 1 128 ? -5.533  17.231  10.253  1.00 21.26 ?  127 THR A C     1 
ATOM   944  O  O     . THR A 1 128 ? -4.367  17.375  10.641  1.00 22.95 ?  127 THR A O     1 
ATOM   945  C  CB    . THR A 1 128 ? -6.451  15.123  9.259   1.00 20.69 ?  127 THR A CB    1 
ATOM   946  O  OG1   . THR A 1 128 ? -7.009  13.841  9.584   1.00 24.12 ?  127 THR A OG1   1 
ATOM   947  C  CG2   . THR A 1 128 ? -5.097  14.942  8.571   1.00 24.17 ?  127 THR A CG2   1 
ATOM   948  N  N     . ARG A 1 129 ? -6.175  18.182  9.565   1.00 20.51 ?  128 ARG A N     1 
ATOM   949  C  CA    . ARG A 1 129 ? -5.468  19.403  9.194   1.00 22.21 ?  128 ARG A CA    1 
ATOM   950  C  C     . ARG A 1 129 ? -5.067  20.215  10.427  1.00 21.81 ?  128 ARG A C     1 
ATOM   951  O  O     . ARG A 1 129 ? -3.992  20.818  10.450  1.00 25.07 ?  128 ARG A O     1 
ATOM   952  C  CB    . ARG A 1 129 ? -6.324  20.221  8.225   1.00 28.45 ?  128 ARG A CB    1 
ATOM   953  C  CG    . ARG A 1 129 ? -6.632  19.451  6.915   1.00 33.68 ?  128 ARG A CG    1 
ATOM   954  C  CD    . ARG A 1 129 ? -7.246  20.331  5.809   1.00 33.19 ?  128 ARG A CD    1 
ATOM   955  N  NE    . ARG A 1 129 ? -6.274  21.283  5.283   1.00 37.69 ?  128 ARG A NE    1 
ATOM   956  C  CZ    . ARG A 1 129 ? -5.537  21.091  4.195   1.00 40.82 ?  128 ARG A CZ    1 
ATOM   957  N  NH1   . ARG A 1 129 ? -5.665  19.998  3.454   1.00 39.54 ?  128 ARG A NH1   1 
ATOM   958  N  NH2   . ARG A 1 129 ? -4.646  22.016  3.843   1.00 38.73 ?  128 ARG A NH2   1 
ATOM   959  N  N     . ARG A 1 130 ? -5.902  20.211  11.475  1.00 25.42 ?  129 ARG A N     1 
ATOM   960  C  CA    . ARG A 1 130 ? -5.568  20.930  12.703  1.00 24.77 ?  129 ARG A CA    1 
ATOM   961  C  C     . ARG A 1 130 ? -4.390  20.290  13.422  1.00 23.78 ?  129 ARG A C     1 
ATOM   962  O  O     . ARG A 1 130 ? -3.492  20.996  13.893  1.00 23.08 ?  129 ARG A O     1 
ATOM   963  C  CB    . ARG A 1 130 ? -6.798  20.995  13.616  1.00 28.66 ?  129 ARG A CB    1 
ATOM   964  C  CG    . ARG A 1 130 ? -6.675  21.949  14.783  1.00 35.09 ?  129 ARG A CG    1 
ATOM   965  C  CD    . ARG A 1 130 ? -8.059  22.440  15.234  1.00 36.40 ?  129 ARG A CD    1 
ATOM   966  N  NE    . ARG A 1 130 ? -7.969  23.391  16.339  1.00 47.63 ?  129 ARG A NE    1 
ATOM   967  C  CZ    . ARG A 1 130 ? -7.576  24.654  16.223  1.00 48.38 ?  129 ARG A CZ    1 
ATOM   968  N  NH1   . ARG A 1 130 ? -7.194  25.161  15.059  1.00 47.55 ?  129 ARG A NH1   1 
ATOM   969  N  NH2   . ARG A 1 130 ? -7.549  25.427  17.307  1.00 49.87 ?  129 ARG A NH2   1 
ATOM   970  N  N     . GLU A 1 131 ? -4.377  18.954  13.516  1.00 21.30 ?  130 GLU A N     1 
ATOM   971  C  CA    . GLU A 1 131 ? -3.263  18.250  14.149  1.00 26.40 ?  130 GLU A CA    1 
ATOM   972  C  C     . GLU A 1 131 ? -1.966  18.452  13.385  1.00 23.44 ?  130 GLU A C     1 
ATOM   973  O  O     . GLU A 1 131 ? -0.909  18.656  13.989  1.00 24.67 ?  130 GLU A O     1 
ATOM   974  C  CB    . GLU A 1 131 ? -3.565  16.756  14.249  1.00 28.73 ?  130 GLU A CB    1 
ATOM   975  C  CG    . GLU A 1 131 ? -4.426  16.370  15.418  1.00 39.27 ?  130 GLU A CG    1 
ATOM   976  C  CD    . GLU A 1 131 ? -3.644  16.353  16.718  1.00 47.49 ?  130 GLU A CD    1 
ATOM   977  O  OE1   . GLU A 1 131 ? -2.581  15.692  16.763  1.00 47.21 ?  130 GLU A OE1   1 
ATOM   978  O  OE2   . GLU A 1 131 ? -4.087  17.015  17.684  1.00 52.96 ?  130 GLU A OE2   1 
ATOM   979  N  N     . LEU A 1 132 ? -2.014  18.366  12.051  1.00 21.25 ?  131 LEU A N     1 
ATOM   980  C  CA    . LEU A 1 132 ? -0.795  18.577  11.282  1.00 19.81 ?  131 LEU A CA    1 
ATOM   981  C  C     . LEU A 1 132 ? -0.315  20.025  11.379  1.00 22.08 ?  131 LEU A C     1 
ATOM   982  O  O     . LEU A 1 132 ? 0.896   20.276  11.440  1.00 22.94 ?  131 LEU A O     1 
ATOM   983  C  CB    . LEU A 1 132 ? -1.018  18.170  9.823   1.00 20.67 ?  131 LEU A CB    1 
ATOM   984  C  CG    . LEU A 1 132 ? -1.129  16.645  9.633   1.00 22.56 ?  131 LEU A CG    1 
ATOM   985  C  CD1   . LEU A 1 132 ? -1.500  16.295  8.185   1.00 21.70 ?  131 LEU A CD1   1 
ATOM   986  C  CD2   . LEU A 1 132 ? 0.179   15.971  10.025  1.00 25.25 ?  131 LEU A CD2   1 
ATOM   987  N  N     . ALA A 1 133 ? -1.244  20.990  11.401  1.00 22.92 ?  132 ALA A N     1 
ATOM   988  C  CA    . ALA A 1 133 ? -0.853  22.400  11.459  1.00 20.74 ?  132 ALA A CA    1 
ATOM   989  C  C     . ALA A 1 133 ? -0.124  22.735  12.755  1.00 23.18 ?  132 ALA A C     1 
ATOM   990  O  O     . ALA A 1 133 ? 0.752   23.605  12.764  1.00 22.79 ?  132 ALA A O     1 
ATOM   991  C  CB    . ALA A 1 133 ? -2.080  23.302  11.308  1.00 25.15 ?  132 ALA A CB    1 
ATOM   992  N  N     . LYS A 1 134 ? -0.463  22.069  13.862  1.00 23.32 ?  133 LYS A N     1 
ATOM   993  C  CA    . LYS A 1 134 ? 0.256   22.382  15.093  1.00 24.15 ?  133 LYS A CA    1 
ATOM   994  C  C     . LYS A 1 134 ? 1.715   21.945  15.006  1.00 25.41 ?  133 LYS A C     1 
ATOM   995  O  O     . LYS A 1 134 ? 2.557   22.453  15.761  1.00 24.50 ?  133 LYS A O     1 
ATOM   996  C  CB    . LYS A 1 134 ? -0.452  21.763  16.308  1.00 25.80 ?  133 LYS A CB    1 
ATOM   997  C  CG    . LYS A 1 134 ? -0.019  20.355  16.680  1.00 23.81 ?  133 LYS A CG    1 
ATOM   998  C  CD    . LYS A 1 134 ? -0.762  19.858  17.930  1.00 27.13 ?  133 LYS A CD    1 
ATOM   999  C  CE    . LYS A 1 134 ? -0.230  18.500  18.383  1.00 30.48 ?  133 LYS A CE    1 
ATOM   1000 N  NZ    . LYS A 1 134 ? -0.843  18.044  19.679  1.00 31.67 ?  133 LYS A NZ    1 
ATOM   1001 N  N     . MET A 1 135 ? 2.038   21.058  14.063  1.00 25.02 ?  134 MET A N     1 
ATOM   1002 C  CA    . MET A 1 135 ? 3.401   20.630  13.785  1.00 25.37 ?  134 MET A CA    1 
ATOM   1003 C  C     . MET A 1 135 ? 3.989   21.333  12.569  1.00 24.92 ?  134 MET A C     1 
ATOM   1004 O  O     . MET A 1 135 ? 5.046   20.924  12.080  1.00 29.29 ?  134 MET A O     1 
ATOM   1005 C  CB    . MET A 1 135 ? 3.437   19.112  13.588  1.00 28.54 ?  134 MET A CB    1 
ATOM   1006 C  CG    . MET A 1 135 ? 2.642   18.347  14.648  1.00 27.15 ?  134 MET A CG    1 
ATOM   1007 S  SD    . MET A 1 135 ? 3.313   18.529  16.321  1.00 29.26 ?  134 MET A SD    1 
ATOM   1008 C  CE    . MET A 1 135 ? 4.900   17.750  16.145  1.00 28.93 ?  134 MET A CE    1 
ATOM   1009 N  N     . LYS A 1 136 ? 3.323   22.380  12.080  1.00 24.88 ?  135 LYS A N     1 
ATOM   1010 C  CA    . LYS A 1 136 ? 3.723   23.125  10.884  1.00 25.40 ?  135 LYS A CA    1 
ATOM   1011 C  C     . LYS A 1 136 ? 3.782   22.216  9.655   1.00 29.00 ?  135 LYS A C     1 
ATOM   1012 O  O     . LYS A 1 136 ? 4.649   22.358  8.791   1.00 29.65 ?  135 LYS A O     1 
ATOM   1013 C  CB    . LYS A 1 136 ? 5.048   23.860  11.108  1.00 31.26 ?  135 LYS A CB    1 
ATOM   1014 C  CG    . LYS A 1 136 ? 4.944   24.944  12.200  1.00 28.82 ?  135 LYS A CG    1 
ATOM   1015 C  CD    . LYS A 1 136 ? 6.152   25.875  12.222  1.00 33.81 ?  135 LYS A CD    1 
ATOM   1016 C  CE    . LYS A 1 136 ? 6.006   26.926  13.319  1.00 32.77 ?  135 LYS A CE    1 
ATOM   1017 N  NZ    . LYS A 1 136 ? 7.091   27.954  13.260  1.00 41.68 ?  135 LYS A NZ    1 
ATOM   1018 N  N     . GLN A 1 137 ? 2.833   21.287  9.568   1.00 23.22 ?  136 GLN A N     1 
ATOM   1019 C  CA    . GLN A 1 137 ? 2.739   20.350  8.458   1.00 26.07 ?  136 GLN A CA    1 
ATOM   1020 C  C     . GLN A 1 137 ? 1.336   20.393  7.857   1.00 26.59 ?  136 GLN A C     1 
ATOM   1021 O  O     . GLN A 1 137 ? 0.419   21.020  8.400   1.00 23.23 ?  136 GLN A O     1 
ATOM   1022 C  CB    . GLN A 1 137 ? 3.089   18.931  8.917   1.00 27.26 ?  136 GLN A CB    1 
ATOM   1023 C  CG    . GLN A 1 137 ? 4.537   18.771  9.349   1.00 30.06 ?  136 GLN A CG    1 
ATOM   1024 C  CD    . GLN A 1 137 ? 4.844   17.365  9.803   1.00 36.30 ?  136 GLN A CD    1 
ATOM   1025 O  OE1   . GLN A 1 137 ? 3.976   16.666  10.321  1.00 34.12 ?  136 GLN A OE1   1 
ATOM   1026 N  NE2   . GLN A 1 137 ? 6.081   16.935  9.597   1.00 40.84 ?  136 GLN A NE2   1 
ATOM   1027 N  N     . GLU A 1 138 ? 1.178   19.717  6.722   1.00 25.78 ?  137 GLU A N     1 
ATOM   1028 C  CA    . GLU A 1 138 ? -0.115  19.590  6.060   1.00 23.60 ?  137 GLU A CA    1 
ATOM   1029 C  C     . GLU A 1 138 ? -0.184  18.221  5.404   1.00 22.94 ?  137 GLU A C     1 
ATOM   1030 O  O     . GLU A 1 138 ? 0.838   17.536  5.267   1.00 21.66 ?  137 GLU A O     1 
ATOM   1031 C  CB    . GLU A 1 138 ? -0.329  20.708  5.031   1.00 31.07 ?  137 GLU A CB    1 
ATOM   1032 C  CG    . GLU A 1 138 ? 0.849   20.971  4.132   1.00 38.64 ?  137 GLU A CG    1 
ATOM   1033 C  CD    . GLU A 1 138 ? 0.628   22.199  3.260   1.00 44.14 ?  137 GLU A CD    1 
ATOM   1034 O  OE1   . GLU A 1 138 ? -0.310  22.180  2.434   1.00 48.30 ?  137 GLU A OE1   1 
ATOM   1035 O  OE2   . GLU A 1 138 ? 1.374   23.188  3.419   1.00 50.02 ?  137 GLU A OE2   1 
ATOM   1036 N  N     . PRO A 1 139 ? -1.381  17.776  5.006   1.00 23.20 ?  138 PRO A N     1 
ATOM   1037 C  CA    . PRO A 1 139 ? -1.489  16.456  4.369   1.00 20.09 ?  138 PRO A CA    1 
ATOM   1038 C  C     . PRO A 1 139 ? -0.632  16.376  3.116   1.00 21.99 ?  138 PRO A C     1 
ATOM   1039 O  O     . PRO A 1 139 ? -0.362  17.384  2.455   1.00 23.93 ?  138 PRO A O     1 
ATOM   1040 C  CB    . PRO A 1 139 ? -2.982  16.340  4.034   1.00 22.06 ?  138 PRO A CB    1 
ATOM   1041 C  CG    . PRO A 1 139 ? -3.657  17.252  5.021   1.00 26.12 ?  138 PRO A CG    1 
ATOM   1042 C  CD    . PRO A 1 139 ? -2.707  18.398  5.196   1.00 27.23 ?  138 PRO A CD    1 
ATOM   1043 N  N     . VAL A 1 140 ? -0.174  15.158  2.812   1.00 21.43 ?  139 VAL A N     1 
ATOM   1044 C  CA    . VAL A 1 140 ? 0.586   14.941  1.586   1.00 19.47 ?  139 VAL A CA    1 
ATOM   1045 C  C     . VAL A 1 140 ? -0.257  15.342  0.384   1.00 21.50 ?  139 VAL A C     1 
ATOM   1046 O  O     . VAL A 1 140 ? -1.450  15.017  0.291   1.00 21.93 ?  139 VAL A O     1 
ATOM   1047 C  CB    . VAL A 1 140 ? 1.040   13.473  1.482   1.00 22.24 ?  139 VAL A CB    1 
ATOM   1048 C  CG1   . VAL A 1 140 ? 1.805   13.235  0.176   1.00 20.46 ?  139 VAL A CG1   1 
ATOM   1049 C  CG2   . VAL A 1 140 ? 1.887   13.080  2.680   1.00 22.67 ?  139 VAL A CG2   1 
ATOM   1050 N  N     . LYS A 1 141 ? 0.375   16.078  -0.564  1.00 22.61 ?  140 LYS A N     1 
ATOM   1051 C  CA    . LYS A 1 141 ? -0.271  16.473  -1.807  1.00 22.89 ?  140 LYS A CA    1 
ATOM   1052 C  C     . LYS A 1 141 ? 0.000   15.443  -2.901  1.00 20.43 ?  140 LYS A C     1 
ATOM   1053 O  O     . LYS A 1 141 ? 1.038   14.769  -2.881  1.00 23.38 ?  140 LYS A O     1 
ATOM   1054 C  CB    . LYS A 1 141 ? 0.241   17.840  -2.254  1.00 27.47 ?  140 LYS A CB    1 
ATOM   1055 C  CG    . LYS A 1 141 ? -0.127  18.973  -1.306  1.00 30.89 ?  140 LYS A CG    1 
ATOM   1056 C  CD    . LYS A 1 141 ? 0.732   20.210  -1.546  1.00 38.88 ?  140 LYS A CD    1 
ATOM   1057 C  CE    . LYS A 1 141 ? 0.293   21.365  -0.647  1.00 46.73 ?  140 LYS A CE    1 
ATOM   1058 N  NZ    . LYS A 1 141 ? -0.759  22.213  -1.280  1.00 48.38 ?  140 LYS A NZ    1 
ATOM   1059 N  N     . PRO A 1 142 ? -0.915  15.291  -3.861  1.00 21.88 ?  141 PRO A N     1 
ATOM   1060 C  CA    . PRO A 1 142 ? -0.697  14.271  -4.900  1.00 24.64 ?  141 PRO A CA    1 
ATOM   1061 C  C     . PRO A 1 142 ? 0.602   14.463  -5.654  1.00 25.29 ?  141 PRO A C     1 
ATOM   1062 O  O     . PRO A 1 142 ? 1.264   13.476  -5.998  1.00 23.62 ?  141 PRO A O     1 
ATOM   1063 C  CB    . PRO A 1 142 ? -1.925  14.428  -5.811  1.00 26.30 ?  141 PRO A CB    1 
ATOM   1064 C  CG    . PRO A 1 142 ? -2.955  15.061  -4.938  1.00 27.59 ?  141 PRO A CG    1 
ATOM   1065 C  CD    . PRO A 1 142 ? -2.199  15.988  -4.044  1.00 23.91 ?  141 PRO A CD    1 
ATOM   1066 N  N     . GLU A 1 143 ? 1.004   15.712  -5.906  1.00 23.62 ?  142 GLU A N     1 
ATOM   1067 C  CA    . GLU A 1 143 ? 2.268   15.941  -6.593  1.00 24.47 ?  142 GLU A CA    1 
ATOM   1068 C  C     . GLU A 1 143 ? 3.455   15.411  -5.788  1.00 25.55 ?  142 GLU A C     1 
ATOM   1069 O  O     . GLU A 1 143 ? 4.462   14.989  -6.370  1.00 24.02 ?  142 GLU A O     1 
ATOM   1070 C  CB    . GLU A 1 143 ? 2.422   17.437  -6.898  1.00 26.48 ?  142 GLU A CB    1 
ATOM   1071 C  CG    . GLU A 1 143 ? 2.196   18.347  -5.680  1.00 37.89 ?  142 GLU A CG    1 
ATOM   1072 C  CD    . GLU A 1 143 ? 0.794   18.975  -5.611  1.00 43.05 ?  142 GLU A CD    1 
ATOM   1073 O  OE1   . GLU A 1 143 ? -0.230  18.260  -5.792  1.00 30.34 ?  142 GLU A OE1   1 
ATOM   1074 O  OE2   . GLU A 1 143 ? 0.725   20.208  -5.375  1.00 45.85 ?  142 GLU A OE2   1 
ATOM   1075 N  N     . GLU A 1 144 ? 3.349   15.389  -4.454  1.00 23.93 ?  143 GLU A N     1 
ATOM   1076 C  CA    . GLU A 1 144 ? 4.434   14.841  -3.643  1.00 24.56 ?  143 GLU A CA    1 
ATOM   1077 C  C     . GLU A 1 144 ? 4.530   13.329  -3.792  1.00 23.28 ?  143 GLU A C     1 
ATOM   1078 O  O     . GLU A 1 144 ? 5.631   12.772  -3.793  1.00 22.63 ?  143 GLU A O     1 
ATOM   1079 C  CB    . GLU A 1 144 ? 4.236   15.194  -2.172  1.00 24.46 ?  143 GLU A CB    1 
ATOM   1080 C  CG    . GLU A 1 144 ? 4.533   16.624  -1.802  1.00 29.37 ?  143 GLU A CG    1 
ATOM   1081 C  CD    . GLU A 1 144 ? 4.202   16.881  -0.349  1.00 30.62 ?  143 GLU A CD    1 
ATOM   1082 O  OE1   . GLU A 1 144 ? 3.014   17.121  -0.056  1.00 27.68 ?  143 GLU A OE1   1 
ATOM   1083 O  OE2   . GLU A 1 144 ? 5.118   16.801  0.502   1.00 44.30 ?  143 GLU A OE2   1 
ATOM   1084 N  N     . GLY A 1 145 ? 3.385   12.647  -3.878  1.00 20.13 ?  144 GLY A N     1 
ATOM   1085 C  CA    . GLY A 1 145 ? 3.413   11.210  -4.105  1.00 20.90 ?  144 GLY A CA    1 
ATOM   1086 C  C     . GLY A 1 145 ? 3.993   10.853  -5.462  1.00 23.16 ?  144 GLY A C     1 
ATOM   1087 O  O     . GLY A 1 145 ? 4.789   9.918   -5.580  1.00 23.55 ?  144 GLY A O     1 
ATOM   1088 N  N     . ARG A 1 146 ? 3.622   11.615  -6.499  1.00 22.21 ?  145 ARG A N     1 
ATOM   1089 C  CA    . ARG A 1 146 ? 4.152   11.377  -7.843  1.00 22.83 ?  145 ARG A CA    1 
ATOM   1090 C  C     . ARG A 1 146 ? 5.658   11.580  -7.881  1.00 24.34 ?  145 ARG A C     1 
ATOM   1091 O  O     . ARG A 1 146 ? 6.390   10.785  -8.483  1.00 25.32 ?  145 ARG A O     1 
ATOM   1092 C  CB    . ARG A 1 146 ? 3.476   12.312  -8.847  1.00 25.49 ?  145 ARG A CB    1 
ATOM   1093 C  CG    . ARG A 1 146 ? 1.999   12.102  -9.027  1.00 21.60 ?  145 ARG A CG    1 
ATOM   1094 C  CD    . ARG A 1 146 ? 1.465   13.194  -9.937  1.00 31.57 ?  145 ARG A CD    1 
ATOM   1095 N  NE    . ARG A 1 146 ? 0.493   12.678  -10.885 1.00 35.71 ?  145 ARG A NE    1 
ATOM   1096 C  CZ    . ARG A 1 146 ? -0.816  12.849  -10.791 1.00 41.14 ?  145 ARG A CZ    1 
ATOM   1097 N  NH1   . ARG A 1 146 ? -1.352  13.537  -9.790  1.00 44.84 ?  145 ARG A NH1   1 
ATOM   1098 N  NH2   . ARG A 1 146 ? -1.609  12.319  -11.727 1.00 35.07 ?  145 ARG A NH2   1 
ATOM   1099 N  N     . ASP A 1 147 ? 6.136   12.673  -7.281  1.00 24.76 ?  146 ASP A N     1 
ATOM   1100 C  CA    . ASP A 1 147 ? 7.574   12.896  -7.182  1.00 25.86 ?  146 ASP A CA    1 
ATOM   1101 C  C     . ASP A 1 147 ? 8.268   11.727  -6.501  1.00 25.71 ?  146 ASP A C     1 
ATOM   1102 O  O     . ASP A 1 147 ? 9.324   11.274  -6.951  1.00 25.23 ?  146 ASP A O     1 
ATOM   1103 C  CB    . ASP A 1 147 ? 7.859   14.190  -6.419  1.00 25.97 ?  146 ASP A CB    1 
ATOM   1104 C  CG    . ASP A 1 147 ? 7.819   15.420  -7.308  1.00 44.25 ?  146 ASP A CG    1 
ATOM   1105 O  OD1   . ASP A 1 147 ? 7.504   15.288  -8.512  1.00 47.20 ?  146 ASP A OD1   1 
ATOM   1106 O  OD2   . ASP A 1 147 ? 8.116   16.526  -6.795  1.00 50.35 ?  146 ASP A OD2   1 
ATOM   1107 N  N     . MET A 1 148 ? 7.698   11.227  -5.400  1.00 20.68 ?  147 MET A N     1 
ATOM   1108 C  CA    . MET A 1 148 ? 8.344   10.120  -4.707  1.00 21.97 ?  147 MET A CA    1 
ATOM   1109 C  C     . MET A 1 148 ? 8.349   8.858   -5.565  1.00 22.22 ?  147 MET A C     1 
ATOM   1110 O  O     . MET A 1 148 ? 9.325   8.102   -5.555  1.00 24.70 ?  147 MET A O     1 
ATOM   1111 C  CB    . MET A 1 148 ? 7.653   9.865   -3.362  1.00 22.34 ?  147 MET A CB    1 
ATOM   1112 C  CG    . MET A 1 148 ? 8.394   8.845   -2.472  1.00 19.77 ?  147 MET A CG    1 
ATOM   1113 S  SD    . MET A 1 148 ? 10.029  9.444   -2.012  1.00 27.00 ?  147 MET A SD    1 
ATOM   1114 C  CE    . MET A 1 148 ? 9.619   10.760  -0.858  1.00 27.13 ?  147 MET A CE    1 
ATOM   1115 N  N     . ALA A 1 149 ? 7.264   8.611   -6.311  1.00 20.48 ?  148 ALA A N     1 
ATOM   1116 C  CA    . ALA A 1 149 ? 7.230   7.451   -7.197  1.00 22.34 ?  148 ALA A CA    1 
ATOM   1117 C  C     . ALA A 1 149 ? 8.339   7.523   -8.241  1.00 26.08 ?  148 ALA A C     1 
ATOM   1118 O  O     . ALA A 1 149 ? 8.965   6.502   -8.563  1.00 25.07 ?  148 ALA A O     1 
ATOM   1119 C  CB    . ALA A 1 149 ? 5.866   7.342   -7.878  1.00 21.52 ?  148 ALA A CB    1 
ATOM   1120 N  N     . ASN A 1 150 ? 8.596   8.720   -8.778  1.00 23.34 ?  149 ASN A N     1 
ATOM   1121 C  CA    . ASN A 1 150 ? 9.724   8.894   -9.692  1.00 26.44 ?  149 ASN A CA    1 
ATOM   1122 C  C     . ASN A 1 150 ? 11.044  8.593   -9.004  1.00 28.39 ?  149 ASN A C     1 
ATOM   1123 O  O     . ASN A 1 150 ? 11.910  7.914   -9.567  1.00 29.47 ?  149 ASN A O     1 
ATOM   1124 C  CB    . ASN A 1 150 ? 9.753   10.323  -10.226 1.00 31.57 ?  149 ASN A CB    1 
ATOM   1125 C  CG    . ASN A 1 150 ? 8.631   10.614  -11.168 1.00 32.41 ?  149 ASN A CG    1 
ATOM   1126 O  OD1   . ASN A 1 150 ? 8.120   9.719   -11.839 1.00 37.29 ?  149 ASN A OD1   1 
ATOM   1127 N  ND2   . ASN A 1 150 ? 8.249   11.886  -11.250 1.00 41.32 ?  149 ASN A ND2   1 
ATOM   1128 N  N     . ARG A 1 151 ? 11.218  9.124   -7.790  1.00 25.38 ?  150 ARG A N     1 
ATOM   1129 C  CA    . ARG A 1 151 ? 12.474  9.003   -7.060  1.00 28.81 ?  150 ARG A CA    1 
ATOM   1130 C  C     . ARG A 1 151 ? 12.877  7.556   -6.856  1.00 31.85 ?  150 ARG A C     1 
ATOM   1131 O  O     . ARG A 1 151 ? 14.053  7.208   -7.003  1.00 33.73 ?  150 ARG A O     1 
ATOM   1132 C  CB    . ARG A 1 151 ? 12.353  9.682   -5.697  1.00 32.16 ?  150 ARG A CB    1 
ATOM   1133 C  CG    . ARG A 1 151 ? 13.180  10.924  -5.530  1.00 39.91 ?  150 ARG A CG    1 
ATOM   1134 C  CD    . ARG A 1 151 ? 12.929  11.549  -4.171  1.00 34.91 ?  150 ARG A CD    1 
ATOM   1135 N  NE    . ARG A 1 151 ? 13.859  11.068  -3.157  1.00 36.30 ?  150 ARG A NE    1 
ATOM   1136 C  CZ    . ARG A 1 151 ? 13.808  11.433  -1.883  1.00 35.78 ?  150 ARG A CZ    1 
ATOM   1137 N  NH1   . ARG A 1 151 ? 12.855  12.233  -1.432  1.00 39.49 ?  150 ARG A NH1   1 
ATOM   1138 N  NH2   . ARG A 1 151 ? 14.741  10.993  -1.043  1.00 42.07 ?  150 ARG A NH2   1 
ATOM   1139 N  N     . ILE A 1 152 ? 11.921  6.703   -6.474  1.00 27.98 ?  151 ILE A N     1 
ATOM   1140 C  CA    . ILE A 1 152 ? 12.222  5.334   -6.085  1.00 26.46 ?  151 ILE A CA    1 
ATOM   1141 C  C     . ILE A 1 152 ? 12.044  4.351   -7.225  1.00 23.56 ?  151 ILE A C     1 
ATOM   1142 O  O     . ILE A 1 152 ? 12.254  3.146   -7.026  1.00 27.22 ?  151 ILE A O     1 
ATOM   1143 C  CB    . ILE A 1 152 ? 11.370  4.898   -4.870  1.00 23.87 ?  151 ILE A CB    1 
ATOM   1144 C  CG1   . ILE A 1 152 ? 9.883   4.799   -5.236  1.00 23.09 ?  151 ILE A CG1   1 
ATOM   1145 C  CG2   . ILE A 1 152 ? 11.578  5.849   -3.692  1.00 25.61 ?  151 ILE A CG2   1 
ATOM   1146 C  CD1   . ILE A 1 152 ? 9.050   4.173   -4.115  1.00 22.31 ?  151 ILE A CD1   1 
ATOM   1147 N  N     . GLY A 1 153 ? 11.657  4.818   -8.409  1.00 23.69 ?  152 GLY A N     1 
ATOM   1148 C  CA    . GLY A 1 153 ? 11.460  3.939   -9.549  1.00 25.03 ?  152 GLY A CA    1 
ATOM   1149 C  C     . GLY A 1 153 ? 10.244  3.039   -9.451  1.00 23.50 ?  152 GLY A C     1 
ATOM   1150 O  O     . GLY A 1 153 ? 10.288  1.894   -9.921  1.00 23.34 ?  152 GLY A O     1 
ATOM   1151 N  N     . ALA A 1 154 ? 9.157   3.529   -8.855  1.00 20.38 ?  153 ALA A N     1 
ATOM   1152 C  CA    . ALA A 1 154 ? 7.933   2.747   -8.749  1.00 20.13 ?  153 ALA A CA    1 
ATOM   1153 C  C     . ALA A 1 154 ? 7.289   2.594   -10.121 1.00 23.03 ?  153 ALA A C     1 
ATOM   1154 O  O     . ALA A 1 154 ? 7.449   3.446   -11.006 1.00 22.77 ?  153 ALA A O     1 
ATOM   1155 C  CB    . ALA A 1 154 ? 6.950   3.419   -7.789  1.00 19.23 ?  153 ALA A CB    1 
ATOM   1156 N  N     . PHE A 1 155 ? 6.574   1.484   -10.312 1.00 19.93 ?  154 PHE A N     1 
ATOM   1157 C  CA    . PHE A 1 155 ? 5.798   1.331   -11.541 1.00 18.63 ?  154 PHE A CA    1 
ATOM   1158 C  C     . PHE A 1 155 ? 4.652   2.338   -11.619 1.00 23.30 ?  154 PHE A C     1 
ATOM   1159 O  O     . PHE A 1 155 ? 4.268   2.752   -12.722 1.00 21.81 ?  154 PHE A O     1 
ATOM   1160 C  CB    . PHE A 1 155 ? 5.261   -0.098  -11.674 1.00 21.90 ?  154 PHE A CB    1 
ATOM   1161 C  CG    . PHE A 1 155 ? 6.215   -1.048  -12.359 1.00 23.97 ?  154 PHE A CG    1 
ATOM   1162 C  CD1   . PHE A 1 155 ? 7.549   -1.120  -11.975 1.00 25.30 ?  154 PHE A CD1   1 
ATOM   1163 C  CD2   . PHE A 1 155 ? 5.772   -1.876  -13.373 1.00 23.71 ?  154 PHE A CD2   1 
ATOM   1164 C  CE1   . PHE A 1 155 ? 8.430   -2.007  -12.607 1.00 28.53 ?  154 PHE A CE1   1 
ATOM   1165 C  CE2   . PHE A 1 155 ? 6.641   -2.770  -14.007 1.00 24.50 ?  154 PHE A CE2   1 
ATOM   1166 C  CZ    . PHE A 1 155 ? 7.966   -2.832  -13.627 1.00 24.38 ?  154 PHE A CZ    1 
ATOM   1167 N  N     . GLY A 1 156 ? 4.087   2.738   -10.482 1.00 19.20 ?  155 GLY A N     1 
ATOM   1168 C  CA    . GLY A 1 156 ? 3.034   3.741   -10.482 1.00 18.23 ?  155 GLY A CA    1 
ATOM   1169 C  C     . GLY A 1 156 ? 2.809   4.305   -9.095  1.00 20.70 ?  155 GLY A C     1 
ATOM   1170 O  O     . GLY A 1 156 ? 3.332   3.797   -8.098  1.00 19.13 ?  155 GLY A O     1 
ATOM   1171 N  N     . TYR A 1 157 ? 2.019   5.380   -9.044  1.00 21.09 ?  156 TYR A N     1 
ATOM   1172 C  CA    . TYR A 1 157 ? 1.559   5.982   -7.792  1.00 20.29 ?  156 TYR A CA    1 
ATOM   1173 C  C     . TYR A 1 157 ? 0.040   5.958   -7.789  1.00 22.68 ?  156 TYR A C     1 
ATOM   1174 O  O     . TYR A 1 157 ? -0.584  6.377   -8.769  1.00 25.49 ?  156 TYR A O     1 
ATOM   1175 C  CB    . TYR A 1 157 ? 2.058   7.432   -7.632  1.00 17.71 ?  156 TYR A CB    1 
ATOM   1176 C  CG    . TYR A 1 157 ? 1.453   8.155   -6.439  1.00 19.23 ?  156 TYR A CG    1 
ATOM   1177 C  CD1   . TYR A 1 157 ? 1.695   7.705   -5.149  1.00 22.00 ?  156 TYR A CD1   1 
ATOM   1178 C  CD2   . TYR A 1 157 ? 0.643   9.283   -6.604  1.00 21.35 ?  156 TYR A CD2   1 
ATOM   1179 C  CE1   . TYR A 1 157 ? 1.145   8.347   -4.053  1.00 22.37 ?  156 TYR A CE1   1 
ATOM   1180 C  CE2   . TYR A 1 157 ? 0.090   9.940   -5.509  1.00 21.73 ?  156 TYR A CE2   1 
ATOM   1181 C  CZ    . TYR A 1 157 ? 0.359   9.462   -4.234  1.00 21.69 ?  156 TYR A CZ    1 
ATOM   1182 O  OH    . TYR A 1 157 ? -0.169  10.080  -3.125  1.00 22.63 ?  156 TYR A OH    1 
ATOM   1183 N  N     . MET A 1 158 ? -0.557  5.479   -6.691  1.00 18.36 ?  157 MET A N     1 
ATOM   1184 C  CA    . MET A 1 158 ? -2.006  5.424   -6.560  1.00 20.18 ?  157 MET A CA    1 
ATOM   1185 C  C     . MET A 1 158 ? -2.415  5.965   -5.201  1.00 20.02 ?  157 MET A C     1 
ATOM   1186 O  O     . MET A 1 158 ? -1.711  5.764   -4.212  1.00 19.70 ?  157 MET A O     1 
ATOM   1187 C  CB    . MET A 1 158 ? -2.557  3.986   -6.688  1.00 22.01 ?  157 MET A CB    1 
ATOM   1188 C  CG    . MET A 1 158 ? -2.269  3.311   -8.003  1.00 28.52 ?  157 MET A CG    1 
ATOM   1189 S  SD    . MET A 1 158 ? -3.130  4.160   -9.339  1.00 36.74 ?  157 MET A SD    1 
ATOM   1190 C  CE    . MET A 1 158 ? -4.757  4.435   -8.606  1.00 31.04 ?  157 MET A CE    1 
ATOM   1191 N  N     . GLU A 1 159 ? -3.564  6.640   -5.152  1.00 19.67 ?  158 GLU A N     1 
ATOM   1192 C  CA    . GLU A 1 159 ? -4.152  7.057   -3.884  1.00 17.82 ?  158 GLU A CA    1 
ATOM   1193 C  C     . GLU A 1 159 ? -5.462  6.320   -3.638  1.00 19.39 ?  158 GLU A C     1 
ATOM   1194 O  O     . GLU A 1 159 ? -6.225  6.039   -4.570  1.00 22.05 ?  158 GLU A O     1 
ATOM   1195 C  CB    . GLU A 1 159 ? -4.398  8.570   -3.850  1.00 19.55 ?  158 GLU A CB    1 
ATOM   1196 C  CG    . GLU A 1 159 ? -3.123  9.375   -3.986  1.00 19.80 ?  158 GLU A CG    1 
ATOM   1197 C  CD    . GLU A 1 159 ? -3.323  10.870  -3.775  1.00 21.05 ?  158 GLU A CD    1 
ATOM   1198 O  OE1   . GLU A 1 159 ? -4.479  11.339  -3.839  1.00 23.58 ?  158 GLU A OE1   1 
ATOM   1199 O  OE2   . GLU A 1 159 ? -2.309  11.567  -3.547  1.00 20.73 ?  158 GLU A OE2   1 
ATOM   1200 N  N     . CYS A 1 160 ? -5.745  6.027   -2.372  1.00 17.06 ?  159 CYS A N     1 
ATOM   1201 C  CA    . CYS A 1 160 ? -6.968  5.295   -2.076  1.00 17.86 ?  159 CYS A CA    1 
ATOM   1202 C  C     . CYS A 1 160 ? -7.428  5.623   -0.664  1.00 18.18 ?  159 CYS A C     1 
ATOM   1203 O  O     . CYS A 1 160 ? -6.692  6.205   0.134   1.00 17.79 ?  159 CYS A O     1 
ATOM   1204 C  CB    . CYS A 1 160 ? -6.776  3.782   -2.243  1.00 22.18 ?  159 CYS A CB    1 
ATOM   1205 S  SG    . CYS A 1 160 ? -5.693  3.041   -1.002  1.00 20.63 ?  159 CYS A SG    1 
ATOM   1206 N  N     . SER A 1 161 ? -8.678  5.256   -0.381  1.00 21.03 ?  160 SER A N     1 
ATOM   1207 C  CA    . SER A 1 161 ? -9.239  5.294   0.963   1.00 18.58 ?  160 SER A CA    1 
ATOM   1208 C  C     . SER A 1 161 ? -9.917  3.957   1.228   1.00 19.76 ?  160 SER A C     1 
ATOM   1209 O  O     . SER A 1 161 ? -10.932 3.645   0.599   1.00 19.23 ?  160 SER A O     1 
ATOM   1210 C  CB    . SER A 1 161 ? -10.246 6.431   1.114   1.00 21.08 ?  160 SER A CB    1 
ATOM   1211 O  OG    . SER A 1 161 ? -10.938 6.293   2.346   1.00 21.17 ?  160 SER A OG    1 
ATOM   1212 N  N     . ALA A 1 162 ? -9.366  3.169   2.153   1.00 20.60 ?  161 ALA A N     1 
ATOM   1213 C  CA    . ALA A 1 162 ? -10.057 1.953   2.574   1.00 17.55 ?  161 ALA A CA    1 
ATOM   1214 C  C     . ALA A 1 162 ? -11.403 2.278   3.199   1.00 20.62 ?  161 ALA A C     1 
ATOM   1215 O  O     . ALA A 1 162 ? -12.354 1.491   3.087   1.00 22.13 ?  161 ALA A O     1 
ATOM   1216 C  CB    . ALA A 1 162 ? -9.196  1.176   3.569   1.00 19.32 ?  161 ALA A CB    1 
ATOM   1217 N  N     . LYS A 1 163 ? -11.503 3.429   3.859   1.00 21.95 ?  162 LYS A N     1 
ATOM   1218 C  CA    . LYS A 1 163 ? -12.739 3.802   4.541   1.00 24.62 ?  162 LYS A CA    1 
ATOM   1219 C  C     . LYS A 1 163 ? -13.875 4.040   3.552   1.00 24.98 ?  162 LYS A C     1 
ATOM   1220 O  O     . LYS A 1 163 ? -14.996 3.560   3.755   1.00 29.40 ?  162 LYS A O     1 
ATOM   1221 C  CB    . LYS A 1 163 ? -12.494 5.046   5.393   1.00 24.32 ?  162 LYS A CB    1 
ATOM   1222 C  CG    . LYS A 1 163 ? -13.641 5.412   6.313   1.00 29.51 ?  162 LYS A CG    1 
ATOM   1223 C  CD    . LYS A 1 163 ? -13.177 6.441   7.328   1.00 36.02 ?  162 LYS A CD    1 
ATOM   1224 C  CE    . LYS A 1 163 ? -14.350 7.239   7.868   1.00 45.07 ?  162 LYS A CE    1 
ATOM   1225 N  NZ    . LYS A 1 163 ? -15.070 7.926   6.761   1.00 43.01 ?  162 LYS A NZ    1 
ATOM   1226 N  N     . THR A 1 164 ? -13.617 4.796   2.485   1.00 24.26 ?  163 THR A N     1 
ATOM   1227 C  CA    . THR A 1 164 ? -14.653 5.107   1.507   1.00 24.77 ?  163 THR A CA    1 
ATOM   1228 C  C     . THR A 1 164 ? -14.667 4.153   0.319   1.00 29.63 ?  163 THR A C     1 
ATOM   1229 O  O     . THR A 1 164 ? -15.626 4.188   -0.462  1.00 28.97 ?  163 THR A O     1 
ATOM   1230 C  CB    . THR A 1 164 ? -14.491 6.535   0.974   1.00 25.06 ?  163 THR A CB    1 
ATOM   1231 O  OG1   . THR A 1 164 ? -13.349 6.595   0.113   1.00 24.44 ?  163 THR A OG1   1 
ATOM   1232 C  CG2   . THR A 1 164 ? -14.323 7.544   2.121   1.00 27.07 ?  163 THR A CG2   1 
ATOM   1233 N  N     . LYS A 1 165 ? -13.624 3.328   0.159   1.00 23.47 ?  164 LYS A N     1 
ATOM   1234 C  CA    . LYS A 1 165 ? -13.367 2.379   -0.928  1.00 24.01 ?  164 LYS A CA    1 
ATOM   1235 C  C     . LYS A 1 165 ? -12.847 3.079   -2.179  1.00 24.79 ?  164 LYS A C     1 
ATOM   1236 O  O     . LYS A 1 165 ? -12.501 2.399   -3.148  1.00 25.04 ?  164 LYS A O     1 
ATOM   1237 C  CB    . LYS A 1 165 ? -14.591 1.523   -1.291  1.00 25.81 ?  164 LYS A CB    1 
ATOM   1238 C  CG    . LYS A 1 165 ? -15.107 0.714   -0.112  1.00 30.72 ?  164 LYS A CG    1 
ATOM   1239 C  CD    . LYS A 1 165 ? -16.231 -0.230  -0.518  1.00 32.50 ?  164 LYS A CD    1 
ATOM   1240 C  CE    . LYS A 1 165 ? -16.892 -0.833  0.702   1.00 40.25 ?  164 LYS A CE    1 
ATOM   1241 N  NZ    . LYS A 1 165 ? -18.002 -1.758  0.318   1.00 42.43 ?  164 LYS A NZ    1 
ATOM   1242 N  N     . ASP A 1 166 ? -12.751 4.401   -2.179  1.00 24.92 ?  165 ASP A N     1 
ATOM   1243 C  CA    . ASP A 1 166 ? -12.278 5.140   -3.342  1.00 25.16 ?  165 ASP A CA    1 
ATOM   1244 C  C     . ASP A 1 166 ? -10.853 4.715   -3.701  1.00 26.23 ?  165 ASP A C     1 
ATOM   1245 O  O     . ASP A 1 166 ? -9.950  4.775   -2.860  1.00 22.36 ?  165 ASP A O     1 
ATOM   1246 C  CB    . ASP A 1 166 ? -12.346 6.637   -3.035  1.00 28.15 ?  165 ASP A CB    1 
ATOM   1247 C  CG    . ASP A 1 166 ? -11.801 7.500   -4.155  1.00 41.43 ?  165 ASP A CG    1 
ATOM   1248 O  OD1   . ASP A 1 166 ? -12.192 7.288   -5.324  1.00 46.31 ?  165 ASP A OD1   1 
ATOM   1249 O  OD2   . ASP A 1 166 ? -10.994 8.414   -3.858  1.00 48.14 ?  165 ASP A OD2   1 
ATOM   1250 N  N     . GLY A 1 167 ? -10.662 4.247   -4.936  1.00 22.47 ?  166 GLY A N     1 
ATOM   1251 C  CA    . GLY A 1 167 ? -9.341  3.909   -5.436  1.00 21.62 ?  166 GLY A CA    1 
ATOM   1252 C  C     . GLY A 1 167 ? -8.818  2.544   -5.042  1.00 21.86 ?  166 GLY A C     1 
ATOM   1253 O  O     . GLY A 1 167 ? -7.750  2.154   -5.524  1.00 21.50 ?  166 GLY A O     1 
ATOM   1254 N  N     . VAL A 1 168 ? -9.535  1.792   -4.203  1.00 19.20 ?  167 VAL A N     1 
ATOM   1255 C  CA    . VAL A 1 168 ? -8.996  0.526   -3.700  1.00 19.33 ?  167 VAL A CA    1 
ATOM   1256 C  C     . VAL A 1 168 ? -8.857  -0.491  -4.826  1.00 23.06 ?  167 VAL A C     1 
ATOM   1257 O  O     . VAL A 1 168 ? -7.800  -1.112  -4.996  1.00 21.25 ?  167 VAL A O     1 
ATOM   1258 C  CB    . VAL A 1 168 ? -9.873  -0.026  -2.562  1.00 22.34 ?  167 VAL A CB    1 
ATOM   1259 C  CG1   . VAL A 1 168 ? -9.460  -1.456  -2.234  1.00 19.68 ?  167 VAL A CG1   1 
ATOM   1260 C  CG2   . VAL A 1 168 ? -9.767  0.865   -1.330  1.00 21.55 ?  167 VAL A CG2   1 
ATOM   1261 N  N     . ARG A 1 169 ? -9.928  -0.701  -5.595  1.00 22.92 ?  168 ARG A N     1 
ATOM   1262 C  CA    . ARG A 1 169 ? -9.858  -1.659  -6.693  1.00 27.14 ?  168 ARG A CA    1 
ATOM   1263 C  C     . ARG A 1 169 ? -8.745  -1.289  -7.667  1.00 20.65 ?  168 ARG A C     1 
ATOM   1264 O  O     . ARG A 1 169 ? -8.001  -2.158  -8.134  1.00 22.14 ?  168 ARG A O     1 
ATOM   1265 C  CB    . ARG A 1 169 ? -11.210 -1.727  -7.403  1.00 33.56 ?  168 ARG A CB    1 
ATOM   1266 C  CG    . ARG A 1 169 ? -11.174 -2.390  -8.771  1.00 41.74 ?  168 ARG A CG    1 
ATOM   1267 C  CD    . ARG A 1 169 ? -11.083 -3.891  -8.642  1.00 46.14 ?  168 ARG A CD    1 
ATOM   1268 N  NE    . ARG A 1 169 ? -12.058 -4.395  -7.686  1.00 49.93 ?  168 ARG A NE    1 
ATOM   1269 C  CZ    . ARG A 1 169 ? -12.289 -5.680  -7.462  1.00 49.05 ?  168 ARG A CZ    1 
ATOM   1270 N  NH1   . ARG A 1 169 ? -11.646 -6.623  -8.128  1.00 46.99 ?  168 ARG A NH1   1 
ATOM   1271 N  NH2   . ARG A 1 169 ? -13.192 -6.026  -6.548  1.00 47.47 ?  168 ARG A NH2   1 
ATOM   1272 N  N     . GLU A 1 170 ? -8.580  0.007   -7.927  1.00 21.74 ?  169 GLU A N     1 
ATOM   1273 C  CA    . GLU A 1 170 ? -7.575  0.456   -8.879  1.00 22.14 ?  169 GLU A CA    1 
ATOM   1274 C  C     . GLU A 1 170 ? -6.154  0.157   -8.399  1.00 23.37 ?  169 GLU A C     1 
ATOM   1275 O  O     . GLU A 1 170 ? -5.273  -0.141  -9.217  1.00 22.07 ?  169 GLU A O     1 
ATOM   1276 C  CB    . GLU A 1 170 ? -7.768  1.944   -9.135  1.00 26.48 ?  169 GLU A CB    1 
ATOM   1277 C  CG    . GLU A 1 170 ? -9.055  2.253   -9.884  1.00 33.83 ?  169 GLU A CG    1 
ATOM   1278 C  CD    . GLU A 1 170 ? -10.290 2.428   -8.989  1.00 38.65 ?  169 GLU A CD    1 
ATOM   1279 O  OE1   . GLU A 1 170 ? -10.301 2.000   -7.804  1.00 28.08 ?  169 GLU A OE1   1 
ATOM   1280 O  OE2   . GLU A 1 170 ? -11.276 3.009   -9.498  1.00 45.42 ?  169 GLU A OE2   1 
ATOM   1281 N  N     . VAL A 1 171 ? -5.900  0.260   -7.091  1.00 20.99 ?  170 VAL A N     1 
ATOM   1282 C  CA    . VAL A 1 171 ? -4.577  -0.094  -6.569  1.00 17.89 ?  170 VAL A CA    1 
ATOM   1283 C  C     . VAL A 1 171 ? -4.221  -1.522  -6.961  1.00 17.69 ?  170 VAL A C     1 
ATOM   1284 O  O     . VAL A 1 171 ? -3.114  -1.803  -7.436  1.00 20.05 ?  170 VAL A O     1 
ATOM   1285 C  CB    . VAL A 1 171 ? -4.529  0.082   -5.039  1.00 18.33 ?  170 VAL A CB    1 
ATOM   1286 C  CG1   . VAL A 1 171 ? -3.296  -0.628  -4.473  1.00 19.65 ?  170 VAL A CG1   1 
ATOM   1287 C  CG2   . VAL A 1 171 ? -4.510  1.558   -4.659  1.00 21.73 ?  170 VAL A CG2   1 
ATOM   1288 N  N     . PHE A 1 172 ? -5.150  -2.456  -6.751  1.00 17.60 ?  171 PHE A N     1 
ATOM   1289 C  CA    . PHE A 1 172 ? -4.810  -3.852  -6.971  1.00 15.42 ?  171 PHE A CA    1 
ATOM   1290 C  C     . PHE A 1 172 ? -4.837  -4.207  -8.445  1.00 19.32 ?  171 PHE A C     1 
ATOM   1291 O  O     . PHE A 1 172 ? -4.099  -5.102  -8.871  1.00 21.32 ?  171 PHE A O     1 
ATOM   1292 C  CB    . PHE A 1 172 ? -5.740  -4.751  -6.150  1.00 18.91 ?  171 PHE A CB    1 
ATOM   1293 C  CG    . PHE A 1 172 ? -5.447  -4.681  -4.677  1.00 18.96 ?  171 PHE A CG    1 
ATOM   1294 C  CD1   . PHE A 1 172 ? -4.530  -5.547  -4.103  1.00 20.82 ?  171 PHE A CD1   1 
ATOM   1295 C  CD2   . PHE A 1 172 ? -6.020  -3.696  -3.893  1.00 15.21 ?  171 PHE A CD2   1 
ATOM   1296 C  CE1   . PHE A 1 172 ? -4.223  -5.462  -2.756  1.00 20.49 ?  171 PHE A CE1   1 
ATOM   1297 C  CE2   . PHE A 1 172 ? -5.715  -3.592  -2.526  1.00 18.13 ?  171 PHE A CE2   1 
ATOM   1298 C  CZ    . PHE A 1 172 ? -4.818  -4.480  -1.959  1.00 20.58 ?  171 PHE A CZ    1 
ATOM   1299 N  N     . GLU A 1 173 ? -5.627  -3.490  -9.241  1.00 20.31 ?  172 GLU A N     1 
ATOM   1300 C  CA    . GLU A 1 173 ? -5.544  -3.696  -10.681 1.00 20.98 ?  172 GLU A CA    1 
ATOM   1301 C  C     . GLU A 1 173 ? -4.171  -3.279  -11.203 1.00 22.85 ?  172 GLU A C     1 
ATOM   1302 O  O     . GLU A 1 173 ? -3.541  -4.016  -11.975 1.00 21.17 ?  172 GLU A O     1 
ATOM   1303 C  CB    . GLU A 1 173 ? -6.663  -2.938  -11.397 1.00 24.49 ?  172 GLU A CB    1 
ATOM   1304 C  CG    . GLU A 1 173 ? -6.753  -3.309  -12.865 1.00 38.65 ?  172 GLU A CG    1 
ATOM   1305 C  CD    . GLU A 1 173 ? -7.643  -2.370  -13.670 1.00 45.01 ?  172 GLU A CD    1 
ATOM   1306 O  OE1   . GLU A 1 173 ? -8.494  -1.676  -13.067 1.00 45.58 ?  172 GLU A OE1   1 
ATOM   1307 O  OE2   . GLU A 1 173 ? -7.470  -2.323  -14.909 1.00 47.15 ?  172 GLU A OE2   1 
ATOM   1308 N  N     . MET A 1 174 ? -3.667  -2.122  -10.753 1.00 20.96 ?  173 MET A N     1 
ATOM   1309 C  CA    . MET A 1 174 ? -2.342  -1.686  -11.185 1.00 20.79 ?  173 MET A CA    1 
ATOM   1310 C  C     . MET A 1 174 ? -1.257  -2.642  -10.704 1.00 20.89 ?  173 MET A C     1 
ATOM   1311 O  O     . MET A 1 174 ? -0.340  -2.984  -11.460 1.00 19.58 ?  173 MET A O     1 
ATOM   1312 C  CB    . MET A 1 174 ? -2.050  -0.260  -10.708 1.00 21.58 ?  173 MET A CB    1 
ATOM   1313 C  CG    . MET A 1 174 ? -0.722  0.265   -11.246 1.00 30.12 ?  173 MET A CG    1 
ATOM   1314 S  SD    . MET A 1 174 ? -0.248  1.914   -10.669 1.00 32.22 ?  173 MET A SD    1 
ATOM   1315 C  CE    . MET A 1 174 ? -1.005  2.959   -11.932 1.00 30.42 ?  173 MET A CE    1 
ATOM   1316 N  N     . ALA A 1 175 ? -1.363  -3.123  -9.460  1.00 19.15 ?  174 ALA A N     1 
ATOM   1317 C  CA    . ALA A 1 175 ? -0.371  -4.069  -8.959  1.00 18.50 ?  174 ALA A CA    1 
ATOM   1318 C  C     . ALA A 1 175 ? -0.378  -5.367  -9.759  1.00 20.40 ?  174 ALA A C     1 
ATOM   1319 O  O     . ALA A 1 175 ? 0.679   -5.957  -10.015 1.00 20.21 ?  174 ALA A O     1 
ATOM   1320 C  CB    . ALA A 1 175 ? -0.635  -4.358  -7.477  1.00 19.79 ?  174 ALA A CB    1 
ATOM   1321 N  N     . THR A 1 176 ? -1.563  -5.836  -10.156 1.00 19.11 ?  175 THR A N     1 
ATOM   1322 C  CA    . THR A 1 176 ? -1.641  -7.076  -10.919 1.00 17.70 ?  175 THR A CA    1 
ATOM   1323 C  C     . THR A 1 176 ? -1.028  -6.905  -12.302 1.00 19.89 ?  175 THR A C     1 
ATOM   1324 O  O     . THR A 1 176 ? -0.286  -7.777  -12.772 1.00 21.34 ?  175 THR A O     1 
ATOM   1325 C  CB    . THR A 1 176 ? -3.091  -7.532  -11.003 1.00 23.08 ?  175 THR A CB    1 
ATOM   1326 O  OG1   . THR A 1 176 ? -3.587  -7.721  -9.666  1.00 21.19 ?  175 THR A OG1   1 
ATOM   1327 C  CG2   . THR A 1 176 ? -3.192  -8.858  -11.733 1.00 21.90 ?  175 THR A CG2   1 
ATOM   1328 N  N     . ARG A 1 177 ? -1.306  -5.777  -12.953 1.00 19.44 ?  176 ARG A N     1 
ATOM   1329 C  CA    . ARG A 1 177 ? -0.706  -5.514  -14.255 1.00 22.05 ?  176 ARG A CA    1 
ATOM   1330 C  C     . ARG A 1 177 ? 0.814   -5.466  -14.160 1.00 23.04 ?  176 ARG A C     1 
ATOM   1331 O  O     . ARG A 1 177 ? 1.518   -5.982  -15.032 1.00 23.34 ?  176 ARG A O     1 
ATOM   1332 C  CB    . ARG A 1 177 ? -1.252  -4.205  -14.814 1.00 23.70 ?  176 ARG A CB    1 
ATOM   1333 C  CG    . ARG A 1 177 ? -2.707  -4.285  -15.212 1.00 32.03 ?  176 ARG A CG    1 
ATOM   1334 C  CD    . ARG A 1 177 ? -3.206  -2.964  -15.785 1.00 34.71 ?  176 ARG A CD    1 
ATOM   1335 N  NE    . ARG A 1 177 ? -4.625  -3.021  -16.116 1.00 37.52 ?  176 ARG A NE    1 
ATOM   1336 C  CZ    . ARG A 1 177 ? -5.109  -3.509  -17.251 1.00 44.92 ?  176 ARG A CZ    1 
ATOM   1337 N  NH1   . ARG A 1 177 ? -4.313  -3.981  -18.197 1.00 40.41 ?  176 ARG A NH1   1 
ATOM   1338 N  NH2   . ARG A 1 177 ? -6.426  -3.535  -17.439 1.00 44.52 ?  176 ARG A NH2   1 
ATOM   1339 N  N     . ALA A 1 178 ? 1.339   -4.853  -13.099 1.00 20.52 ?  177 ALA A N     1 
ATOM   1340 C  CA    . ALA A 1 178 ? 2.783   -4.832  -12.900 1.00 21.90 ?  177 ALA A CA    1 
ATOM   1341 C  C     . ALA A 1 178 ? 3.330   -6.242  -12.685 1.00 22.40 ?  177 ALA A C     1 
ATOM   1342 O  O     . ALA A 1 178 ? 4.378   -6.597  -13.237 1.00 25.58 ?  177 ALA A O     1 
ATOM   1343 C  CB    . ALA A 1 178 ? 3.132   -3.916  -11.721 1.00 19.77 ?  177 ALA A CB    1 
ATOM   1344 N  N     . ALA A 1 179 ? 2.613   -7.069  -11.916 1.00 20.09 ?  178 ALA A N     1 
ATOM   1345 C  CA    . ALA A 1 179 ? 3.069   -8.427  -11.623 1.00 22.52 ?  178 ALA A CA    1 
ATOM   1346 C  C     . ALA A 1 179 ? 3.085   -9.304  -12.865 1.00 26.74 ?  178 ALA A C     1 
ATOM   1347 O  O     . ALA A 1 179 ? 3.890   -10.239 -12.952 1.00 29.88 ?  178 ALA A O     1 
ATOM   1348 C  CB    . ALA A 1 179 ? 2.167   -9.078  -10.581 1.00 20.76 ?  178 ALA A CB    1 
ATOM   1349 N  N     . LEU A 1 180 ? 2.181   -9.043  -13.806 1.00 23.94 ?  179 LEU A N     1 
ATOM   1350 C  CA    . LEU A 1 180 ? 2.084   -9.833  -15.026 1.00 25.65 ?  179 LEU A CA    1 
ATOM   1351 C  C     . LEU A 1 180 ? 3.199   -9.532  -16.017 1.00 33.24 ?  179 LEU A C     1 
ATOM   1352 O  O     . LEU A 1 180 ? 3.335   -10.263 -17.004 1.00 33.65 ?  179 LEU A O     1 
ATOM   1353 C  CB    . LEU A 1 180 ? 0.726   -9.594  -15.686 1.00 23.19 ?  179 LEU A CB    1 
ATOM   1354 C  CG    . LEU A 1 180 ? -0.486  -10.212 -14.977 1.00 30.09 ?  179 LEU A CG    1 
ATOM   1355 C  CD1   . LEU A 1 180 ? -1.797  -9.695  -15.556 1.00 27.20 ?  179 LEU A CD1   1 
ATOM   1356 C  CD2   . LEU A 1 180 ? -0.431  -11.734 -15.049 1.00 28.90 ?  179 LEU A CD2   1 
ATOM   1357 N  N     . GLN A 1 181 ? 3.983   -8.484  -15.793 1.00 28.99 ?  180 GLN A N     1 
ATOM   1358 C  CA    . GLN A 1 181 ? 5.152   -8.211  -16.633 1.00 38.02 ?  180 GLN A CA    1 
ATOM   1359 C  C     . GLN A 1 181 ? 6.274   -9.205  -16.351 1.00 40.75 ?  180 GLN A C     1 
ATOM   1360 O  O     . GLN A 1 181 ? 6.994   -9.603  -17.271 1.00 51.53 ?  180 GLN A O     1 
ATOM   1361 C  CB    . GLN A 1 181 ? 5.663   -6.787  -16.414 1.00 35.47 ?  180 GLN A CB    1 
ATOM   1362 C  CG    . GLN A 1 181 ? 4.607   -5.715  -16.624 1.00 34.69 ?  180 GLN A CG    1 
ATOM   1363 C  CD    . GLN A 1 181 ? 3.754   -5.961  -17.858 1.00 38.19 ?  180 GLN A CD    1 
ATOM   1364 O  OE1   . GLN A 1 181 ? 4.262   -6.023  -18.978 1.00 45.16 ?  180 GLN A OE1   1 
ATOM   1365 N  NE2   . GLN A 1 181 ? 2.447   -6.107  -17.656 1.00 38.53 ?  180 GLN A NE2   1 
HETATM 1366 P  PB    . GDP B 2 .   ? -1.499  -0.902  9.551   1.00 17.99 ?  201 GDP A PB    1 
HETATM 1367 O  O1B   . GDP B 2 .   ? -0.672  -0.198  8.476   1.00 18.74 ?  201 GDP A O1B   1 
HETATM 1368 O  O2B   . GDP B 2 .   ? -0.791  -0.836  10.888  1.00 21.22 -1 201 GDP A O2B   1 
HETATM 1369 O  O3B   . GDP B 2 .   ? -1.906  -2.309  9.191   1.00 15.56 -1 201 GDP A O3B   1 
HETATM 1370 O  O3A   . GDP B 2 .   ? -2.822  0.046   9.692   1.00 17.19 ?  201 GDP A O3A   1 
HETATM 1371 P  PA    . GDP B 2 .   ? -4.369  -0.436  9.847   1.00 18.98 ?  201 GDP A PA    1 
HETATM 1372 O  O1A   . GDP B 2 .   ? -4.485  -1.376  11.039  1.00 18.60 ?  201 GDP A O1A   1 
HETATM 1373 O  O2A   . GDP B 2 .   ? -4.933  -1.000  8.582   1.00 19.42 -1 201 GDP A O2A   1 
HETATM 1374 O  "O5'" . GDP B 2 .   ? -5.149  0.972   10.185  1.00 18.96 ?  201 GDP A "O5'" 1 
HETATM 1375 C  "C5'" . GDP B 2 .   ? -4.635  1.758   11.233  1.00 19.82 ?  201 GDP A "C5'" 1 
HETATM 1376 C  "C4'" . GDP B 2 .   ? -5.737  2.687   11.740  1.00 21.81 ?  201 GDP A "C4'" 1 
HETATM 1377 O  "O4'" . GDP B 2 .   ? -6.190  3.652   10.532  1.00 20.69 ?  201 GDP A "O4'" 1 
HETATM 1378 C  "C3'" . GDP B 2 .   ? -6.829  2.071   12.131  1.00 24.28 ?  201 GDP A "C3'" 1 
HETATM 1379 O  "O3'" . GDP B 2 .   ? -7.424  2.827   13.259  1.00 24.48 ?  201 GDP A "O3'" 1 
HETATM 1380 C  "C2'" . GDP B 2 .   ? -7.827  2.138   10.942  1.00 21.91 ?  201 GDP A "C2'" 1 
HETATM 1381 O  "O2'" . GDP B 2 .   ? -9.130  2.177   11.339  1.00 22.68 ?  201 GDP A "O2'" 1 
HETATM 1382 C  "C1'" . GDP B 2 .   ? -7.455  3.449   10.238  1.00 21.33 ?  201 GDP A "C1'" 1 
HETATM 1383 N  N9    . GDP B 2 .   ? -7.532  3.237   8.774   1.00 21.70 ?  201 GDP A N9    1 
HETATM 1384 C  C8    . GDP B 2 .   ? -7.193  2.305   7.863   1.00 17.09 ?  201 GDP A C8    1 
HETATM 1385 N  N7    . GDP B 2 .   ? -7.545  2.757   6.641   1.00 19.43 ?  201 GDP A N7    1 
HETATM 1386 C  C5    . GDP B 2 .   ? -8.093  3.962   6.792   1.00 19.78 ?  201 GDP A C5    1 
HETATM 1387 C  C6    . GDP B 2 .   ? -8.676  4.930   5.752   1.00 20.34 ?  201 GDP A C6    1 
HETATM 1388 O  O6    . GDP B 2 .   ? -8.678  4.651   4.590   1.00 20.51 ?  201 GDP A O6    1 
HETATM 1389 N  N1    . GDP B 2 .   ? -9.209  6.171   6.196   1.00 20.57 ?  201 GDP A N1    1 
HETATM 1390 C  C2    . GDP B 2 .   ? -9.204  6.506   7.599   1.00 23.30 ?  201 GDP A C2    1 
HETATM 1391 N  N2    . GDP B 2 .   ? -9.754  7.766   8.027   1.00 23.04 ?  201 GDP A N2    1 
HETATM 1392 N  N3    . GDP B 2 .   ? -8.656  5.576   8.583   1.00 19.24 ?  201 GDP A N3    1 
HETATM 1393 C  C4    . GDP B 2 .   ? -8.095  4.272   8.130   1.00 20.07 ?  201 GDP A C4    1 
HETATM 1394 MG MG    . MG  C 3 .   ? -1.571  -4.069  10.104  1.00 18.16 ?  202 MG  A MG    1 
HETATM 1395 O  O     . HOH D 4 .   ? 7.997   -12.284 8.373   1.00 45.85 ?  301 HOH A O     1 
HETATM 1396 O  O     . HOH D 4 .   ? -12.431 -6.408  -4.329  1.00 46.55 ?  302 HOH A O     1 
HETATM 1397 O  O     . HOH D 4 .   ? 9.091   13.323  2.018   1.00 40.66 ?  303 HOH A O     1 
HETATM 1398 O  O     . HOH D 4 .   ? -10.864 21.276  6.426   1.00 44.33 ?  304 HOH A O     1 
HETATM 1399 O  O     . HOH D 4 .   ? 4.850   15.762  2.734   1.00 39.82 ?  305 HOH A O     1 
HETATM 1400 O  O     . HOH D 4 .   ? -5.066  -20.376 -15.585 1.00 51.62 ?  306 HOH A O     1 
HETATM 1401 O  O     . HOH D 4 .   ? -14.535 -6.787  11.234  1.00 40.34 ?  307 HOH A O     1 
HETATM 1402 O  O     . HOH D 4 .   ? -9.221  -6.464  11.251  1.00 34.83 ?  308 HOH A O     1 
HETATM 1403 O  O     . HOH D 4 .   ? -9.181  -1.190  -16.454 1.00 51.33 ?  309 HOH A O     1 
HETATM 1404 O  O     . HOH D 4 .   ? -7.120  23.389  6.561   1.00 37.30 ?  310 HOH A O     1 
HETATM 1405 O  O     . HOH D 4 .   ? -12.910 10.504  6.830   1.00 34.18 ?  311 HOH A O     1 
HETATM 1406 O  O     . HOH D 4 .   ? 12.120  9.258   8.312   1.00 44.07 ?  312 HOH A O     1 
HETATM 1407 O  O     . HOH D 4 .   ? 8.786   3.244   10.263  1.00 42.19 ?  313 HOH A O     1 
HETATM 1408 O  O     . HOH D 4 .   ? 7.131   13.928  3.823   1.00 34.67 ?  314 HOH A O     1 
HETATM 1409 O  O     . HOH D 4 .   ? -0.181  -3.352  11.340  1.00 20.70 ?  315 HOH A O     1 
HETATM 1410 O  O     . HOH D 4 .   ? 4.007   4.524   12.393  1.00 35.92 ?  316 HOH A O     1 
HETATM 1411 O  O     . HOH D 4 .   ? 14.265  -9.109  -7.673  1.00 40.11 ?  317 HOH A O     1 
HETATM 1412 O  O     . HOH D 4 .   ? 3.431   -11.817 5.494   1.00 36.00 ?  318 HOH A O     1 
HETATM 1413 O  O     . HOH D 4 .   ? -2.403  8.045   -9.742  1.00 29.52 ?  319 HOH A O     1 
HETATM 1414 O  O     . HOH D 4 .   ? 6.024   -12.242 -11.593 1.00 36.30 ?  320 HOH A O     1 
HETATM 1415 O  O     . HOH D 4 .   ? -19.021 -2.125  2.751   1.00 39.39 ?  321 HOH A O     1 
HETATM 1416 O  O     . HOH D 4 .   ? -10.397 12.633  11.887  1.00 41.30 ?  322 HOH A O     1 
HETATM 1417 O  O     . HOH D 4 .   ? -19.971 -5.088  2.217   1.00 44.15 ?  323 HOH A O     1 
HETATM 1418 O  O     . HOH D 4 .   ? -2.253  -0.573  13.256  1.00 26.01 ?  324 HOH A O     1 
HETATM 1419 O  O     . HOH D 4 .   ? -1.970  7.747   9.914   1.00 33.33 ?  325 HOH A O     1 
HETATM 1420 O  O     . HOH D 4 .   ? 15.315  11.483  1.605   1.00 44.54 ?  326 HOH A O     1 
HETATM 1421 O  O     . HOH D 4 .   ? -3.250  -3.732  11.379  1.00 17.88 ?  327 HOH A O     1 
HETATM 1422 O  O     . HOH D 4 .   ? 7.455   -15.406 -7.662  1.00 31.73 ?  328 HOH A O     1 
HETATM 1423 O  O     . HOH D 4 .   ? 12.037  -3.774  -5.957  1.00 24.37 ?  329 HOH A O     1 
HETATM 1424 O  O     . HOH D 4 .   ? 2.496   -2.468  10.416  1.00 27.86 ?  330 HOH A O     1 
HETATM 1425 O  O     . HOH D 4 .   ? 4.767   6.823   10.594  1.00 32.06 ?  331 HOH A O     1 
HETATM 1426 O  O     . HOH D 4 .   ? 7.509   -19.518 -2.034  1.00 30.01 ?  332 HOH A O     1 
HETATM 1427 O  O     . HOH D 4 .   ? 6.278   3.000   -14.509 1.00 23.89 ?  333 HOH A O     1 
HETATM 1428 O  O     . HOH D 4 .   ? -0.105  -4.623  8.735   1.00 17.73 ?  334 HOH A O     1 
HETATM 1429 O  O     . HOH D 4 .   ? 2.282   18.522  2.147   1.00 38.73 ?  335 HOH A O     1 
HETATM 1430 O  O     . HOH D 4 .   ? 10.275  9.649   -13.485 1.00 46.59 ?  336 HOH A O     1 
HETATM 1431 O  O     . HOH D 4 .   ? 7.003   -9.639  -11.016 1.00 27.15 ?  337 HOH A O     1 
HETATM 1432 O  O     . HOH D 4 .   ? 9.555   -17.460 4.105   1.00 33.86 ?  338 HOH A O     1 
HETATM 1433 O  O     . HOH D 4 .   ? 6.637   -8.136  -13.337 1.00 34.52 ?  339 HOH A O     1 
HETATM 1434 O  O     . HOH D 4 .   ? -0.184  -12.625 9.536   1.00 37.12 ?  340 HOH A O     1 
HETATM 1435 O  O     . HOH D 4 .   ? 12.646  -14.179 -4.136  1.00 36.49 ?  341 HOH A O     1 
HETATM 1436 O  O     . HOH D 4 .   ? 5.758   -3.070  6.686   1.00 22.93 ?  342 HOH A O     1 
HETATM 1437 O  O     . HOH D 4 .   ? -7.627  14.631  -3.052  1.00 39.34 ?  343 HOH A O     1 
HETATM 1438 O  O     . HOH D 4 .   ? -13.303 13.403  7.296   1.00 41.60 ?  344 HOH A O     1 
HETATM 1439 O  O     . HOH D 4 .   ? -5.181  -0.822  -14.502 1.00 45.68 ?  345 HOH A O     1 
HETATM 1440 O  O     . HOH D 4 .   ? -0.941  -11.914 5.472   1.00 27.10 ?  346 HOH A O     1 
HETATM 1441 O  O     . HOH D 4 .   ? 10.768  -12.445 -6.557  1.00 38.55 ?  347 HOH A O     1 
HETATM 1442 O  O     . HOH D 4 .   ? 15.922  0.035   5.588   1.00 34.27 ?  348 HOH A O     1 
HETATM 1443 O  O     . HOH D 4 .   ? -7.833  7.758   -6.074  1.00 33.70 ?  349 HOH A O     1 
HETATM 1444 O  O     . HOH D 4 .   ? -2.449  21.165  8.144   1.00 21.40 ?  350 HOH A O     1 
HETATM 1445 O  O     . HOH D 4 .   ? -5.499  12.140  11.210  1.00 31.31 ?  351 HOH A O     1 
HETATM 1446 O  O     . HOH D 4 .   ? -7.122  -2.069  11.673  1.00 24.98 ?  352 HOH A O     1 
HETATM 1447 O  O     . HOH D 4 .   ? 5.366   4.388   5.246   1.00 20.94 ?  353 HOH A O     1 
HETATM 1448 O  O     . HOH D 4 .   ? -12.485 0.495   -5.201  1.00 29.46 ?  354 HOH A O     1 
HETATM 1449 O  O     . HOH D 4 .   ? -6.040  1.997   4.262   1.00 20.67 ?  355 HOH A O     1 
HETATM 1450 O  O     . HOH D 4 .   ? -9.341  -12.779 10.987  1.00 46.91 ?  356 HOH A O     1 
HETATM 1451 O  O     . HOH D 4 .   ? 0.987   25.706  10.903  1.00 31.99 ?  357 HOH A O     1 
HETATM 1452 O  O     . HOH D 4 .   ? 5.879   -8.710  9.328   1.00 27.68 ?  358 HOH A O     1 
HETATM 1453 O  O     . HOH D 4 .   ? 11.482  6.964   -12.204 1.00 40.75 ?  359 HOH A O     1 
HETATM 1454 O  O     . HOH D 4 .   ? 16.525  -9.839  -9.488  1.00 35.89 ?  360 HOH A O     1 
HETATM 1455 O  O     . HOH D 4 .   ? 9.517   -0.722  -9.112  1.00 23.23 ?  361 HOH A O     1 
HETATM 1456 O  O     . HOH D 4 .   ? -18.319 4.679   0.360   1.00 46.72 ?  362 HOH A O     1 
HETATM 1457 O  O     . HOH D 4 .   ? -6.706  23.900  10.506  1.00 43.90 ?  363 HOH A O     1 
HETATM 1458 O  O     . HOH D 4 .   ? 6.526   1.932   11.742  1.00 38.76 ?  364 HOH A O     1 
HETATM 1459 O  O     . HOH D 4 .   ? 7.930   13.868  -2.469  1.00 34.94 ?  365 HOH A O     1 
HETATM 1460 O  O     . HOH D 4 .   ? 3.651   13.190  9.794   1.00 36.56 ?  366 HOH A O     1 
HETATM 1461 O  O     . HOH D 4 .   ? 15.504  4.942   -8.009  1.00 38.16 ?  367 HOH A O     1 
HETATM 1462 O  O     . HOH D 4 .   ? -9.000  18.602  16.694  1.00 44.32 ?  368 HOH A O     1 
HETATM 1463 O  O     . HOH D 4 .   ? -6.475  3.796   2.344   1.00 17.88 ?  369 HOH A O     1 
HETATM 1464 O  O     . HOH D 4 .   ? -9.259  -0.538  12.355  1.00 31.29 ?  370 HOH A O     1 
HETATM 1465 O  O     . HOH D 4 .   ? -7.017  5.728   13.442  1.00 37.89 ?  371 HOH A O     1 
HETATM 1466 O  O     . HOH D 4 .   ? -7.046  -12.386 9.413   1.00 33.81 ?  372 HOH A O     1 
HETATM 1467 O  O     . HOH D 4 .   ? 13.889  -12.327 -0.616  1.00 38.45 ?  373 HOH A O     1 
HETATM 1468 O  O     . HOH D 4 .   ? -4.707  7.693   -7.666  1.00 31.64 ?  374 HOH A O     1 
HETATM 1469 O  O     . HOH D 4 .   ? -17.026 -1.036  4.359   1.00 34.84 ?  375 HOH A O     1 
HETATM 1470 O  O     . HOH D 4 .   ? 0.670   23.986  8.341   1.00 35.67 ?  376 HOH A O     1 
HETATM 1471 O  O     . HOH D 4 .   ? -12.227 9.303   -0.435  1.00 36.90 ?  377 HOH A O     1 
HETATM 1472 O  O     . HOH D 4 .   ? -5.781  1.739   15.499  1.00 42.55 ?  378 HOH A O     1 
HETATM 1473 O  O     . HOH D 4 .   ? -11.776 -8.463  -10.925 1.00 40.02 ?  379 HOH A O     1 
HETATM 1474 O  O     . HOH D 4 .   ? -6.819  6.828   10.584  1.00 28.49 ?  380 HOH A O     1 
HETATM 1475 O  O     . HOH D 4 .   ? -15.179 0.538   3.424   1.00 31.53 ?  381 HOH A O     1 
HETATM 1476 O  O     . HOH D 4 .   ? -8.170  -17.011 0.643   1.00 37.71 ?  382 HOH A O     1 
HETATM 1477 O  O     . HOH D 4 .   ? -7.436  -4.817  11.694  1.00 28.52 ?  383 HOH A O     1 
HETATM 1478 O  O     . HOH D 4 .   ? -4.061  5.757   12.619  1.00 36.07 ?  384 HOH A O     1 
HETATM 1479 O  O     . HOH D 4 .   ? -5.454  0.927   -12.034 1.00 35.03 ?  385 HOH A O     1 
HETATM 1480 O  O     . HOH D 4 .   ? 19.910  -6.442  -3.562  1.00 39.11 ?  386 HOH A O     1 
HETATM 1481 O  O     . HOH D 4 .   ? 3.917   19.105  5.552   1.00 30.97 ?  387 HOH A O     1 
HETATM 1482 O  O     . HOH D 4 .   ? -13.844 17.537  8.393   1.00 37.59 ?  388 HOH A O     1 
HETATM 1483 O  O     . HOH D 4 .   ? 3.135   -13.340 -15.870 1.00 38.21 ?  389 HOH A O     1 
HETATM 1484 O  O     . HOH D 4 .   ? 6.662   -17.581 -0.166  1.00 27.04 ?  390 HOH A O     1 
HETATM 1485 O  O     . HOH D 4 .   ? -2.086  10.581  -8.868  1.00 44.96 ?  391 HOH A O     1 
HETATM 1486 O  O     . HOH D 4 .   ? 11.551  -2.076  -9.389  1.00 36.25 ?  392 HOH A O     1 
HETATM 1487 O  O     . HOH D 4 .   ? -3.436  23.164  6.619   1.00 38.53 ?  393 HOH A O     1 
HETATM 1488 O  O     . HOH D 4 .   ? -9.400  14.847  -1.161  1.00 44.97 ?  394 HOH A O     1 
HETATM 1489 O  O     . HOH D 4 .   ? -4.302  25.683  13.566  1.00 42.29 ?  395 HOH A O     1 
HETATM 1490 O  O     . HOH D 4 .   ? -21.664 -1.550  5.779   1.00 51.71 ?  396 HOH A O     1 
HETATM 1491 O  O     . HOH D 4 .   ? -12.047 -9.333  -4.424  1.00 44.40 ?  397 HOH A O     1 
HETATM 1492 O  O     . HOH D 4 .   ? -9.674  -4.282  -17.176 1.00 60.20 ?  398 HOH A O     1 
HETATM 1493 O  O     . HOH D 4 .   ? 19.886  -3.381  -3.211  1.00 43.63 ?  399 HOH A O     1 
HETATM 1494 O  O     . HOH D 4 .   ? 9.783   -9.669  -10.635 1.00 43.81 ?  400 HOH A O     1 
HETATM 1495 O  O     . HOH D 4 .   ? -3.422  0.321   -13.793 1.00 39.24 ?  401 HOH A O     1 
HETATM 1496 O  O     . HOH D 4 .   ? -3.487  1.350   14.885  1.00 37.23 ?  402 HOH A O     1 
HETATM 1497 O  O     . HOH D 4 .   ? 8.463   14.489  0.153   1.00 43.68 ?  403 HOH A O     1 
HETATM 1498 O  O     . HOH D 4 .   ? -10.543 19.589  15.273  1.00 42.16 ?  404 HOH A O     1 
HETATM 1499 O  O     . HOH D 4 .   ? 22.027  -8.201  -2.658  1.00 49.47 ?  405 HOH A O     1 
HETATM 1500 O  O     . HOH D 4 .   ? 8.679   -6.683  -14.494 1.00 42.82 ?  406 HOH A O     1 
HETATM 1501 O  O     . HOH D 4 .   ? -1.294  27.195  11.116  1.00 39.06 ?  407 HOH A O     1 
HETATM 1502 O  O     . HOH D 4 .   ? -5.979  3.145   17.586  1.00 36.92 ?  408 HOH A O     1 
HETATM 1503 O  O     . HOH D 4 .   ? 12.158  -10.976 -9.158  1.00 46.21 ?  409 HOH A O     1 
HETATM 1504 O  O     . HOH D 4 .   ? -2.058  27.206  13.391  1.00 32.83 ?  410 HOH A O     1 
# 
